data_8PRY
#
_entry.id   8PRY
#
_cell.length_a   68.779
_cell.length_b   89.321
_cell.length_c   97.155
_cell.angle_alpha   117.35
_cell.angle_beta   88.99
_cell.angle_gamma   93.68
#
_symmetry.space_group_name_H-M   'P 1'
#
loop_
_entity.id
_entity.type
_entity.pdbx_description
1 polymer 'glycerol kinase'
2 non-polymer GLYCEROL
3 water water
#
_entity_poly.entity_id   1
_entity_poly.type   'polypeptide(L)'
_entity_poly.pdbx_seq_one_letter_code
;MAHHHHHHMGAMKYVGALDQGTISTRFIIFDEKQ(CSD)LVAQHQMPHRQLTPQAGWLEHDPMELYRASVACIVAAVEDL
RRRVPSFEKLETIGIANQRETTVAWDRVTKETLYNAIVWSDLRSYEVTANVKKELGGGDDLFFAKMNGLRISTYFSAFKM
RWMLENVPKVEEARKRGTLCFGTIDAWLLWKLSGGKVFVTDVTNASRTFLMDIRTCKWSPELCDKLGIPMACLPEIRSNS
ELFTYVLSDEGGLSTALRHPTPIMGSIADQQGALLGNMCFKEGESKNTYGTGCFLLMTVGERIRFSDHGLLSTVAYQLGN
KSPFIYALEGSIAGAGATIEWLKNNMKLIDDVSDCEKFAQTVSDTQGVVFVPAFSGFLAPSWDPSARGSIFGMTLKTTRA
HVLRAALLAIALQVVDVLEAMEKDAEVKVQFLRVDGGLTKNHLLMKMQSDLLGINLHRPTMAETTALGAALCAGLAAGVW
KSLEEVKTISQQANVWRVIRPAASKDSQQMLRAQWKRAKQQAKWAKL
;
_entity_poly.pdbx_strand_id   A,B,C,D
#
# COMPACT_ATOMS: atom_id res chain seq x y z
N MET A 12 41.06 20.65 -22.50
CA MET A 12 39.62 20.22 -22.42
C MET A 12 38.78 21.16 -21.57
N LYS A 13 37.78 21.76 -22.21
CA LYS A 13 36.96 22.76 -21.55
C LYS A 13 35.63 22.15 -21.08
N TYR A 14 35.12 22.77 -19.99
CA TYR A 14 33.90 22.36 -19.33
C TYR A 14 32.99 23.58 -19.13
N VAL A 15 31.68 23.32 -19.29
CA VAL A 15 30.63 24.36 -19.23
C VAL A 15 29.60 23.89 -18.20
N GLY A 16 29.31 24.71 -17.17
CA GLY A 16 28.29 24.33 -16.22
C GLY A 16 26.94 24.92 -16.62
N ALA A 17 25.87 24.20 -16.22
CA ALA A 17 24.50 24.55 -16.59
C ALA A 17 23.63 24.38 -15.34
N LEU A 18 23.13 25.51 -14.81
CA LEU A 18 22.18 25.47 -13.72
C LEU A 18 20.76 25.48 -14.29
N ASP A 19 19.95 24.55 -13.84
CA ASP A 19 18.53 24.47 -14.22
C ASP A 19 17.68 24.55 -12.94
N GLN A 20 17.22 25.77 -12.62
CA GLN A 20 16.43 26.07 -11.42
C GLN A 20 14.94 25.96 -11.80
N GLY A 21 14.39 24.74 -11.61
CA GLY A 21 13.09 24.37 -12.07
C GLY A 21 12.00 24.61 -10.96
N THR A 22 10.76 24.28 -11.30
CA THR A 22 9.62 24.44 -10.44
C THR A 22 9.74 23.71 -9.09
N ILE A 23 10.11 22.43 -9.10
CA ILE A 23 10.10 21.64 -7.90
C ILE A 23 11.51 21.18 -7.50
N SER A 24 12.53 21.35 -8.37
CA SER A 24 13.92 21.03 -8.08
C SER A 24 14.88 21.88 -8.93
N THR A 25 16.14 21.90 -8.45
CA THR A 25 17.25 22.56 -9.09
C THR A 25 18.25 21.45 -9.44
N ARG A 26 18.92 21.59 -10.61
CA ARG A 26 19.98 20.73 -11.11
C ARG A 26 21.18 21.63 -11.50
N PHE A 27 22.40 21.16 -11.26
CA PHE A 27 23.60 21.64 -11.88
C PHE A 27 24.27 20.48 -12.60
N ILE A 28 24.48 20.64 -13.91
CA ILE A 28 25.15 19.68 -14.76
C ILE A 28 26.43 20.30 -15.33
N ILE A 29 27.47 19.47 -15.42
CA ILE A 29 28.69 19.91 -16.06
C ILE A 29 28.82 19.10 -17.34
N PHE A 30 29.03 19.84 -18.43
CA PHE A 30 29.24 19.23 -19.74
C PHE A 30 30.67 19.52 -20.20
N ASP A 31 31.27 18.55 -20.92
CA ASP A 31 32.57 18.81 -21.54
C ASP A 31 32.33 19.45 -22.91
N GLU A 32 33.42 19.73 -23.61
CA GLU A 32 33.30 20.34 -24.93
C GLU A 32 32.81 19.35 -25.99
N LYS A 33 32.64 18.06 -25.71
CA LYS A 33 31.98 17.12 -26.61
C LYS A 33 30.48 17.00 -26.30
N GLN A 34 29.97 17.90 -25.40
CA GLN A 34 28.60 17.97 -24.85
C GLN A 34 28.27 16.71 -24.05
N LEU A 36 27.71 14.62 -20.51
CA LEU A 36 27.38 14.99 -19.13
C LEU A 36 28.47 14.39 -18.30
N VAL A 37 29.25 15.14 -17.56
CA VAL A 37 30.33 14.53 -16.80
C VAL A 37 30.14 14.65 -15.30
N ALA A 38 29.21 15.51 -14.84
CA ALA A 38 28.90 15.55 -13.41
C ALA A 38 27.54 16.16 -13.27
N GLN A 39 26.89 15.88 -12.13
CA GLN A 39 25.58 16.50 -11.88
C GLN A 39 25.22 16.40 -10.41
N HIS A 40 24.32 17.26 -9.97
CA HIS A 40 23.74 17.20 -8.64
C HIS A 40 22.37 17.86 -8.72
N GLN A 41 21.48 17.41 -7.84
CA GLN A 41 20.09 17.77 -7.83
C GLN A 41 19.62 17.99 -6.38
N MET A 42 18.70 18.95 -6.14
CA MET A 42 18.11 19.21 -4.83
C MET A 42 16.69 19.74 -5.00
N PRO A 43 15.72 19.25 -4.16
CA PRO A 43 14.35 19.82 -4.11
C PRO A 43 14.31 21.04 -3.19
N HIS A 44 13.25 21.85 -3.42
CA HIS A 44 12.89 22.95 -2.55
C HIS A 44 11.38 22.86 -2.20
N ARG A 45 11.00 23.47 -1.09
CA ARG A 45 9.63 23.43 -0.58
C ARG A 45 8.68 24.20 -1.52
N GLN A 46 7.57 23.50 -1.86
CA GLN A 46 6.42 24.06 -2.57
C GLN A 46 5.51 24.70 -1.51
N LEU A 47 5.56 26.04 -1.30
CA LEU A 47 4.80 26.66 -0.23
C LEU A 47 3.38 27.04 -0.69
N THR A 48 2.38 26.40 -0.01
CA THR A 48 1.02 26.64 -0.45
C THR A 48 0.20 27.23 0.72
N PRO A 49 0.32 28.52 1.11
CA PRO A 49 -0.37 29.08 2.27
C PRO A 49 -1.91 29.14 2.20
N GLN A 50 -2.55 29.14 1.04
CA GLN A 50 -4.00 29.06 0.89
C GLN A 50 -4.26 28.28 -0.36
N ALA A 51 -5.51 27.91 -0.61
CA ALA A 51 -5.88 27.26 -1.84
C ALA A 51 -5.47 28.12 -3.08
N GLY A 52 -4.88 27.49 -4.09
CA GLY A 52 -4.41 28.06 -5.35
C GLY A 52 -3.13 28.88 -5.20
N TRP A 53 -2.62 29.15 -3.98
CA TRP A 53 -1.43 29.97 -3.85
C TRP A 53 -0.19 29.04 -3.95
N LEU A 54 0.80 29.41 -4.75
CA LEU A 54 2.09 28.70 -4.68
C LEU A 54 3.20 29.73 -4.66
N GLU A 55 4.10 29.54 -3.69
CA GLU A 55 5.29 30.37 -3.68
C GLU A 55 6.54 29.54 -3.30
N HIS A 56 7.73 30.13 -3.46
CA HIS A 56 9.02 29.49 -3.22
C HIS A 56 9.86 30.47 -2.42
N ASP A 57 10.66 29.98 -1.50
CA ASP A 57 11.57 30.81 -0.74
C ASP A 57 12.78 31.15 -1.63
N PRO A 58 13.01 32.44 -1.97
CA PRO A 58 14.07 32.76 -2.96
C PRO A 58 15.48 32.48 -2.47
N MET A 59 15.71 32.63 -1.16
CA MET A 59 16.97 32.21 -0.56
C MET A 59 17.11 30.69 -0.54
N GLU A 60 15.99 29.95 -0.47
CA GLU A 60 16.02 28.51 -0.59
C GLU A 60 16.47 28.07 -2.00
N LEU A 61 15.97 28.74 -3.02
CA LEU A 61 16.30 28.42 -4.40
C LEU A 61 17.79 28.74 -4.64
N TYR A 62 18.28 29.90 -4.11
CA TYR A 62 19.67 30.27 -4.32
C TYR A 62 20.57 29.25 -3.60
N ARG A 63 20.25 28.90 -2.34
CA ARG A 63 21.08 27.96 -1.59
C ARG A 63 21.09 26.56 -2.21
N ALA A 64 19.98 26.11 -2.84
CA ALA A 64 19.93 24.81 -3.54
C ALA A 64 20.85 24.86 -4.77
N SER A 65 20.80 26.02 -5.48
CA SER A 65 21.63 26.25 -6.62
C SER A 65 23.13 26.13 -6.24
N VAL A 66 23.56 26.93 -5.25
CA VAL A 66 24.88 26.86 -4.73
C VAL A 66 25.29 25.45 -4.32
N ALA A 67 24.50 24.77 -3.51
CA ALA A 67 24.89 23.43 -3.12
C ALA A 67 25.09 22.49 -4.33
N CYS A 68 24.22 22.57 -5.36
CA CYS A 68 24.34 21.69 -6.51
C CYS A 68 25.66 21.99 -7.27
N ILE A 69 26.06 23.27 -7.37
CA ILE A 69 27.29 23.66 -8.05
C ILE A 69 28.51 23.13 -7.30
N VAL A 70 28.57 23.41 -6.00
CA VAL A 70 29.61 22.89 -5.08
C VAL A 70 29.76 21.38 -5.22
N ALA A 71 28.66 20.61 -5.05
CA ALA A 71 28.71 19.17 -5.17
C ALA A 71 29.27 18.70 -6.54
N ALA A 72 28.76 19.19 -7.65
CA ALA A 72 29.07 18.62 -8.96
C ALA A 72 30.50 18.98 -9.37
N VAL A 73 31.02 20.17 -8.96
CA VAL A 73 32.38 20.65 -9.13
C VAL A 73 33.30 19.73 -8.37
N GLU A 74 32.98 19.48 -7.09
CA GLU A 74 33.79 18.59 -6.31
C GLU A 74 33.79 17.15 -6.84
N ASP A 75 32.64 16.57 -7.22
CA ASP A 75 32.70 15.21 -7.78
C ASP A 75 33.60 15.13 -9.03
N LEU A 76 33.54 16.19 -9.89
CA LEU A 76 34.29 16.19 -11.12
C LEU A 76 35.80 16.24 -10.85
N ARG A 77 36.22 17.09 -9.91
CA ARG A 77 37.62 17.18 -9.55
C ARG A 77 38.11 15.81 -9.14
N ARG A 78 37.31 15.05 -8.40
CA ARG A 78 37.72 13.71 -7.93
C ARG A 78 37.85 12.71 -9.08
N ARG A 79 36.94 12.78 -10.06
CA ARG A 79 36.94 11.74 -11.08
C ARG A 79 37.84 12.14 -12.25
N VAL A 80 38.05 13.44 -12.50
CA VAL A 80 38.90 13.87 -13.60
C VAL A 80 39.95 14.82 -13.03
N PRO A 81 41.12 14.32 -12.58
CA PRO A 81 42.13 15.15 -11.94
C PRO A 81 42.59 16.36 -12.75
N SER A 82 42.51 16.32 -14.07
CA SER A 82 42.92 17.47 -14.88
C SER A 82 41.85 18.56 -14.94
N PHE A 83 40.60 18.34 -14.46
CA PHE A 83 39.61 19.41 -14.38
C PHE A 83 40.00 20.43 -13.31
N GLU A 84 40.15 21.70 -13.71
CA GLU A 84 40.64 22.79 -12.87
C GLU A 84 39.50 23.79 -12.61
N LYS A 85 38.83 24.23 -13.65
CA LYS A 85 37.78 25.24 -13.66
C LYS A 85 36.74 25.01 -14.77
N LEU A 86 35.58 25.64 -14.56
CA LEU A 86 34.61 25.77 -15.62
C LEU A 86 35.02 26.94 -16.47
N GLU A 87 35.04 26.80 -17.80
CA GLU A 87 35.17 27.97 -18.64
C GLU A 87 34.11 29.04 -18.33
N THR A 88 32.86 28.55 -18.14
CA THR A 88 31.69 29.44 -18.12
C THR A 88 30.57 28.63 -17.53
N ILE A 89 29.50 29.37 -17.22
CA ILE A 89 28.27 28.78 -16.68
C ILE A 89 27.08 29.42 -17.41
N GLY A 90 26.11 28.60 -17.78
CA GLY A 90 24.82 29.08 -18.19
C GLY A 90 23.71 28.70 -17.17
N ILE A 91 22.66 29.49 -17.16
CA ILE A 91 21.53 29.24 -16.25
C ILE A 91 20.23 29.17 -17.04
N ALA A 92 19.34 28.32 -16.51
CA ALA A 92 17.99 28.26 -17.01
C ALA A 92 17.03 28.19 -15.81
N ASN A 93 15.77 28.65 -15.98
CA ASN A 93 14.91 28.91 -14.83
C ASN A 93 13.44 28.72 -15.20
N GLN A 94 12.68 28.19 -14.26
CA GLN A 94 11.21 28.29 -14.22
C GLN A 94 10.75 29.72 -14.60
N ARG A 95 9.90 29.80 -15.62
CA ARG A 95 9.56 31.09 -16.16
C ARG A 95 8.40 31.67 -15.30
N GLU A 96 8.15 32.98 -15.49
CA GLU A 96 7.03 33.78 -14.98
C GLU A 96 7.21 34.12 -13.51
N THR A 97 7.62 33.10 -12.75
CA THR A 97 7.84 33.23 -11.31
C THR A 97 8.54 34.53 -10.96
N THR A 98 7.99 35.28 -9.98
CA THR A 98 8.35 36.68 -9.78
C THR A 98 8.88 36.92 -8.37
N VAL A 99 9.99 37.69 -8.26
CA VAL A 99 10.66 37.97 -7.01
C VAL A 99 10.72 39.51 -6.88
N ALA A 100 10.50 39.97 -5.65
CA ALA A 100 10.63 41.37 -5.28
C ALA A 100 11.71 41.49 -4.22
N TRP A 101 12.66 42.40 -4.43
CA TRP A 101 13.69 42.57 -3.42
C TRP A 101 14.13 44.01 -3.36
N ASP A 102 14.87 44.34 -2.30
CA ASP A 102 15.36 45.69 -2.12
C ASP A 102 16.84 45.85 -2.59
N ARG A 103 17.07 46.81 -3.46
CA ARG A 103 18.34 47.12 -4.10
C ARG A 103 19.42 47.43 -3.08
N VAL A 104 19.07 48.11 -1.96
CA VAL A 104 19.99 48.66 -0.97
C VAL A 104 20.22 47.65 0.15
N THR A 105 19.17 47.18 0.84
CA THR A 105 19.33 46.20 1.91
C THR A 105 19.67 44.82 1.34
N LYS A 106 19.32 44.59 0.09
CA LYS A 106 19.51 43.38 -0.65
C LYS A 106 18.68 42.26 -0.05
N GLU A 107 17.60 42.47 0.72
CA GLU A 107 16.76 41.34 1.09
C GLU A 107 15.53 41.24 0.22
N THR A 108 14.98 40.03 0.18
CA THR A 108 13.69 39.82 -0.47
C THR A 108 12.63 40.54 0.37
N LEU A 109 11.56 41.05 -0.28
CA LEU A 109 10.46 41.72 0.40
C LEU A 109 9.26 40.79 0.48
N TYR A 110 9.43 39.54 -0.01
CA TYR A 110 8.36 38.54 -0.05
C TYR A 110 8.94 37.31 -0.74
N ASN A 111 8.24 36.19 -0.56
CA ASN A 111 8.48 34.97 -1.35
C ASN A 111 8.28 35.24 -2.84
N ALA A 112 8.82 34.32 -3.61
CA ALA A 112 8.65 34.29 -5.02
C ALA A 112 7.28 33.73 -5.32
N ILE A 113 6.49 34.46 -6.14
CA ILE A 113 5.17 33.98 -6.54
C ILE A 113 5.35 33.21 -7.84
N VAL A 114 4.97 31.94 -7.76
CA VAL A 114 5.34 31.00 -8.83
C VAL A 114 4.35 31.13 -10.01
N TRP A 115 4.84 30.76 -11.19
CA TRP A 115 4.06 30.84 -12.39
C TRP A 115 2.59 30.33 -12.25
N SER A 116 2.39 29.18 -11.61
CA SER A 116 1.11 28.45 -11.53
C SER A 116 0.26 29.01 -10.36
N ASP A 117 0.79 29.94 -9.55
CA ASP A 117 -0.06 30.55 -8.52
C ASP A 117 -1.28 31.29 -9.13
N LEU A 118 -2.41 31.25 -8.38
CA LEU A 118 -3.71 31.79 -8.81
C LEU A 118 -4.16 32.99 -7.97
N ARG A 119 -3.31 33.56 -7.09
CA ARG A 119 -3.76 34.56 -6.15
C ARG A 119 -4.04 35.88 -6.85
N SER A 120 -3.44 36.09 -8.03
CA SER A 120 -3.57 37.32 -8.82
C SER A 120 -4.85 37.27 -9.70
N TYR A 121 -5.73 36.25 -9.53
CA TYR A 121 -6.94 36.09 -10.31
C TYR A 121 -7.79 37.37 -10.43
N GLU A 122 -8.04 38.09 -9.32
CA GLU A 122 -8.88 39.28 -9.30
C GLU A 122 -8.13 40.40 -10.03
N VAL A 123 -6.81 40.55 -9.76
CA VAL A 123 -6.04 41.53 -10.50
C VAL A 123 -6.23 41.27 -11.99
N THR A 124 -6.14 40.01 -12.46
CA THR A 124 -6.16 39.79 -13.89
C THR A 124 -7.57 40.00 -14.42
N ALA A 125 -8.64 39.60 -13.68
CA ALA A 125 -10.01 39.87 -14.11
C ALA A 125 -10.25 41.37 -14.29
N ASN A 126 -9.75 42.16 -13.34
CA ASN A 126 -9.83 43.61 -13.40
C ASN A 126 -9.11 44.18 -14.64
N VAL A 127 -7.92 43.66 -15.01
CA VAL A 127 -7.17 44.15 -16.16
C VAL A 127 -7.95 43.81 -17.44
N LYS A 128 -8.44 42.57 -17.51
CA LYS A 128 -9.26 42.11 -18.62
C LYS A 128 -10.49 42.97 -18.89
N LYS A 129 -11.19 43.34 -17.78
CA LYS A 129 -12.38 44.16 -17.85
C LYS A 129 -12.00 45.61 -18.16
N GLU A 130 -11.12 46.24 -17.37
CA GLU A 130 -10.93 47.68 -17.42
C GLU A 130 -10.02 48.10 -18.58
N LEU A 131 -9.06 47.28 -18.96
CA LEU A 131 -8.03 47.72 -19.89
C LEU A 131 -8.13 46.93 -21.17
N GLY A 132 -8.65 45.67 -21.12
CA GLY A 132 -8.75 44.86 -22.31
C GLY A 132 -10.12 44.90 -22.98
N GLY A 133 -11.06 45.67 -22.36
CA GLY A 133 -12.47 45.75 -22.73
C GLY A 133 -13.09 44.36 -22.84
N GLY A 134 -12.71 43.43 -21.99
CA GLY A 134 -13.26 42.08 -21.98
C GLY A 134 -12.53 41.05 -22.85
N ASP A 135 -11.51 41.53 -23.62
CA ASP A 135 -10.74 40.64 -24.48
C ASP A 135 -9.41 40.24 -23.81
N ASP A 136 -9.19 38.96 -23.48
CA ASP A 136 -7.97 38.56 -22.80
C ASP A 136 -6.79 38.57 -23.80
N LEU A 137 -7.07 38.64 -25.12
CA LEU A 137 -6.06 38.77 -26.16
C LEU A 137 -5.84 40.24 -26.58
N PHE A 138 -6.35 41.21 -25.80
CA PHE A 138 -6.30 42.60 -26.21
C PHE A 138 -4.87 43.04 -26.50
N PHE A 139 -3.90 42.63 -25.65
CA PHE A 139 -2.53 43.12 -25.80
C PHE A 139 -1.62 42.10 -26.52
N ALA A 140 -2.19 41.02 -27.06
CA ALA A 140 -1.46 39.94 -27.68
C ALA A 140 -0.56 40.46 -28.81
N LYS A 141 -0.99 41.44 -29.60
CA LYS A 141 -0.16 41.96 -30.68
C LYS A 141 1.07 42.71 -30.16
N MET A 142 1.06 43.24 -28.95
CA MET A 142 2.20 43.96 -28.41
C MET A 142 3.19 43.06 -27.68
N ASN A 143 2.70 42.06 -26.90
CA ASN A 143 3.58 41.28 -26.01
C ASN A 143 3.56 39.79 -26.34
N GLY A 144 2.65 39.39 -27.24
CA GLY A 144 2.50 37.98 -27.64
C GLY A 144 1.67 37.13 -26.68
N LEU A 145 1.17 37.72 -25.55
CA LEU A 145 0.55 36.91 -24.52
C LEU A 145 -0.97 37.17 -24.36
N ARG A 146 -1.54 36.47 -23.39
CA ARG A 146 -2.95 36.50 -22.98
C ARG A 146 -3.04 37.10 -21.55
N ILE A 147 -4.05 37.93 -21.25
CA ILE A 147 -4.26 38.40 -19.89
C ILE A 147 -4.62 37.19 -19.04
N SER A 148 -3.78 36.89 -18.04
CA SER A 148 -3.78 35.60 -17.35
C SER A 148 -2.90 35.74 -16.10
N THR A 149 -3.26 34.97 -15.05
CA THR A 149 -2.52 34.86 -13.80
C THR A 149 -1.07 34.32 -13.98
N TYR A 150 -0.79 33.63 -15.10
CA TYR A 150 0.50 33.00 -15.39
C TYR A 150 1.63 34.04 -15.37
N PHE A 151 1.42 35.25 -15.89
CA PHE A 151 2.51 36.15 -16.31
C PHE A 151 2.86 37.10 -15.18
N SER A 152 4.11 37.53 -15.18
CA SER A 152 4.78 38.16 -14.05
C SER A 152 4.09 39.46 -13.64
N ALA A 153 3.74 40.30 -14.60
CA ALA A 153 3.19 41.61 -14.27
C ALA A 153 1.98 41.56 -13.31
N PHE A 154 1.16 40.51 -13.37
CA PHE A 154 -0.02 40.39 -12.56
C PHE A 154 0.36 40.05 -11.14
N LYS A 155 1.45 39.27 -10.96
CA LYS A 155 2.03 38.96 -9.64
C LYS A 155 2.66 40.23 -9.04
N MET A 156 3.31 41.04 -9.88
CA MET A 156 3.95 42.26 -9.41
C MET A 156 2.91 43.27 -8.90
N ARG A 157 1.83 43.41 -9.68
CA ARG A 157 0.74 44.31 -9.30
C ARG A 157 0.09 43.79 -8.00
N TRP A 158 -0.23 42.47 -7.93
CA TRP A 158 -0.67 41.84 -6.70
C TRP A 158 0.21 42.27 -5.53
N MET A 159 1.52 42.18 -5.68
CA MET A 159 2.41 42.47 -4.56
C MET A 159 2.37 43.96 -4.19
N LEU A 160 2.28 44.88 -5.17
CA LEU A 160 2.22 46.30 -4.83
C LEU A 160 0.93 46.63 -4.03
N GLU A 161 -0.16 45.91 -4.32
CA GLU A 161 -1.44 46.09 -3.66
C GLU A 161 -1.54 45.28 -2.35
N ASN A 162 -0.82 44.16 -2.13
CA ASN A 162 -1.06 43.31 -0.98
C ASN A 162 0.12 43.19 0.00
N VAL A 163 1.29 43.76 -0.35
CA VAL A 163 2.49 43.58 0.46
C VAL A 163 3.09 44.95 0.75
N PRO A 164 2.80 45.52 1.95
CA PRO A 164 3.28 46.85 2.30
C PRO A 164 4.76 47.09 2.11
N LYS A 165 5.59 46.08 2.35
CA LYS A 165 7.04 46.23 2.21
C LYS A 165 7.43 46.52 0.74
N VAL A 166 6.70 45.92 -0.23
CA VAL A 166 6.97 46.12 -1.64
C VAL A 166 6.52 47.51 -2.08
N GLU A 167 5.31 47.90 -1.64
CA GLU A 167 4.85 49.26 -1.84
C GLU A 167 5.81 50.32 -1.25
N GLU A 168 6.34 50.07 -0.03
CA GLU A 168 7.24 51.05 0.59
C GLU A 168 8.57 51.10 -0.17
N ALA A 169 9.08 49.97 -0.71
CA ALA A 169 10.30 49.93 -1.52
C ALA A 169 10.12 50.67 -2.85
N ARG A 170 8.93 50.55 -3.45
CA ARG A 170 8.68 51.30 -4.65
C ARG A 170 8.79 52.80 -4.35
N LYS A 171 8.24 53.23 -3.22
CA LYS A 171 8.18 54.66 -2.95
C LYS A 171 9.56 55.18 -2.56
N ARG A 172 10.43 54.35 -1.98
CA ARG A 172 11.83 54.73 -1.75
C ARG A 172 12.70 54.72 -3.03
N GLY A 173 12.31 54.15 -4.19
CA GLY A 173 13.24 54.10 -5.32
C GLY A 173 14.20 52.91 -5.26
N THR A 174 13.97 51.95 -4.35
CA THR A 174 14.85 50.81 -4.09
C THR A 174 14.21 49.47 -4.49
N LEU A 175 13.02 49.48 -5.16
CA LEU A 175 12.34 48.20 -5.44
C LEU A 175 12.87 47.56 -6.70
N CYS A 176 13.28 46.29 -6.61
CA CYS A 176 13.55 45.46 -7.76
C CYS A 176 12.52 44.32 -7.86
N PHE A 177 11.95 44.21 -9.06
CA PHE A 177 11.24 43.02 -9.48
C PHE A 177 12.07 42.27 -10.50
N GLY A 178 12.03 40.93 -10.47
CA GLY A 178 12.58 40.16 -11.56
C GLY A 178 12.10 38.70 -11.52
N THR A 179 12.14 38.07 -12.70
CA THR A 179 12.03 36.65 -12.93
C THR A 179 13.23 35.96 -12.28
N ILE A 180 13.28 34.63 -12.34
CA ILE A 180 14.22 33.88 -11.53
C ILE A 180 15.66 34.01 -12.06
N ASP A 181 15.79 34.14 -13.39
CA ASP A 181 17.02 34.55 -14.05
C ASP A 181 17.57 35.81 -13.38
N ALA A 182 16.81 36.88 -13.30
CA ALA A 182 17.30 38.13 -12.71
C ALA A 182 17.74 37.95 -11.26
N TRP A 183 16.92 37.24 -10.46
CA TRP A 183 17.20 36.99 -9.05
C TRP A 183 18.53 36.21 -8.92
N LEU A 184 18.72 35.17 -9.74
CA LEU A 184 19.88 34.35 -9.62
C LEU A 184 21.16 35.15 -10.00
N LEU A 185 21.12 35.91 -11.14
CA LEU A 185 22.21 36.80 -11.52
C LEU A 185 22.50 37.85 -10.47
N TRP A 186 21.45 38.42 -9.84
CA TRP A 186 21.61 39.36 -8.77
C TRP A 186 22.42 38.72 -7.64
N LYS A 187 22.03 37.51 -7.22
CA LYS A 187 22.65 36.84 -6.09
C LYS A 187 24.09 36.38 -6.44
N LEU A 188 24.27 35.82 -7.67
CA LEU A 188 25.55 35.34 -8.16
C LEU A 188 26.60 36.47 -8.24
N SER A 189 26.19 37.69 -8.61
CA SER A 189 27.05 38.86 -8.74
C SER A 189 27.35 39.59 -7.40
N GLY A 190 26.77 39.10 -6.31
CA GLY A 190 26.78 39.76 -5.03
C GLY A 190 25.97 41.02 -5.02
N GLY A 191 24.85 41.09 -5.77
CA GLY A 191 24.09 42.32 -5.76
C GLY A 191 24.54 43.39 -6.74
N LYS A 192 25.38 43.05 -7.70
CA LYS A 192 26.02 44.07 -8.52
C LYS A 192 25.38 44.14 -9.91
N VAL A 193 24.66 43.10 -10.38
CA VAL A 193 23.99 43.23 -11.69
C VAL A 193 22.49 42.96 -11.54
N PHE A 194 21.71 43.78 -12.27
CA PHE A 194 20.26 43.75 -12.33
C PHE A 194 19.83 43.63 -13.78
N VAL A 195 19.76 42.37 -14.27
CA VAL A 195 19.55 42.09 -15.70
C VAL A 195 18.62 40.89 -15.87
N THR A 196 18.11 40.72 -17.09
CA THR A 196 17.30 39.57 -17.47
C THR A 196 17.59 39.29 -18.96
N ASP A 197 17.48 38.04 -19.42
CA ASP A 197 17.54 37.72 -20.82
C ASP A 197 16.16 37.94 -21.48
N VAL A 198 16.15 38.10 -22.81
CA VAL A 198 14.96 38.45 -23.49
C VAL A 198 13.93 37.33 -23.45
N THR A 199 14.33 36.04 -23.34
CA THR A 199 13.34 34.97 -23.37
C THR A 199 12.47 35.04 -22.09
N ASN A 200 13.11 35.32 -20.94
CA ASN A 200 12.43 35.49 -19.69
C ASN A 200 11.60 36.78 -19.71
N ALA A 201 12.11 37.88 -20.27
CA ALA A 201 11.42 39.15 -20.25
C ALA A 201 10.12 39.07 -21.08
N SER A 202 10.11 38.21 -22.12
CA SER A 202 8.94 37.96 -22.97
C SER A 202 7.80 37.26 -22.19
N ARG A 203 8.04 36.83 -20.93
CA ARG A 203 7.07 36.13 -20.09
C ARG A 203 6.47 37.04 -19.01
N THR A 204 6.88 38.31 -18.96
CA THR A 204 6.47 39.22 -17.91
C THR A 204 5.14 39.94 -18.19
N PHE A 205 4.69 39.95 -19.43
CA PHE A 205 3.58 40.79 -19.91
C PHE A 205 4.05 42.21 -20.29
N LEU A 206 5.29 42.62 -19.94
CA LEU A 206 5.66 44.03 -20.00
C LEU A 206 6.66 44.34 -21.09
N MET A 207 7.09 43.34 -21.86
CA MET A 207 8.02 43.49 -22.97
C MET A 207 7.26 43.57 -24.28
N ASP A 208 7.57 44.58 -25.09
CA ASP A 208 7.17 44.61 -26.48
C ASP A 208 7.86 43.49 -27.24
N ILE A 209 7.09 42.50 -27.75
CA ILE A 209 7.62 41.30 -28.37
C ILE A 209 8.28 41.57 -29.75
N ARG A 210 7.89 42.65 -30.42
CA ARG A 210 8.54 43.11 -31.67
C ARG A 210 9.93 43.76 -31.45
N THR A 211 10.07 44.70 -30.51
CA THR A 211 11.34 45.37 -30.29
C THR A 211 12.17 44.62 -29.24
N CYS A 212 11.57 43.73 -28.43
CA CYS A 212 12.20 43.22 -27.21
C CYS A 212 12.74 44.28 -26.26
N LYS A 213 12.00 45.40 -26.08
CA LYS A 213 12.27 46.34 -25.00
C LYS A 213 11.04 46.47 -24.11
N TRP A 214 11.27 46.92 -22.87
CA TRP A 214 10.15 47.28 -22.00
C TRP A 214 9.17 48.24 -22.69
N SER A 215 7.86 47.96 -22.59
CA SER A 215 6.82 48.76 -23.26
C SER A 215 6.35 49.89 -22.37
N PRO A 216 6.55 51.19 -22.70
CA PRO A 216 6.04 52.25 -21.83
C PRO A 216 4.53 52.05 -21.59
N GLU A 217 3.78 51.72 -22.64
CA GLU A 217 2.34 51.56 -22.49
C GLU A 217 1.98 50.40 -21.53
N LEU A 218 2.55 49.21 -21.70
CA LEU A 218 2.23 48.09 -20.82
C LEU A 218 2.68 48.34 -19.36
N CYS A 219 3.83 49.00 -19.16
CA CYS A 219 4.28 49.36 -17.80
C CYS A 219 3.33 50.35 -17.11
N ASP A 220 2.93 51.41 -17.82
CA ASP A 220 1.96 52.40 -17.30
C ASP A 220 0.63 51.76 -16.94
N LYS A 221 0.11 50.97 -17.85
CA LYS A 221 -1.19 50.36 -17.65
C LYS A 221 -1.20 49.27 -16.59
N LEU A 222 -0.09 48.58 -16.30
CA LEU A 222 -0.09 47.67 -15.18
C LEU A 222 0.40 48.32 -13.89
N GLY A 223 0.64 49.64 -13.93
CA GLY A 223 1.14 50.40 -12.80
C GLY A 223 2.43 49.81 -12.23
N ILE A 224 3.34 49.38 -13.15
CA ILE A 224 4.70 48.98 -12.78
C ILE A 224 5.73 49.95 -13.40
N PRO A 225 6.51 50.69 -12.57
CA PRO A 225 7.52 51.60 -13.06
C PRO A 225 8.67 50.80 -13.69
N MET A 226 9.01 51.22 -14.90
CA MET A 226 9.99 50.57 -15.75
C MET A 226 11.36 50.52 -15.05
N ALA A 227 11.68 51.48 -14.17
CA ALA A 227 12.93 51.46 -13.41
C ALA A 227 13.00 50.33 -12.35
N CYS A 228 11.88 49.68 -12.01
CA CYS A 228 11.84 48.52 -11.09
C CYS A 228 12.25 47.27 -11.83
N LEU A 229 12.42 47.33 -13.15
CA LEU A 229 12.60 46.12 -13.95
C LEU A 229 14.07 45.95 -14.30
N PRO A 230 14.57 44.72 -14.50
CA PRO A 230 15.97 44.53 -14.88
C PRO A 230 16.24 45.07 -16.29
N GLU A 231 17.51 45.30 -16.61
CA GLU A 231 17.95 45.52 -17.97
C GLU A 231 17.88 44.24 -18.81
N ILE A 232 17.24 44.36 -19.97
CA ILE A 232 17.13 43.26 -20.92
C ILE A 232 18.43 43.08 -21.73
N ARG A 233 18.87 41.80 -21.84
CA ARG A 233 20.01 41.37 -22.64
C ARG A 233 19.61 40.18 -23.51
N SER A 234 20.54 39.71 -24.34
CA SER A 234 20.36 38.46 -25.06
C SER A 234 20.56 37.24 -24.14
N ASN A 235 20.43 36.02 -24.72
CA ASN A 235 20.65 34.79 -23.99
C ASN A 235 22.13 34.43 -23.81
N SER A 236 23.05 35.10 -24.53
CA SER A 236 24.39 34.57 -24.82
C SER A 236 25.40 35.71 -24.90
N GLU A 237 25.88 36.16 -23.73
CA GLU A 237 26.80 37.28 -23.59
C GLU A 237 27.24 37.29 -22.12
N LEU A 238 28.13 38.21 -21.73
CA LEU A 238 28.66 38.23 -20.36
C LEU A 238 27.66 38.88 -19.41
N PHE A 239 27.21 38.15 -18.40
CA PHE A 239 26.18 38.66 -17.50
C PHE A 239 26.90 39.19 -16.26
N THR A 240 27.80 38.36 -15.71
CA THR A 240 28.51 38.66 -14.48
C THR A 240 29.50 37.54 -14.26
N TYR A 241 30.56 37.85 -13.51
CA TYR A 241 31.39 36.85 -12.88
C TYR A 241 30.69 36.42 -11.61
N VAL A 242 30.96 35.19 -11.18
CA VAL A 242 30.51 34.74 -9.86
C VAL A 242 31.32 35.41 -8.76
N LEU A 243 30.69 36.35 -8.02
CA LEU A 243 31.37 37.19 -7.01
C LEU A 243 30.86 36.84 -5.62
N SER A 244 29.74 36.11 -5.46
CA SER A 244 29.20 35.62 -4.17
C SER A 244 30.08 34.51 -3.58
N ASP A 245 30.38 34.56 -2.28
CA ASP A 245 31.00 33.46 -1.54
C ASP A 245 30.07 33.04 -0.41
N GLU A 246 28.81 33.47 -0.49
CA GLU A 246 27.66 32.71 -0.03
C GLU A 246 27.67 31.23 -0.48
N GLY A 247 27.61 30.36 0.56
CA GLY A 247 27.66 28.91 0.45
C GLY A 247 29.02 28.34 0.04
N GLY A 248 30.05 29.20 0.03
CA GLY A 248 31.40 28.88 -0.43
C GLY A 248 31.47 28.75 -1.95
N LEU A 249 30.55 29.39 -2.68
CA LEU A 249 30.45 29.22 -4.13
C LEU A 249 31.76 29.58 -4.83
N SER A 250 32.26 30.81 -4.68
CA SER A 250 33.35 31.31 -5.53
C SER A 250 34.70 30.70 -5.14
N THR A 251 34.85 30.37 -3.87
CA THR A 251 35.93 29.51 -3.39
C THR A 251 35.88 28.12 -4.02
N ALA A 252 34.70 27.54 -4.20
CA ALA A 252 34.61 26.21 -4.77
C ALA A 252 34.94 26.28 -6.25
N LEU A 253 34.59 27.38 -6.94
CA LEU A 253 34.88 27.53 -8.36
C LEU A 253 36.38 27.82 -8.54
N ARG A 254 37.05 28.44 -7.53
CA ARG A 254 38.51 28.62 -7.43
C ARG A 254 38.99 29.75 -8.32
N HIS A 255 38.64 29.69 -9.60
CA HIS A 255 39.02 30.68 -10.58
C HIS A 255 37.83 31.59 -10.96
N PRO A 256 38.13 32.82 -11.43
CA PRO A 256 37.07 33.72 -11.87
C PRO A 256 36.22 32.99 -12.90
N THR A 257 34.92 32.84 -12.64
CA THR A 257 34.09 32.08 -13.58
C THR A 257 32.94 32.94 -14.10
N PRO A 258 32.91 33.23 -15.42
CA PRO A 258 31.84 34.06 -16.02
C PRO A 258 30.54 33.30 -16.29
N ILE A 259 29.44 33.95 -15.93
CA ILE A 259 28.08 33.55 -16.40
C ILE A 259 27.79 34.22 -17.73
N MET A 260 27.71 33.36 -18.76
CA MET A 260 27.59 33.91 -20.11
C MET A 260 26.38 33.31 -20.84
N GLY A 261 25.45 32.67 -20.11
CA GLY A 261 24.23 32.17 -20.72
C GLY A 261 23.08 32.29 -19.74
N SER A 262 21.91 32.74 -20.25
CA SER A 262 20.67 32.81 -19.47
C SER A 262 19.50 32.60 -20.40
N ILE A 263 18.70 31.56 -20.07
CA ILE A 263 17.56 31.26 -20.93
C ILE A 263 16.41 30.73 -20.09
N ALA A 264 15.20 31.25 -20.38
CA ALA A 264 13.94 30.68 -19.93
C ALA A 264 13.92 29.16 -20.14
N ASP A 265 13.52 28.36 -19.13
CA ASP A 265 13.78 26.91 -19.16
C ASP A 265 13.25 26.22 -20.42
N GLN A 266 11.98 26.48 -20.79
CA GLN A 266 11.43 25.73 -21.90
C GLN A 266 12.13 26.07 -23.21
N GLN A 267 12.48 27.36 -23.39
CA GLN A 267 13.30 27.77 -24.50
C GLN A 267 14.70 27.09 -24.43
N GLY A 268 15.29 26.93 -23.24
CA GLY A 268 16.50 26.14 -23.09
C GLY A 268 16.33 24.72 -23.70
N ALA A 269 15.22 24.05 -23.34
CA ALA A 269 14.90 22.71 -23.81
C ALA A 269 14.79 22.71 -25.34
N LEU A 270 14.18 23.77 -25.90
CA LEU A 270 14.04 23.86 -27.34
C LEU A 270 15.42 23.89 -28.01
N LEU A 271 16.33 24.73 -27.47
CA LEU A 271 17.71 24.85 -27.97
C LEU A 271 18.49 23.52 -27.75
N GLY A 272 18.33 22.91 -26.55
CA GLY A 272 19.03 21.70 -26.21
C GLY A 272 18.56 20.53 -27.08
N ASN A 273 17.34 20.60 -27.63
CA ASN A 273 16.81 19.63 -28.57
C ASN A 273 17.26 19.99 -30.00
N MET A 274 18.06 21.07 -30.16
CA MET A 274 18.63 21.44 -31.43
C MET A 274 17.55 22.00 -32.36
N CYS A 275 16.48 22.61 -31.82
CA CYS A 275 15.42 23.18 -32.62
C CYS A 275 15.69 24.67 -32.90
N PHE A 276 16.65 24.94 -33.77
CA PHE A 276 17.05 26.32 -34.04
C PHE A 276 16.40 26.95 -35.25
N LYS A 277 15.72 26.15 -36.09
CA LYS A 277 15.24 26.62 -37.39
C LYS A 277 13.73 26.57 -37.44
N GLU A 278 13.16 27.30 -38.38
CA GLU A 278 11.72 27.42 -38.57
C GLU A 278 11.08 26.04 -38.69
N GLY A 279 10.13 25.74 -37.84
CA GLY A 279 9.34 24.54 -37.98
C GLY A 279 9.74 23.45 -37.01
N GLU A 280 10.95 23.54 -36.43
CA GLU A 280 11.47 22.51 -35.53
C GLU A 280 10.87 22.75 -34.14
N SER A 281 10.35 21.66 -33.57
CA SER A 281 9.47 21.66 -32.41
C SER A 281 9.89 20.67 -31.36
N LYS A 282 9.49 20.91 -30.12
CA LYS A 282 9.66 19.92 -29.07
C LYS A 282 8.45 20.03 -28.11
N ASN A 283 8.12 18.91 -27.48
CA ASN A 283 7.14 18.84 -26.41
C ASN A 283 7.79 18.17 -25.21
N THR A 284 7.74 18.86 -24.07
CA THR A 284 8.20 18.27 -22.81
C THR A 284 7.02 17.67 -22.09
N TYR A 285 7.10 16.38 -21.77
CA TYR A 285 6.06 15.69 -21.04
C TYR A 285 6.48 15.57 -19.60
N GLY A 286 5.85 16.31 -18.69
CA GLY A 286 5.98 16.00 -17.29
C GLY A 286 4.63 16.04 -16.60
N THR A 287 4.53 16.83 -15.53
CA THR A 287 3.24 17.14 -14.88
C THR A 287 2.19 17.64 -15.89
N GLY A 288 2.66 18.62 -16.69
CA GLY A 288 2.01 19.18 -17.84
C GLY A 288 2.91 18.94 -19.04
N CYS A 289 2.49 19.50 -20.18
CA CYS A 289 3.28 19.59 -21.38
C CYS A 289 3.56 21.06 -21.71
N PHE A 290 4.75 21.29 -22.30
CA PHE A 290 5.06 22.56 -22.95
C PHE A 290 5.57 22.24 -24.33
N LEU A 291 4.82 22.69 -25.34
CA LEU A 291 5.16 22.43 -26.71
C LEU A 291 5.60 23.78 -27.27
N LEU A 292 6.81 23.85 -27.81
CA LEU A 292 7.28 25.08 -28.47
C LEU A 292 7.77 24.74 -29.86
N MET A 293 7.43 25.58 -30.86
CA MET A 293 7.97 25.49 -32.20
C MET A 293 8.68 26.79 -32.55
N THR A 294 9.92 26.63 -33.01
CA THR A 294 10.67 27.74 -33.55
C THR A 294 10.04 28.19 -34.87
N VAL A 295 9.88 29.52 -35.07
CA VAL A 295 9.36 30.02 -36.36
C VAL A 295 10.36 30.89 -37.11
N GLY A 296 11.56 31.13 -36.54
CA GLY A 296 12.63 31.88 -37.20
C GLY A 296 12.53 33.36 -36.88
N GLU A 297 12.93 34.22 -37.80
CA GLU A 297 13.10 35.64 -37.53
C GLU A 297 11.79 36.41 -37.70
N ARG A 298 10.86 35.85 -38.50
CA ARG A 298 9.55 36.41 -38.77
C ARG A 298 8.61 35.97 -37.64
N ILE A 299 8.23 36.88 -36.74
CA ILE A 299 7.34 36.52 -35.65
C ILE A 299 6.01 35.96 -36.23
N ARG A 300 5.40 35.00 -35.53
CA ARG A 300 4.06 34.54 -35.87
C ARG A 300 3.10 34.80 -34.72
N PHE A 301 1.95 35.41 -35.09
CA PHE A 301 0.81 35.51 -34.18
C PHE A 301 -0.19 34.40 -34.47
N SER A 302 -0.64 33.76 -33.42
CA SER A 302 -1.59 32.67 -33.52
C SER A 302 -3.01 33.14 -33.89
N ASP A 303 -3.73 32.33 -34.67
CA ASP A 303 -5.19 32.51 -34.74
C ASP A 303 -5.92 31.45 -33.95
N HIS A 304 -5.21 30.73 -33.05
CA HIS A 304 -5.82 29.65 -32.28
C HIS A 304 -5.49 29.75 -30.80
N GLY A 305 -5.07 30.93 -30.36
CA GLY A 305 -4.98 31.20 -28.94
C GLY A 305 -3.61 30.82 -28.39
N LEU A 306 -2.63 30.45 -29.23
CA LEU A 306 -1.28 30.09 -28.77
C LEU A 306 -0.47 31.35 -28.49
N LEU A 307 0.58 31.20 -27.67
CA LEU A 307 1.46 32.30 -27.31
C LEU A 307 2.45 32.54 -28.41
N SER A 308 2.74 33.82 -28.70
CA SER A 308 3.96 34.21 -29.38
C SER A 308 5.04 34.48 -28.33
N THR A 309 6.25 33.90 -28.49
CA THR A 309 7.36 34.12 -27.54
C THR A 309 8.72 34.24 -28.29
N VAL A 310 9.76 34.71 -27.57
CA VAL A 310 11.12 34.66 -28.09
C VAL A 310 11.72 33.26 -27.84
N ALA A 311 12.22 32.63 -28.88
CA ALA A 311 12.96 31.36 -28.82
C ALA A 311 14.38 31.58 -28.26
N TYR A 312 15.09 32.54 -28.86
CA TYR A 312 16.47 32.85 -28.41
C TYR A 312 17.02 34.05 -29.18
N GLN A 313 17.96 34.72 -28.56
CA GLN A 313 18.86 35.67 -29.22
C GLN A 313 20.28 35.40 -28.72
N LEU A 314 21.13 34.96 -29.65
CA LEU A 314 22.49 34.52 -29.30
C LEU A 314 23.48 35.67 -29.55
N GLY A 315 23.62 36.57 -28.58
CA GLY A 315 24.47 37.71 -28.74
C GLY A 315 23.61 38.94 -29.01
N ASN A 316 24.07 40.05 -28.42
CA ASN A 316 23.30 41.26 -28.47
C ASN A 316 23.31 41.86 -29.88
N LYS A 317 24.17 41.47 -30.81
CA LYS A 317 23.90 41.95 -32.17
C LYS A 317 22.93 41.05 -32.92
N SER A 318 22.86 39.77 -32.54
CA SER A 318 22.23 38.77 -33.37
C SER A 318 20.72 39.01 -33.45
N PRO A 319 20.04 38.41 -34.44
CA PRO A 319 18.60 38.57 -34.54
C PRO A 319 17.84 37.90 -33.40
N PHE A 320 16.65 38.44 -33.14
CA PHE A 320 15.62 37.79 -32.36
C PHE A 320 15.04 36.62 -33.16
N ILE A 321 15.09 35.43 -32.58
CA ILE A 321 14.39 34.30 -33.16
C ILE A 321 13.12 34.03 -32.34
N TYR A 322 11.99 33.78 -33.05
CA TYR A 322 10.68 33.67 -32.43
C TYR A 322 10.21 32.20 -32.34
N ALA A 323 9.20 31.96 -31.46
CA ALA A 323 8.56 30.68 -31.31
C ALA A 323 7.04 30.88 -31.13
N LEU A 324 6.29 29.82 -31.35
CA LEU A 324 4.92 29.69 -30.83
C LEU A 324 4.93 28.68 -29.71
N GLU A 325 4.02 28.84 -28.74
CA GLU A 325 4.00 27.97 -27.59
C GLU A 325 2.58 27.61 -27.20
N GLY A 326 2.36 26.35 -26.83
CA GLY A 326 1.15 25.87 -26.22
C GLY A 326 1.43 24.99 -25.01
N SER A 327 0.49 24.95 -24.05
CA SER A 327 0.61 24.06 -22.91
C SER A 327 -0.65 23.22 -22.59
N ILE A 328 -0.44 22.17 -21.78
CA ILE A 328 -1.47 21.23 -21.34
C ILE A 328 -1.18 20.99 -19.86
N ALA A 329 -2.18 21.07 -18.99
CA ALA A 329 -2.00 20.91 -17.53
C ALA A 329 -2.14 19.43 -17.19
N GLY A 330 -3.05 18.67 -17.87
CA GLY A 330 -3.44 17.35 -17.37
C GLY A 330 -2.67 16.28 -18.10
N ALA A 331 -1.32 16.29 -17.88
CA ALA A 331 -0.47 15.20 -18.32
C ALA A 331 -0.15 14.28 -17.15
N GLY A 332 1.05 14.36 -16.62
CA GLY A 332 1.47 13.50 -15.52
C GLY A 332 0.67 13.78 -14.26
N ALA A 333 0.16 15.00 -14.13
CA ALA A 333 -0.78 15.33 -13.05
C ALA A 333 -1.98 14.39 -13.07
N THR A 334 -2.49 14.06 -14.25
CA THR A 334 -3.63 13.15 -14.35
C THR A 334 -3.27 11.80 -13.74
N ILE A 335 -2.04 11.28 -14.02
CA ILE A 335 -1.57 9.96 -13.57
C ILE A 335 -1.45 9.96 -12.03
N GLU A 336 -0.81 11.02 -11.49
CA GLU A 336 -0.65 11.22 -10.04
C GLU A 336 -2.01 11.27 -9.35
N TRP A 337 -2.94 12.06 -9.93
CA TRP A 337 -4.28 12.21 -9.43
C TRP A 337 -4.96 10.86 -9.40
N LEU A 338 -4.75 10.04 -10.44
CA LEU A 338 -5.38 8.74 -10.49
C LEU A 338 -4.93 7.87 -9.34
N LYS A 339 -3.65 8.01 -9.01
CA LYS A 339 -3.02 7.23 -7.94
C LYS A 339 -3.37 7.75 -6.54
N ASN A 340 -3.17 9.03 -6.28
CA ASN A 340 -3.27 9.65 -4.96
C ASN A 340 -4.70 9.97 -4.58
N ASN A 341 -5.50 10.54 -5.49
CA ASN A 341 -6.86 10.95 -5.16
C ASN A 341 -7.89 9.88 -5.47
N MET A 342 -7.80 9.26 -6.63
CA MET A 342 -8.79 8.26 -6.99
C MET A 342 -8.44 6.88 -6.44
N LYS A 343 -7.14 6.61 -6.14
CA LYS A 343 -6.67 5.27 -5.76
C LYS A 343 -7.04 4.18 -6.78
N LEU A 344 -7.13 4.53 -8.06
CA LEU A 344 -7.38 3.53 -9.08
C LEU A 344 -6.14 2.67 -9.33
N ILE A 345 -4.96 3.28 -9.07
CA ILE A 345 -3.68 2.60 -9.15
C ILE A 345 -2.89 2.81 -7.86
N ASP A 346 -2.09 1.78 -7.48
CA ASP A 346 -1.13 1.93 -6.38
C ASP A 346 0.17 2.60 -6.77
N ASP A 347 0.65 2.40 -8.01
CA ASP A 347 1.90 3.03 -8.51
C ASP A 347 1.64 3.75 -9.84
N VAL A 348 2.29 4.87 -10.06
CA VAL A 348 2.22 5.64 -11.29
C VAL A 348 2.51 4.74 -12.52
N SER A 349 3.44 3.79 -12.39
CA SER A 349 3.81 2.85 -13.44
C SER A 349 2.70 1.85 -13.74
N ASP A 350 1.70 1.72 -12.86
CA ASP A 350 0.57 0.85 -13.19
C ASP A 350 -0.37 1.44 -14.24
N CYS A 351 -0.29 2.74 -14.50
CA CYS A 351 -1.11 3.33 -15.55
C CYS A 351 -0.87 2.63 -16.88
N GLU A 352 0.41 2.65 -17.23
CA GLU A 352 0.84 2.05 -18.49
C GLU A 352 0.65 0.53 -18.48
N LYS A 353 1.01 -0.15 -17.39
CA LYS A 353 0.96 -1.60 -17.33
C LYS A 353 -0.47 -2.09 -17.55
N PHE A 354 -1.44 -1.38 -16.91
CA PHE A 354 -2.84 -1.78 -17.04
C PHE A 354 -3.46 -1.34 -18.36
N ALA A 355 -3.12 -0.12 -18.83
CA ALA A 355 -3.59 0.39 -20.13
C ALA A 355 -3.17 -0.52 -21.31
N GLN A 356 -1.95 -1.10 -21.16
CA GLN A 356 -1.38 -2.03 -22.10
C GLN A 356 -2.30 -3.23 -22.34
N THR A 357 -2.98 -3.71 -21.30
CA THR A 357 -3.69 -4.97 -21.40
C THR A 357 -4.89 -4.85 -22.36
N VAL A 358 -5.28 -3.64 -22.86
CA VAL A 358 -6.37 -3.56 -23.84
C VAL A 358 -5.91 -2.80 -25.08
N SER A 359 -6.52 -3.13 -26.25
CA SER A 359 -6.17 -2.51 -27.51
C SER A 359 -7.02 -1.28 -27.83
N ASP A 360 -8.14 -1.07 -27.11
CA ASP A 360 -8.99 0.13 -27.28
C ASP A 360 -9.68 0.45 -25.96
N THR A 361 -10.53 1.48 -25.94
CA THR A 361 -11.21 1.89 -24.72
C THR A 361 -12.71 1.54 -24.75
N GLN A 362 -13.10 0.73 -25.73
CA GLN A 362 -14.49 0.52 -26.06
C GLN A 362 -15.32 1.82 -26.11
N GLY A 363 -14.75 2.87 -26.68
CA GLY A 363 -15.48 4.10 -26.86
C GLY A 363 -15.47 5.05 -25.65
N VAL A 364 -14.81 4.67 -24.55
CA VAL A 364 -14.69 5.57 -23.43
C VAL A 364 -13.64 6.63 -23.73
N VAL A 365 -13.96 7.87 -23.36
CA VAL A 365 -13.01 8.97 -23.50
C VAL A 365 -12.81 9.64 -22.12
N PHE A 366 -11.57 10.07 -21.86
CA PHE A 366 -11.21 10.78 -20.65
C PHE A 366 -10.82 12.19 -21.01
N VAL A 367 -11.52 13.14 -20.38
CA VAL A 367 -11.20 14.55 -20.59
C VAL A 367 -10.53 15.11 -19.35
N PRO A 368 -9.20 15.38 -19.39
CA PRO A 368 -8.50 15.87 -18.18
C PRO A 368 -8.48 17.39 -18.03
N ALA A 369 -9.62 18.05 -18.26
CA ALA A 369 -9.72 19.49 -18.13
C ALA A 369 -10.10 19.84 -16.70
N PHE A 370 -9.31 19.35 -15.76
CA PHE A 370 -9.44 19.58 -14.35
C PHE A 370 -9.61 21.07 -13.98
N SER A 371 -8.95 21.96 -14.67
CA SER A 371 -9.21 23.39 -14.51
C SER A 371 -9.47 24.04 -15.86
N GLY A 372 -10.35 23.45 -16.65
CA GLY A 372 -10.64 24.03 -17.96
C GLY A 372 -9.68 23.55 -19.06
N PHE A 373 -10.06 23.93 -20.29
CA PHE A 373 -9.22 23.75 -21.44
C PHE A 373 -8.41 25.02 -21.73
N LEU A 374 -7.15 24.78 -22.16
CA LEU A 374 -6.22 25.83 -22.58
C LEU A 374 -6.29 25.99 -24.09
N ALA A 375 -5.54 26.96 -24.64
CA ALA A 375 -5.39 27.05 -26.08
C ALA A 375 -4.82 25.75 -26.67
N PRO A 376 -5.31 25.22 -27.81
CA PRO A 376 -6.27 25.90 -28.70
C PRO A 376 -7.77 25.54 -28.60
N SER A 377 -8.20 24.95 -27.45
CA SER A 377 -9.58 24.52 -27.18
C SER A 377 -10.17 25.39 -26.06
N TRP A 378 -9.66 26.65 -25.97
CA TRP A 378 -9.83 27.47 -24.78
C TRP A 378 -11.28 27.37 -24.24
N ASP A 379 -11.42 27.06 -22.95
CA ASP A 379 -12.74 26.92 -22.35
C ASP A 379 -12.56 26.71 -20.85
N PRO A 380 -12.59 27.79 -20.01
CA PRO A 380 -12.40 27.61 -18.56
C PRO A 380 -13.54 26.85 -17.85
N SER A 381 -14.69 26.62 -18.54
CA SER A 381 -15.86 25.93 -17.98
C SER A 381 -15.74 24.42 -18.03
N ALA A 382 -14.85 23.87 -18.87
CA ALA A 382 -14.71 22.41 -18.97
C ALA A 382 -14.11 21.83 -17.69
N ARG A 383 -14.56 20.62 -17.31
CA ARG A 383 -14.05 19.98 -16.09
C ARG A 383 -13.67 18.55 -16.44
N GLY A 384 -12.99 17.90 -15.48
CA GLY A 384 -12.62 16.53 -15.64
C GLY A 384 -13.83 15.64 -15.91
N SER A 385 -13.82 14.84 -16.99
CA SER A 385 -14.98 14.11 -17.42
C SER A 385 -14.56 12.73 -17.90
N ILE A 386 -15.48 11.77 -17.72
CA ILE A 386 -15.37 10.51 -18.42
C ILE A 386 -16.68 10.27 -19.15
N PHE A 387 -16.56 9.80 -20.39
CA PHE A 387 -17.77 9.47 -21.14
C PHE A 387 -17.73 8.08 -21.73
N GLY A 388 -18.92 7.54 -22.04
CA GLY A 388 -18.99 6.33 -22.81
C GLY A 388 -18.95 5.02 -22.02
N MET A 389 -18.93 5.03 -20.71
CA MET A 389 -18.87 3.77 -19.95
C MET A 389 -20.08 2.87 -20.03
N THR A 390 -19.81 1.56 -20.06
CA THR A 390 -20.85 0.54 -19.93
C THR A 390 -20.45 -0.38 -18.78
N LEU A 391 -21.26 -1.37 -18.44
CA LEU A 391 -20.92 -2.30 -17.36
C LEU A 391 -19.65 -3.11 -17.72
N LYS A 392 -19.32 -3.21 -19.02
CA LYS A 392 -18.15 -3.94 -19.46
C LYS A 392 -16.87 -3.12 -19.32
N THR A 393 -16.98 -1.83 -18.98
CA THR A 393 -15.82 -0.98 -18.88
C THR A 393 -14.99 -1.40 -17.68
N THR A 394 -13.65 -1.38 -17.80
CA THR A 394 -12.70 -1.80 -16.75
C THR A 394 -11.75 -0.66 -16.52
N ARG A 395 -11.00 -0.76 -15.43
CA ARG A 395 -10.09 0.33 -15.24
C ARG A 395 -9.00 0.34 -16.31
N ALA A 396 -8.71 -0.79 -16.97
CA ALA A 396 -7.71 -0.80 -18.06
C ALA A 396 -8.12 0.16 -19.19
N HIS A 397 -9.43 0.11 -19.56
CA HIS A 397 -10.04 0.99 -20.55
C HIS A 397 -9.96 2.45 -20.12
N VAL A 398 -10.20 2.73 -18.84
CA VAL A 398 -10.15 4.11 -18.36
C VAL A 398 -8.73 4.70 -18.33
N LEU A 399 -7.76 3.86 -17.92
CA LEU A 399 -6.38 4.28 -17.85
C LEU A 399 -5.87 4.50 -19.26
N ARG A 400 -6.23 3.62 -20.18
CA ARG A 400 -5.84 3.81 -21.56
C ARG A 400 -6.40 5.13 -22.10
N ALA A 401 -7.68 5.42 -21.74
CA ALA A 401 -8.36 6.66 -22.15
C ALA A 401 -7.63 7.89 -21.61
N ALA A 402 -7.05 7.80 -20.39
CA ALA A 402 -6.36 8.93 -19.80
C ALA A 402 -5.07 9.29 -20.51
N LEU A 403 -4.33 8.25 -20.90
CA LEU A 403 -3.10 8.38 -21.70
C LEU A 403 -3.43 8.92 -23.11
N LEU A 404 -4.42 8.30 -23.78
CA LEU A 404 -4.88 8.78 -25.08
C LEU A 404 -5.17 10.30 -25.04
N ALA A 405 -5.83 10.78 -23.99
CA ALA A 405 -6.18 12.20 -23.86
C ALA A 405 -4.94 13.10 -23.85
N ILE A 406 -3.84 12.63 -23.22
CA ILE A 406 -2.58 13.39 -23.25
C ILE A 406 -2.12 13.55 -24.68
N ALA A 407 -2.12 12.46 -25.41
CA ALA A 407 -1.70 12.50 -26.80
C ALA A 407 -2.60 13.40 -27.68
N LEU A 408 -3.90 13.36 -27.41
CA LEU A 408 -4.88 14.05 -28.24
C LEU A 408 -4.77 15.53 -27.98
N GLN A 409 -4.48 15.92 -26.75
CA GLN A 409 -4.29 17.34 -26.48
C GLN A 409 -3.03 17.87 -27.21
N VAL A 410 -1.98 17.02 -27.28
CA VAL A 410 -0.78 17.36 -28.02
C VAL A 410 -1.09 17.47 -29.51
N VAL A 411 -1.88 16.58 -30.06
CA VAL A 411 -2.34 16.73 -31.43
C VAL A 411 -3.01 18.07 -31.64
N ASP A 412 -3.91 18.48 -30.72
CA ASP A 412 -4.64 19.74 -30.96
C ASP A 412 -3.64 20.89 -31.00
N VAL A 413 -2.69 20.95 -30.05
CA VAL A 413 -1.69 22.04 -30.01
C VAL A 413 -0.87 22.10 -31.30
N LEU A 414 -0.39 20.93 -31.73
CA LEU A 414 0.54 20.85 -32.83
C LEU A 414 -0.12 21.19 -34.15
N GLU A 415 -1.35 20.71 -34.38
CA GLU A 415 -2.03 21.01 -35.63
C GLU A 415 -2.40 22.50 -35.71
N ALA A 416 -2.78 23.10 -34.57
CA ALA A 416 -2.94 24.56 -34.54
C ALA A 416 -1.65 25.33 -34.87
N MET A 417 -0.53 24.87 -34.33
CA MET A 417 0.75 25.54 -34.54
C MET A 417 1.17 25.52 -36.00
N GLU A 418 0.98 24.36 -36.64
CA GLU A 418 1.25 24.17 -38.04
C GLU A 418 0.42 25.15 -38.88
N LYS A 419 -0.84 25.38 -38.51
CA LYS A 419 -1.64 26.36 -39.25
C LYS A 419 -1.09 27.75 -39.05
N ASP A 420 -0.79 28.10 -37.80
CA ASP A 420 -0.25 29.42 -37.50
C ASP A 420 1.14 29.67 -38.12
N ALA A 421 2.03 28.67 -38.17
CA ALA A 421 3.39 28.85 -38.67
C ALA A 421 3.46 28.57 -40.17
N GLU A 422 2.42 27.92 -40.72
CA GLU A 422 2.47 27.53 -42.13
C GLU A 422 3.64 26.56 -42.40
N VAL A 423 3.72 25.48 -41.63
CA VAL A 423 4.74 24.44 -41.73
C VAL A 423 4.04 23.13 -41.38
N LYS A 424 4.43 22.03 -42.05
CA LYS A 424 4.11 20.69 -41.61
C LYS A 424 5.32 20.16 -40.82
N VAL A 425 5.14 19.74 -39.59
CA VAL A 425 6.23 19.27 -38.73
C VAL A 425 6.65 17.88 -39.17
N GLN A 426 7.95 17.71 -39.40
CA GLN A 426 8.53 16.47 -39.96
C GLN A 426 8.61 15.34 -38.92
N PHE A 427 9.02 15.76 -37.73
CA PHE A 427 9.20 14.89 -36.58
C PHE A 427 9.13 15.78 -35.35
N LEU A 428 8.89 15.15 -34.18
CA LEU A 428 8.76 15.93 -32.97
C LEU A 428 9.74 15.38 -31.98
N ARG A 429 10.56 16.27 -31.45
CA ARG A 429 11.47 15.93 -30.39
C ARG A 429 10.67 15.95 -29.10
N VAL A 430 10.96 15.01 -28.21
CA VAL A 430 10.12 14.82 -27.04
C VAL A 430 11.07 14.59 -25.87
N ASP A 431 10.86 15.29 -24.78
CA ASP A 431 11.63 15.10 -23.55
C ASP A 431 10.66 15.15 -22.36
N GLY A 432 11.23 15.09 -21.17
CA GLY A 432 10.55 15.02 -19.90
C GLY A 432 10.47 13.60 -19.42
N GLY A 433 10.20 13.43 -18.12
CA GLY A 433 10.18 12.08 -17.51
C GLY A 433 9.02 11.20 -17.97
N LEU A 434 7.97 11.79 -18.54
CA LEU A 434 6.87 10.98 -19.07
C LEU A 434 7.16 10.37 -20.42
N THR A 435 8.30 10.75 -21.04
CA THR A 435 8.72 10.10 -22.27
C THR A 435 9.17 8.68 -21.95
N LYS A 436 9.28 8.33 -20.68
CA LYS A 436 9.54 6.94 -20.25
C LYS A 436 8.33 6.03 -20.49
N ASN A 437 7.13 6.60 -20.62
CA ASN A 437 5.93 5.82 -20.88
C ASN A 437 5.96 5.50 -22.38
N HIS A 438 6.29 4.25 -22.65
CA HIS A 438 6.57 3.81 -24.01
C HIS A 438 5.22 3.75 -24.75
N LEU A 439 4.18 3.29 -24.06
CA LEU A 439 2.81 3.24 -24.63
C LEU A 439 2.32 4.64 -25.02
N LEU A 440 2.52 5.62 -24.17
CA LEU A 440 2.14 6.97 -24.51
C LEU A 440 2.81 7.48 -25.77
N MET A 441 4.12 7.20 -25.90
CA MET A 441 4.92 7.67 -27.00
C MET A 441 4.40 7.03 -28.28
N LYS A 442 4.02 5.74 -28.25
CA LYS A 442 3.49 5.06 -29.45
C LYS A 442 2.11 5.60 -29.82
N MET A 443 1.29 5.82 -28.81
CA MET A 443 -0.01 6.46 -29.04
C MET A 443 0.18 7.81 -29.72
N GLN A 444 1.15 8.59 -29.22
CA GLN A 444 1.38 9.95 -29.69
C GLN A 444 1.82 9.93 -31.15
N SER A 445 2.72 8.99 -31.47
CA SER A 445 3.22 8.80 -32.81
C SER A 445 2.13 8.38 -33.76
N ASP A 446 1.42 7.30 -33.40
CA ASP A 446 0.32 6.85 -34.25
C ASP A 446 -0.66 8.00 -34.55
N LEU A 447 -1.05 8.82 -33.55
CA LEU A 447 -2.03 9.89 -33.75
C LEU A 447 -1.47 11.01 -34.63
N LEU A 448 -0.19 11.40 -34.44
CA LEU A 448 0.40 12.46 -35.26
C LEU A 448 0.74 11.94 -36.65
N GLY A 449 0.95 10.65 -36.80
CA GLY A 449 1.48 10.12 -38.03
C GLY A 449 2.91 10.53 -38.41
N ILE A 450 3.75 10.95 -37.49
CA ILE A 450 5.16 11.34 -37.69
C ILE A 450 6.01 10.64 -36.60
N ASN A 451 7.32 10.63 -36.83
CA ASN A 451 8.24 10.01 -35.89
C ASN A 451 8.43 10.94 -34.71
N LEU A 452 8.70 10.36 -33.55
CA LEU A 452 9.17 11.15 -32.40
C LEU A 452 10.63 10.79 -32.16
N HIS A 453 11.38 11.75 -31.63
CA HIS A 453 12.79 11.62 -31.34
C HIS A 453 13.00 11.85 -29.87
N ARG A 454 13.38 10.83 -29.09
CA ARG A 454 13.64 10.97 -27.67
C ARG A 454 15.14 10.92 -27.37
N PRO A 455 15.73 11.99 -26.82
CA PRO A 455 17.13 11.99 -26.45
C PRO A 455 17.47 11.07 -25.27
N THR A 456 18.59 10.35 -25.35
CA THR A 456 19.04 9.51 -24.26
C THR A 456 19.73 10.37 -23.20
N MET A 457 20.35 11.49 -23.54
CA MET A 457 20.75 12.50 -22.54
C MET A 457 19.53 13.45 -22.35
N ALA A 458 18.88 13.18 -21.21
CA ALA A 458 17.62 13.70 -20.67
C ALA A 458 17.57 15.24 -20.49
N GLU A 459 18.74 15.85 -20.23
CA GLU A 459 18.80 17.14 -19.60
C GLU A 459 18.94 18.23 -20.64
N THR A 460 17.90 18.39 -21.47
CA THR A 460 18.00 19.26 -22.64
C THR A 460 17.89 20.71 -22.23
N THR A 461 17.16 20.98 -21.15
CA THR A 461 17.09 22.32 -20.62
C THR A 461 18.47 22.82 -20.17
N ALA A 462 19.16 22.02 -19.34
CA ALA A 462 20.50 22.38 -18.90
C ALA A 462 21.43 22.56 -20.12
N LEU A 463 21.38 21.61 -21.08
CA LEU A 463 22.22 21.67 -22.25
C LEU A 463 21.96 22.98 -23.01
N GLY A 464 20.70 23.42 -23.15
CA GLY A 464 20.39 24.71 -23.71
C GLY A 464 21.17 25.89 -23.09
N ALA A 465 21.18 25.95 -21.79
CA ALA A 465 21.87 26.99 -21.04
C ALA A 465 23.38 26.91 -21.27
N ALA A 466 23.92 25.67 -21.29
CA ALA A 466 25.32 25.44 -21.61
C ALA A 466 25.67 25.95 -22.99
N LEU A 467 24.82 25.68 -23.98
CA LEU A 467 25.04 26.18 -25.34
C LEU A 467 25.12 27.68 -25.33
N CYS A 468 24.22 28.34 -24.62
CA CYS A 468 24.22 29.79 -24.62
C CYS A 468 25.58 30.29 -24.13
N ALA A 469 25.98 29.81 -22.95
CA ALA A 469 27.22 30.21 -22.27
C ALA A 469 28.46 29.84 -23.08
N GLY A 470 28.44 28.62 -23.66
CA GLY A 470 29.57 28.10 -24.38
C GLY A 470 29.77 28.82 -25.72
N LEU A 471 28.68 29.16 -26.43
CA LEU A 471 28.78 29.99 -27.64
C LEU A 471 29.35 31.35 -27.28
N ALA A 472 28.92 31.97 -26.19
CA ALA A 472 29.42 33.32 -25.89
C ALA A 472 30.92 33.29 -25.51
N ALA A 473 31.37 32.21 -24.85
CA ALA A 473 32.72 32.05 -24.33
C ALA A 473 33.63 31.51 -25.43
N GLY A 474 33.12 31.13 -26.58
CA GLY A 474 33.96 30.59 -27.64
C GLY A 474 34.31 29.12 -27.45
N VAL A 475 33.71 28.41 -26.50
CA VAL A 475 33.85 26.95 -26.40
C VAL A 475 33.38 26.27 -27.68
N TRP A 476 32.23 26.70 -28.24
CA TRP A 476 31.78 26.28 -29.56
C TRP A 476 31.68 27.51 -30.45
N LYS A 477 31.81 27.29 -31.76
CA LYS A 477 31.97 28.35 -32.73
C LYS A 477 30.66 28.73 -33.39
N SER A 478 29.71 27.83 -33.50
CA SER A 478 28.48 28.16 -34.21
C SER A 478 27.44 27.13 -33.84
N LEU A 479 26.20 27.50 -34.06
CA LEU A 479 25.11 26.55 -33.99
C LEU A 479 25.39 25.31 -34.85
N GLU A 480 25.87 25.36 -36.08
CA GLU A 480 25.82 24.04 -36.73
C GLU A 480 27.04 23.19 -36.30
N GLU A 481 28.11 23.78 -35.71
CA GLU A 481 29.09 23.00 -34.97
C GLU A 481 28.47 22.35 -33.73
N VAL A 482 27.73 23.14 -32.95
CA VAL A 482 26.99 22.73 -31.78
C VAL A 482 26.12 21.52 -32.14
N LYS A 483 25.52 21.57 -33.32
CA LYS A 483 24.61 20.50 -33.72
C LYS A 483 25.34 19.27 -34.22
N THR A 484 26.52 19.42 -34.84
CA THR A 484 27.32 18.27 -35.22
C THR A 484 27.82 17.55 -33.97
N ILE A 485 28.23 18.32 -32.93
CA ILE A 485 28.78 17.68 -31.78
C ILE A 485 27.67 16.87 -31.12
N SER A 486 26.45 17.44 -31.11
CA SER A 486 25.27 16.81 -30.53
C SER A 486 24.87 15.53 -31.27
N GLN A 487 25.06 15.46 -32.57
CA GLN A 487 24.82 14.23 -33.32
C GLN A 487 25.68 13.08 -32.78
N GLN A 488 26.89 13.41 -32.26
CA GLN A 488 27.89 12.46 -31.77
C GLN A 488 27.66 12.11 -30.31
N ALA A 489 27.36 13.10 -29.44
CA ALA A 489 27.13 12.89 -28.03
C ALA A 489 25.73 12.31 -27.68
N ASN A 490 24.64 12.81 -28.28
CA ASN A 490 23.27 12.55 -27.82
C ASN A 490 22.48 11.78 -28.89
N VAL A 491 22.48 10.48 -28.78
CA VAL A 491 21.63 9.60 -29.57
C VAL A 491 20.15 9.87 -29.27
N TRP A 492 19.33 9.92 -30.34
CA TRP A 492 17.89 10.13 -30.33
C TRP A 492 17.25 8.78 -30.60
N ARG A 493 16.44 8.21 -29.71
CA ARG A 493 15.58 7.05 -30.01
C ARG A 493 14.35 7.48 -30.82
N VAL A 494 14.03 6.71 -31.87
CA VAL A 494 13.04 7.06 -32.86
C VAL A 494 11.83 6.18 -32.67
N ILE A 495 10.67 6.80 -32.41
CA ILE A 495 9.40 6.09 -32.27
C ILE A 495 8.58 6.40 -33.54
N ARG A 496 8.23 5.34 -34.26
CA ARG A 496 7.60 5.45 -35.57
C ARG A 496 6.11 5.17 -35.45
N PRO A 497 5.29 5.79 -36.31
CA PRO A 497 3.84 5.47 -36.28
C PRO A 497 3.64 4.04 -36.70
N ALA A 498 2.98 3.20 -35.90
CA ALA A 498 2.64 1.85 -36.36
C ALA A 498 1.20 1.86 -36.89
N ALA A 499 0.27 1.96 -35.92
CA ALA A 499 -1.17 1.69 -36.09
C ALA A 499 -1.86 2.81 -36.91
N SER A 500 -1.93 2.59 -38.23
CA SER A 500 -2.04 3.62 -39.25
C SER A 500 -3.52 3.92 -39.57
N LYS A 501 -4.42 4.20 -38.59
CA LYS A 501 -5.83 3.80 -38.78
C LYS A 501 -6.82 4.94 -39.16
N ASP A 502 -8.01 4.46 -39.58
CA ASP A 502 -9.28 5.19 -39.57
C ASP A 502 -10.11 4.81 -38.34
N SER A 503 -9.63 3.90 -37.45
CA SER A 503 -10.14 3.90 -36.08
C SER A 503 -9.58 5.16 -35.39
N GLN A 504 -8.55 5.80 -35.98
CA GLN A 504 -8.08 7.09 -35.53
C GLN A 504 -9.03 8.23 -35.88
N GLN A 505 -9.71 8.19 -36.98
CA GLN A 505 -10.80 9.11 -37.29
C GLN A 505 -11.98 9.03 -36.28
N MET A 506 -12.40 7.83 -35.89
CA MET A 506 -13.44 7.65 -34.90
C MET A 506 -13.04 8.27 -33.53
N LEU A 507 -11.82 8.02 -33.04
CA LEU A 507 -11.38 8.60 -31.79
C LEU A 507 -11.30 10.13 -31.88
N ARG A 508 -10.89 10.68 -33.03
CA ARG A 508 -10.80 12.14 -33.14
C ARG A 508 -12.18 12.81 -33.08
N ALA A 509 -13.19 12.20 -33.73
CA ALA A 509 -14.58 12.65 -33.62
C ALA A 509 -15.11 12.52 -32.21
N GLN A 510 -14.78 11.41 -31.51
CA GLN A 510 -15.22 11.20 -30.14
C GLN A 510 -14.56 12.21 -29.21
N TRP A 511 -13.29 12.53 -29.47
CA TRP A 511 -12.55 13.47 -28.67
C TRP A 511 -13.17 14.86 -28.82
N LYS A 512 -13.55 15.23 -30.06
CA LYS A 512 -14.24 16.49 -30.35
C LYS A 512 -15.58 16.62 -29.57
N ARG A 513 -16.41 15.58 -29.62
CA ARG A 513 -17.67 15.51 -28.92
C ARG A 513 -17.41 15.56 -27.42
N ALA A 514 -16.37 14.87 -26.90
CA ALA A 514 -16.07 14.89 -25.47
C ALA A 514 -15.73 16.28 -24.97
N LYS A 515 -14.85 17.01 -25.71
CA LYS A 515 -14.46 18.33 -25.27
C LYS A 515 -15.72 19.23 -25.15
N GLN A 516 -16.65 19.13 -26.09
CA GLN A 516 -17.91 19.86 -26.11
C GLN A 516 -18.78 19.53 -24.89
N GLN A 517 -18.85 18.26 -24.51
CA GLN A 517 -19.76 17.80 -23.45
C GLN A 517 -19.11 17.83 -22.06
N ALA A 518 -17.84 18.23 -21.99
CA ALA A 518 -17.14 18.39 -20.71
C ALA A 518 -17.49 19.72 -20.03
N LYS A 519 -18.12 20.65 -20.80
CA LYS A 519 -18.60 21.91 -20.27
C LYS A 519 -19.46 21.67 -19.03
N TRP A 520 -19.12 22.45 -18.00
CA TRP A 520 -19.61 22.24 -16.66
C TRP A 520 -19.72 23.53 -15.82
N ALA A 521 -18.63 24.26 -15.57
CA ALA A 521 -18.53 25.25 -14.49
C ALA A 521 -19.36 26.56 -14.70
N LYS A 522 -19.54 27.04 -15.95
CA LYS A 522 -19.96 28.44 -16.23
C LYS A 522 -19.52 29.44 -15.13
N LEU A 523 -18.54 30.32 -15.41
CA LEU A 523 -17.70 31.00 -14.40
C LEU A 523 -18.25 32.42 -14.10
N MET B 12 3.16 6.75 12.69
CA MET B 12 4.47 6.15 12.25
C MET B 12 5.59 7.14 12.55
N LYS B 13 6.57 6.74 13.34
CA LYS B 13 7.73 7.56 13.65
C LYS B 13 8.92 7.41 12.68
N TYR B 14 9.69 8.50 12.51
CA TYR B 14 10.83 8.60 11.60
C TYR B 14 12.03 9.18 12.37
N VAL B 15 13.22 8.58 12.11
CA VAL B 15 14.46 8.93 12.79
C VAL B 15 15.46 9.36 11.71
N GLY B 16 16.02 10.57 11.82
CA GLY B 16 17.03 11.02 10.88
C GLY B 16 18.43 10.56 11.36
N ALA B 17 19.37 10.32 10.44
CA ALA B 17 20.75 9.90 10.73
C ALA B 17 21.70 10.65 9.81
N LEU B 18 22.50 11.58 10.37
CA LEU B 18 23.55 12.25 9.61
C LEU B 18 24.87 11.48 9.79
N ASP B 19 25.53 11.18 8.67
CA ASP B 19 26.89 10.62 8.67
C ASP B 19 27.86 11.61 8.02
N GLN B 20 28.54 12.43 8.82
CA GLN B 20 29.51 13.41 8.36
C GLN B 20 30.92 12.75 8.32
N GLY B 21 31.25 12.18 7.15
CA GLY B 21 32.42 11.38 6.98
C GLY B 21 33.62 12.16 6.39
N THR B 22 34.70 11.41 6.06
CA THR B 22 35.98 12.03 5.69
C THR B 22 35.85 12.77 4.35
N ILE B 23 35.19 12.13 3.34
CA ILE B 23 35.17 12.71 2.02
C ILE B 23 33.76 13.07 1.57
N SER B 24 32.73 12.67 2.30
CA SER B 24 31.33 13.04 2.05
C SER B 24 30.47 12.94 3.29
N THR B 25 29.33 13.67 3.16
CA THR B 25 28.30 13.72 4.18
C THR B 25 27.06 13.07 3.58
N ARG B 26 26.34 12.25 4.40
CA ARG B 26 25.07 11.64 3.99
C ARG B 26 24.03 11.95 5.09
N PHE B 27 22.75 12.23 4.69
CA PHE B 27 21.62 12.20 5.63
C PHE B 27 20.60 11.19 5.17
N ILE B 28 20.26 10.26 6.06
CA ILE B 28 19.26 9.23 5.80
C ILE B 28 18.11 9.35 6.78
N ILE B 29 16.93 9.07 6.27
CA ILE B 29 15.77 8.99 7.15
C ILE B 29 15.36 7.55 7.15
N PHE B 30 15.21 6.98 8.36
CA PHE B 30 14.63 5.67 8.55
C PHE B 30 13.23 5.79 9.17
N ASP B 31 12.32 4.89 8.84
CA ASP B 31 11.10 4.77 9.59
C ASP B 31 11.36 3.92 10.83
N GLU B 32 10.29 3.72 11.61
CA GLU B 32 10.40 2.93 12.82
C GLU B 32 10.59 1.43 12.51
N LYS B 33 10.44 0.97 11.24
CA LYS B 33 10.73 -0.45 10.91
C LYS B 33 12.19 -0.59 10.40
N GLN B 34 12.96 0.51 10.59
CA GLN B 34 14.34 0.69 10.13
C GLN B 34 14.44 0.63 8.58
N LEU B 36 14.88 2.42 4.90
CA LEU B 36 15.38 3.73 4.52
C LEU B 36 14.29 4.31 3.63
N VAL B 37 13.84 5.53 3.93
CA VAL B 37 12.77 6.09 3.14
C VAL B 37 13.23 7.36 2.41
N ALA B 38 14.38 7.93 2.76
CA ALA B 38 14.88 9.07 2.03
C ALA B 38 16.37 9.19 2.30
N GLN B 39 17.07 9.80 1.37
CA GLN B 39 18.45 10.11 1.64
C GLN B 39 18.95 11.19 0.71
N HIS B 40 20.12 11.79 1.11
CA HIS B 40 20.87 12.69 0.23
C HIS B 40 22.33 12.73 0.71
N GLN B 41 23.21 12.97 -0.22
CA GLN B 41 24.67 12.87 -0.09
C GLN B 41 25.34 14.10 -0.77
N MET B 42 26.37 14.65 -0.11
CA MET B 42 27.21 15.72 -0.64
C MET B 42 28.69 15.54 -0.22
N PRO B 43 29.57 15.74 -1.21
CA PRO B 43 31.01 15.79 -0.96
C PRO B 43 31.50 17.18 -0.54
N HIS B 44 32.71 17.18 0.06
CA HIS B 44 33.38 18.40 0.48
C HIS B 44 34.89 18.31 0.10
N ARG B 45 35.47 19.50 -0.04
CA ARG B 45 36.83 19.66 -0.52
C ARG B 45 37.82 19.06 0.51
N GLN B 46 38.69 18.20 0.00
CA GLN B 46 39.89 17.70 0.69
C GLN B 46 41.00 18.74 0.47
N LEU B 47 41.26 19.60 1.45
CA LEU B 47 42.24 20.70 1.34
C LEU B 47 43.61 20.21 1.79
N THR B 48 44.58 20.27 0.85
CA THR B 48 45.89 19.69 1.12
C THR B 48 46.90 20.77 0.85
N PRO B 49 47.14 21.76 1.75
CA PRO B 49 48.02 22.87 1.39
C PRO B 49 49.51 22.51 1.20
N GLN B 50 50.02 21.43 1.82
CA GLN B 50 51.40 20.98 1.67
C GLN B 50 51.30 19.48 1.84
N ALA B 51 52.43 18.81 1.70
CA ALA B 51 52.45 17.37 1.56
C ALA B 51 52.19 16.79 2.94
N GLY B 52 51.30 15.81 2.96
CA GLY B 52 50.89 15.13 4.17
C GLY B 52 49.81 15.90 4.94
N TRP B 53 49.55 17.19 4.59
CA TRP B 53 48.57 17.99 5.32
C TRP B 53 47.16 17.68 4.76
N LEU B 54 46.16 17.49 5.64
CA LEU B 54 44.77 17.42 5.15
C LEU B 54 43.85 18.19 6.10
N GLU B 55 43.04 19.08 5.53
CA GLU B 55 42.06 19.79 6.30
C GLU B 55 40.72 19.89 5.56
N HIS B 56 39.71 20.23 6.33
CA HIS B 56 38.34 20.45 5.81
C HIS B 56 37.87 21.80 6.34
N ASP B 57 37.14 22.55 5.52
CA ASP B 57 36.51 23.79 5.91
C ASP B 57 35.31 23.46 6.82
N PRO B 58 35.34 23.84 8.11
CA PRO B 58 34.29 23.36 9.04
C PRO B 58 32.86 23.91 8.76
N MET B 59 32.82 25.12 8.19
CA MET B 59 31.61 25.69 7.63
C MET B 59 31.12 24.95 6.41
N GLU B 60 32.05 24.41 5.59
CA GLU B 60 31.65 23.61 4.43
C GLU B 60 30.97 22.30 4.89
N LEU B 61 31.53 21.70 5.94
CA LEU B 61 30.96 20.48 6.48
C LEU B 61 29.54 20.74 7.00
N TYR B 62 29.37 21.81 7.77
CA TYR B 62 28.07 22.15 8.36
C TYR B 62 27.05 22.44 7.23
N ARG B 63 27.43 23.26 6.21
CA ARG B 63 26.55 23.55 5.10
C ARG B 63 26.16 22.30 4.30
N ALA B 64 27.03 21.33 4.22
CA ALA B 64 26.71 20.14 3.45
C ALA B 64 25.74 19.29 4.26
N SER B 65 25.97 19.28 5.63
CA SER B 65 25.13 18.54 6.53
C SER B 65 23.67 19.08 6.39
N VAL B 66 23.56 20.39 6.42
CA VAL B 66 22.27 21.06 6.33
C VAL B 66 21.61 20.76 5.03
N ALA B 67 22.34 20.88 3.92
CA ALA B 67 21.77 20.68 2.59
C ALA B 67 21.24 19.25 2.47
N CYS B 68 21.95 18.27 3.04
CA CYS B 68 21.50 16.89 2.95
C CYS B 68 20.19 16.70 3.75
N ILE B 69 20.07 17.34 4.92
CA ILE B 69 18.86 17.27 5.74
C ILE B 69 17.65 17.87 5.01
N VAL B 70 17.83 19.09 4.52
CA VAL B 70 16.87 19.80 3.73
C VAL B 70 16.29 18.94 2.60
N ALA B 71 17.19 18.40 1.75
CA ALA B 71 16.79 17.67 0.61
C ALA B 71 16.03 16.41 1.01
N ALA B 72 16.57 15.61 1.93
CA ALA B 72 16.01 14.32 2.26
C ALA B 72 14.58 14.46 2.90
N VAL B 73 14.41 15.51 3.72
CA VAL B 73 13.17 15.84 4.39
C VAL B 73 12.15 16.26 3.34
N GLU B 74 12.52 17.16 2.42
CA GLU B 74 11.64 17.51 1.33
C GLU B 74 11.24 16.32 0.44
N ASP B 75 12.16 15.44 0.03
CA ASP B 75 11.77 14.24 -0.71
C ASP B 75 10.77 13.36 0.03
N LEU B 76 10.95 13.19 1.33
CA LEU B 76 10.09 12.36 2.13
C LEU B 76 8.67 13.01 2.22
N ARG B 77 8.59 14.33 2.41
CA ARG B 77 7.30 15.02 2.42
C ARG B 77 6.53 14.73 1.13
N ARG B 78 7.24 14.74 0.01
CA ARG B 78 6.62 14.50 -1.29
C ARG B 78 6.14 13.05 -1.41
N ARG B 79 6.89 12.08 -0.89
CA ARG B 79 6.55 10.68 -1.14
C ARG B 79 5.60 10.18 -0.07
N VAL B 80 5.61 10.76 1.13
CA VAL B 80 4.72 10.32 2.21
C VAL B 80 3.97 11.53 2.68
N PRO B 81 2.80 11.87 2.09
CA PRO B 81 2.02 13.01 2.58
C PRO B 81 1.76 13.07 4.10
N SER B 82 1.64 11.94 4.81
CA SER B 82 1.42 12.00 6.26
C SER B 82 2.70 12.28 7.04
N PHE B 83 3.90 12.31 6.43
CA PHE B 83 5.11 12.70 7.16
C PHE B 83 5.07 14.19 7.48
N GLU B 84 5.14 14.52 8.79
CA GLU B 84 5.15 15.90 9.30
C GLU B 84 6.54 16.25 9.82
N LYS B 85 7.17 15.38 10.63
CA LYS B 85 8.41 15.70 11.34
C LYS B 85 9.19 14.42 11.71
N LEU B 86 10.50 14.66 11.93
CA LEU B 86 11.34 13.64 12.50
C LEU B 86 11.13 13.60 14.01
N GLU B 87 10.97 12.40 14.57
CA GLU B 87 10.94 12.29 16.01
C GLU B 87 12.27 12.75 16.64
N THR B 88 13.37 12.36 16.03
CA THR B 88 14.70 12.66 16.55
C THR B 88 15.70 12.51 15.42
N ILE B 89 16.87 13.06 15.65
CA ILE B 89 18.02 12.90 14.77
C ILE B 89 19.21 12.36 15.58
N GLY B 90 19.91 11.41 14.96
CA GLY B 90 21.25 10.99 15.38
C GLY B 90 22.36 11.48 14.43
N ILE B 91 23.56 11.76 15.01
CA ILE B 91 24.70 12.19 14.19
C ILE B 91 25.87 11.19 14.38
N ALA B 92 26.70 11.09 13.34
CA ALA B 92 27.91 10.28 13.31
C ALA B 92 28.95 11.00 12.46
N ASN B 93 30.24 10.83 12.85
CA ASN B 93 31.25 11.75 12.34
C ASN B 93 32.60 11.02 12.24
N GLN B 94 33.34 11.45 11.23
CA GLN B 94 34.80 11.26 11.16
C GLN B 94 35.47 11.57 12.50
N ARG B 95 36.22 10.59 13.00
CA ARG B 95 36.84 10.67 14.31
C ARG B 95 38.16 11.44 14.18
N GLU B 96 38.65 11.91 15.33
CA GLU B 96 39.94 12.52 15.58
C GLU B 96 40.03 13.91 15.04
N THR B 97 39.50 14.12 13.82
CA THR B 97 39.47 15.44 13.18
C THR B 97 39.04 16.51 14.19
N THR B 98 39.83 17.61 14.23
CA THR B 98 39.83 18.56 15.32
C THR B 98 39.53 19.95 14.78
N VAL B 99 38.55 20.64 15.47
CA VAL B 99 38.14 21.97 15.15
C VAL B 99 38.53 22.87 16.31
N ALA B 100 38.92 24.12 15.99
CA ALA B 100 39.13 25.18 17.00
C ALA B 100 38.18 26.33 16.67
N TRP B 101 37.39 26.78 17.66
CA TRP B 101 36.55 27.93 17.36
C TRP B 101 36.46 28.83 18.58
N ASP B 102 35.94 30.04 18.38
CA ASP B 102 35.74 31.01 19.46
C ASP B 102 34.29 30.99 19.95
N ARG B 103 34.17 30.74 21.26
CA ARG B 103 32.92 30.69 22.00
C ARG B 103 32.09 31.95 21.81
N VAL B 104 32.75 33.13 21.80
CA VAL B 104 32.13 34.46 21.79
C VAL B 104 31.87 34.92 20.36
N THR B 105 32.87 34.96 19.48
CA THR B 105 32.66 35.44 18.12
C THR B 105 31.88 34.41 17.29
N LYS B 106 31.93 33.13 17.73
CA LYS B 106 31.35 31.97 17.09
C LYS B 106 32.01 31.49 15.77
N GLU B 107 33.12 32.10 15.38
CA GLU B 107 33.92 31.80 14.20
C GLU B 107 34.93 30.69 14.50
N THR B 108 35.20 29.88 13.47
CA THR B 108 36.31 28.97 13.50
C THR B 108 37.60 29.81 13.50
N LEU B 109 38.66 29.29 14.14
CA LEU B 109 39.95 29.99 14.21
C LEU B 109 40.96 29.41 13.21
N TYR B 110 40.52 28.37 12.46
CA TYR B 110 41.34 27.62 11.52
C TYR B 110 40.47 26.51 10.89
N ASN B 111 40.97 25.92 9.80
CA ASN B 111 40.35 24.73 9.24
C ASN B 111 40.45 23.58 10.25
N ALA B 112 39.59 22.59 10.00
CA ALA B 112 39.58 21.34 10.72
C ALA B 112 40.75 20.49 10.25
N ILE B 113 41.55 20.03 11.20
CA ILE B 113 42.68 19.19 10.88
C ILE B 113 42.21 17.76 11.00
N VAL B 114 42.35 17.05 9.85
CA VAL B 114 41.69 15.77 9.69
C VAL B 114 42.53 14.69 10.34
N TRP B 115 41.87 13.60 10.71
CA TRP B 115 42.50 12.48 11.38
C TRP B 115 43.83 12.04 10.70
N SER B 116 43.85 11.98 9.37
CA SER B 116 44.94 11.41 8.57
C SER B 116 46.00 12.47 8.29
N ASP B 117 45.79 13.73 8.70
CA ASP B 117 46.84 14.71 8.50
C ASP B 117 48.10 14.31 9.30
N LEU B 118 49.28 14.65 8.71
CA LEU B 118 50.61 14.33 9.27
C LEU B 118 51.38 15.56 9.75
N ARG B 119 50.80 16.77 9.81
CA ARG B 119 51.56 18.00 10.11
C ARG B 119 52.01 18.00 11.57
N SER B 120 51.35 17.18 12.41
CA SER B 120 51.63 17.07 13.83
C SER B 120 52.78 16.10 14.12
N TYR B 121 53.47 15.58 13.10
CA TYR B 121 54.53 14.57 13.30
C TYR B 121 55.60 15.02 14.31
N GLU B 122 56.07 16.27 14.27
CA GLU B 122 57.09 16.79 15.12
C GLU B 122 56.53 16.92 16.53
N VAL B 123 55.28 17.44 16.66
CA VAL B 123 54.66 17.44 17.97
C VAL B 123 54.60 16.02 18.54
N THR B 124 54.24 14.99 17.78
CA THR B 124 54.12 13.67 18.37
C THR B 124 55.49 13.10 18.71
N ALA B 125 56.54 13.37 17.91
CA ALA B 125 57.89 12.93 18.23
C ALA B 125 58.33 13.57 19.55
N ASN B 126 58.05 14.88 19.72
CA ASN B 126 58.43 15.61 20.90
C ASN B 126 57.76 15.00 22.13
N VAL B 127 56.47 14.58 22.00
CA VAL B 127 55.75 14.01 23.13
C VAL B 127 56.33 12.65 23.53
N LYS B 128 56.49 11.80 22.55
CA LYS B 128 57.11 10.48 22.73
C LYS B 128 58.51 10.57 23.40
N LYS B 129 59.33 11.56 23.04
CA LYS B 129 60.68 11.71 23.55
C LYS B 129 60.62 12.33 24.93
N GLU B 130 59.93 13.45 25.12
CA GLU B 130 59.98 14.21 26.36
C GLU B 130 59.13 13.56 27.47
N LEU B 131 58.00 12.98 27.11
CA LEU B 131 56.99 12.63 28.11
C LEU B 131 56.74 11.13 28.10
N GLY B 132 57.01 10.45 26.97
CA GLY B 132 56.79 9.02 26.79
C GLY B 132 58.05 8.17 27.08
N GLY B 133 59.20 8.86 27.35
CA GLY B 133 60.55 8.28 27.42
C GLY B 133 60.84 7.31 26.28
N GLY B 134 60.40 7.70 25.06
CA GLY B 134 60.58 6.94 23.84
C GLY B 134 59.59 5.83 23.56
N ASP B 135 58.57 5.64 24.45
CA ASP B 135 57.61 4.56 24.33
C ASP B 135 56.29 5.18 23.79
N ASP B 136 55.85 4.80 22.58
CA ASP B 136 54.64 5.37 22.00
C ASP B 136 53.39 4.81 22.74
N LEU B 137 53.53 3.71 23.53
CA LEU B 137 52.45 3.14 24.35
C LEU B 137 52.49 3.63 25.81
N PHE B 138 53.26 4.72 26.06
CA PHE B 138 53.47 5.15 27.43
C PHE B 138 52.17 5.50 28.13
N PHE B 139 51.18 6.11 27.45
CA PHE B 139 49.91 6.52 28.07
C PHE B 139 48.78 5.52 27.78
N ALA B 140 49.05 4.39 27.12
CA ALA B 140 48.04 3.46 26.66
C ALA B 140 47.13 2.95 27.78
N LYS B 141 47.65 2.76 28.98
CA LYS B 141 46.83 2.28 30.09
C LYS B 141 45.87 3.37 30.60
N MET B 142 46.13 4.66 30.34
CA MET B 142 45.24 5.71 30.76
C MET B 142 44.15 6.02 29.69
N ASN B 143 44.46 6.07 28.39
CA ASN B 143 43.55 6.53 27.36
C ASN B 143 43.25 5.47 26.30
N GLY B 144 43.94 4.33 26.37
CA GLY B 144 43.78 3.20 25.46
C GLY B 144 44.53 3.32 24.13
N LEU B 145 45.21 4.47 23.91
CA LEU B 145 45.77 4.78 22.59
C LEU B 145 47.33 4.79 22.58
N ARG B 146 47.86 5.09 21.39
CA ARG B 146 49.29 5.18 21.02
C ARG B 146 49.66 6.62 20.68
N ILE B 147 50.86 7.09 21.11
CA ILE B 147 51.30 8.41 20.74
C ILE B 147 51.46 8.43 19.24
N SER B 148 50.77 9.32 18.52
CA SER B 148 50.53 9.17 17.07
C SER B 148 49.99 10.48 16.51
N THR B 149 50.19 10.73 15.22
CA THR B 149 49.63 11.91 14.54
C THR B 149 48.08 11.87 14.42
N TYR B 150 47.49 10.67 14.54
CA TYR B 150 46.05 10.42 14.40
C TYR B 150 45.22 11.22 15.41
N PHE B 151 45.63 11.32 16.70
CA PHE B 151 44.70 11.66 17.78
C PHE B 151 44.67 13.16 18.05
N SER B 152 43.52 13.63 18.54
CA SER B 152 43.12 15.01 18.45
C SER B 152 44.07 15.93 19.23
N ALA B 153 44.47 15.51 20.42
CA ALA B 153 45.35 16.31 21.25
C ALA B 153 46.59 16.85 20.51
N PHE B 154 47.19 16.05 19.61
CA PHE B 154 48.41 16.43 18.88
C PHE B 154 48.10 17.53 17.85
N LYS B 155 46.84 17.53 17.28
CA LYS B 155 46.42 18.57 16.38
C LYS B 155 46.16 19.85 17.14
N MET B 156 45.59 19.73 18.34
CA MET B 156 45.29 20.91 19.16
C MET B 156 46.59 21.60 19.61
N ARG B 157 47.57 20.78 20.05
CA ARG B 157 48.86 21.31 20.44
C ARG B 157 49.53 22.02 19.24
N TRP B 158 49.57 21.32 18.07
CA TRP B 158 50.02 21.93 16.82
C TRP B 158 49.39 23.32 16.65
N MET B 159 48.06 23.43 16.85
CA MET B 159 47.42 24.70 16.54
C MET B 159 47.87 25.76 17.54
N LEU B 160 47.95 25.41 18.84
CA LEU B 160 48.41 26.36 19.85
C LEU B 160 49.83 26.90 19.51
N GLU B 161 50.69 26.08 18.92
CA GLU B 161 52.06 26.48 18.54
C GLU B 161 52.18 27.18 17.16
N ASN B 162 51.22 26.94 16.22
CA ASN B 162 51.38 27.37 14.84
C ASN B 162 50.34 28.41 14.37
N VAL B 163 49.24 28.61 15.09
CA VAL B 163 48.14 29.46 14.66
C VAL B 163 47.88 30.55 15.72
N PRO B 164 48.38 31.78 15.50
CA PRO B 164 48.23 32.86 16.45
C PRO B 164 46.81 33.06 16.97
N LYS B 165 45.79 32.93 16.11
CA LYS B 165 44.41 33.20 16.53
C LYS B 165 43.94 32.17 17.57
N VAL B 166 44.48 30.91 17.50
CA VAL B 166 44.13 29.89 18.47
C VAL B 166 44.70 30.18 19.83
N GLU B 167 45.97 30.58 19.82
CA GLU B 167 46.70 30.93 20.99
C GLU B 167 46.07 32.16 21.63
N GLU B 168 45.65 33.16 20.82
CA GLU B 168 45.03 34.37 21.37
C GLU B 168 43.69 34.05 21.97
N ALA B 169 42.86 33.13 21.39
CA ALA B 169 41.57 32.73 21.99
C ALA B 169 41.81 31.96 23.30
N ARG B 170 42.86 31.11 23.37
CA ARG B 170 43.17 30.47 24.63
C ARG B 170 43.50 31.53 25.67
N LYS B 171 44.29 32.55 25.30
CA LYS B 171 44.70 33.52 26.31
C LYS B 171 43.49 34.35 26.77
N ARG B 172 42.54 34.64 25.88
CA ARG B 172 41.32 35.34 26.25
C ARG B 172 40.30 34.45 27.03
N GLY B 173 40.43 33.12 27.18
CA GLY B 173 39.37 32.41 27.91
C GLY B 173 38.23 31.96 26.97
N THR B 174 38.31 32.14 25.63
CA THR B 174 37.20 31.96 24.71
C THR B 174 37.42 30.80 23.72
N LEU B 175 38.47 30.02 23.90
CA LEU B 175 38.84 29.00 22.93
C LEU B 175 38.05 27.70 23.16
N CYS B 176 37.44 27.16 22.10
CA CYS B 176 36.84 25.83 22.12
C CYS B 176 37.59 24.93 21.13
N PHE B 177 37.92 23.74 21.62
CA PHE B 177 38.34 22.65 20.77
C PHE B 177 37.25 21.59 20.79
N GLY B 178 37.06 20.95 19.65
CA GLY B 178 36.29 19.72 19.65
C GLY B 178 36.44 18.91 18.39
N THR B 179 36.12 17.63 18.51
CA THR B 179 35.86 16.70 17.45
C THR B 179 34.60 17.18 16.70
N ILE B 180 34.27 16.49 15.61
CA ILE B 180 33.31 17.02 14.66
C ILE B 180 31.88 16.86 15.21
N ASP B 181 31.62 15.83 16.03
CA ASP B 181 30.41 15.74 16.85
C ASP B 181 30.19 17.05 17.63
N ALA B 182 31.18 17.52 18.43
CA ALA B 182 31.03 18.73 19.19
C ALA B 182 30.74 19.93 18.28
N TRP B 183 31.49 20.03 17.18
CA TRP B 183 31.33 21.13 16.22
C TRP B 183 29.90 21.13 15.66
N LEU B 184 29.39 19.95 15.28
CA LEU B 184 28.07 19.89 14.64
C LEU B 184 26.96 20.27 15.68
N LEU B 185 27.06 19.75 16.95
CA LEU B 185 26.15 20.07 18.05
C LEU B 185 26.22 21.57 18.37
N TRP B 186 27.41 22.17 18.29
CA TRP B 186 27.58 23.59 18.55
C TRP B 186 26.80 24.36 17.49
N LYS B 187 26.91 23.96 16.24
CA LYS B 187 26.25 24.68 15.14
C LYS B 187 24.73 24.46 15.16
N LEU B 188 24.30 23.21 15.39
CA LEU B 188 22.90 22.83 15.52
C LEU B 188 22.17 23.59 16.63
N SER B 189 22.85 23.88 17.74
CA SER B 189 22.28 24.54 18.92
C SER B 189 22.37 26.07 18.82
N GLY B 190 22.91 26.61 17.71
CA GLY B 190 23.17 28.02 17.60
C GLY B 190 24.25 28.48 18.59
N GLY B 191 25.27 27.65 18.94
CA GLY B 191 26.23 28.16 19.89
C GLY B 191 25.88 27.98 21.39
N LYS B 192 24.95 27.12 21.70
CA LYS B 192 24.44 27.06 23.06
C LYS B 192 24.79 25.74 23.78
N VAL B 193 25.16 24.69 23.00
CA VAL B 193 25.69 23.50 23.64
C VAL B 193 27.09 23.17 23.09
N PHE B 194 27.94 22.76 24.05
CA PHE B 194 29.38 22.47 23.97
C PHE B 194 29.62 21.13 24.68
N VAL B 195 29.39 20.05 23.92
CA VAL B 195 29.33 18.68 24.38
C VAL B 195 29.94 17.76 23.32
N THR B 196 30.36 16.56 23.79
CA THR B 196 30.89 15.50 22.91
C THR B 196 30.39 14.18 23.49
N ASP B 197 30.16 13.17 22.64
CA ASP B 197 29.82 11.86 23.17
C ASP B 197 31.12 11.12 23.55
N VAL B 198 30.97 10.08 24.39
CA VAL B 198 32.10 9.42 24.96
C VAL B 198 32.92 8.70 23.86
N THR B 199 32.27 8.19 22.78
CA THR B 199 33.02 7.43 21.76
C THR B 199 34.03 8.37 21.06
N ASN B 200 33.60 9.60 20.74
CA ASN B 200 34.47 10.61 20.12
C ASN B 200 35.57 11.09 21.11
N ALA B 201 35.22 11.26 22.40
CA ALA B 201 36.15 11.74 23.43
C ALA B 201 37.32 10.76 23.62
N SER B 202 37.03 9.47 23.40
CA SER B 202 37.98 8.36 23.53
C SER B 202 39.08 8.44 22.47
N ARG B 203 38.94 9.34 21.48
CA ARG B 203 39.84 9.44 20.31
C ARG B 203 40.71 10.69 20.40
N THR B 204 40.56 11.49 21.44
CA THR B 204 41.25 12.75 21.60
C THR B 204 42.63 12.62 22.27
N PHE B 205 42.91 11.46 22.95
CA PHE B 205 44.08 11.27 23.75
C PHE B 205 43.98 11.91 25.13
N LEU B 206 42.90 12.67 25.40
CA LEU B 206 42.78 13.42 26.63
C LEU B 206 41.80 12.81 27.66
N MET B 207 41.08 11.75 27.29
CA MET B 207 40.10 11.11 28.17
C MET B 207 40.70 9.84 28.80
N ASP B 208 40.51 9.72 30.13
CA ASP B 208 40.75 8.49 30.87
C ASP B 208 39.74 7.45 30.42
N ILE B 209 40.22 6.35 29.83
CA ILE B 209 39.39 5.35 29.14
C ILE B 209 38.55 4.51 30.14
N ARG B 210 39.06 4.37 31.37
CA ARG B 210 38.36 3.65 32.44
C ARG B 210 37.17 4.45 33.03
N THR B 211 37.37 5.74 33.35
CA THR B 211 36.33 6.54 33.96
C THR B 211 35.51 7.28 32.89
N CYS B 212 36.00 7.40 31.66
CA CYS B 212 35.42 8.26 30.62
C CYS B 212 35.23 9.71 31.06
N LYS B 213 36.23 10.24 31.78
CA LYS B 213 36.30 11.66 32.07
C LYS B 213 37.62 12.25 31.56
N TRP B 214 37.65 13.57 31.36
CA TRP B 214 38.90 14.23 31.00
C TRP B 214 40.02 13.95 32.04
N SER B 215 41.22 13.60 31.64
CA SER B 215 42.34 13.40 32.58
C SER B 215 43.07 14.72 32.84
N PRO B 216 43.10 15.25 34.07
CA PRO B 216 43.93 16.43 34.39
C PRO B 216 45.41 16.19 34.00
N GLU B 217 45.93 14.99 34.18
CA GLU B 217 47.31 14.71 33.86
C GLU B 217 47.54 14.81 32.33
N LEU B 218 46.69 14.20 31.50
CA LEU B 218 46.89 14.25 30.06
C LEU B 218 46.69 15.67 29.51
N CYS B 219 45.75 16.46 30.06
CA CYS B 219 45.54 17.84 29.64
C CYS B 219 46.80 18.70 29.96
N ASP B 220 47.37 18.57 31.17
CA ASP B 220 48.51 19.33 31.61
C ASP B 220 49.73 18.97 30.75
N LYS B 221 49.95 17.68 30.50
CA LYS B 221 51.07 17.24 29.72
C LYS B 221 50.98 17.68 28.25
N LEU B 222 49.76 17.74 27.66
CA LEU B 222 49.70 18.15 26.28
C LEU B 222 49.47 19.65 26.12
N GLY B 223 49.53 20.41 27.22
CA GLY B 223 49.38 21.85 27.16
C GLY B 223 47.95 22.20 26.69
N ILE B 224 46.93 21.38 26.99
CA ILE B 224 45.55 21.70 26.67
C ILE B 224 44.72 21.93 27.94
N PRO B 225 44.25 23.17 28.22
CA PRO B 225 43.38 23.43 29.38
C PRO B 225 42.03 22.73 29.18
N MET B 226 41.65 22.02 30.23
CA MET B 226 40.47 21.20 30.19
C MET B 226 39.20 22.01 29.91
N ALA B 227 39.22 23.29 30.27
CA ALA B 227 38.08 24.19 30.05
C ALA B 227 37.88 24.53 28.57
N CYS B 228 38.85 24.17 27.71
CA CYS B 228 38.71 24.27 26.26
C CYS B 228 37.89 23.10 25.70
N LEU B 229 37.63 22.09 26.50
CA LEU B 229 37.10 20.84 25.96
C LEU B 229 35.59 20.76 26.19
N PRO B 230 34.83 20.06 25.33
CA PRO B 230 33.39 19.91 25.53
C PRO B 230 33.14 19.02 26.73
N GLU B 231 31.92 19.09 27.25
CA GLU B 231 31.42 18.18 28.25
C GLU B 231 31.11 16.82 27.60
N ILE B 232 31.61 15.77 28.23
CA ILE B 232 31.38 14.41 27.80
C ILE B 232 29.98 13.94 28.22
N ARG B 233 29.29 13.28 27.29
CA ARG B 233 28.00 12.61 27.51
C ARG B 233 28.01 11.22 26.92
N SER B 234 26.93 10.47 27.08
CA SER B 234 26.77 9.20 26.42
C SER B 234 26.46 9.38 24.93
N ASN B 235 26.24 8.25 24.21
CA ASN B 235 25.85 8.30 22.81
C ASN B 235 24.35 8.52 22.56
N SER B 236 23.51 8.50 23.65
CA SER B 236 22.07 8.24 23.52
C SER B 236 21.31 8.98 24.61
N GLU B 237 21.07 10.26 24.41
CA GLU B 237 20.44 11.14 25.37
C GLU B 237 20.18 12.46 24.64
N LEU B 238 19.50 13.39 25.30
CA LEU B 238 19.30 14.69 24.68
C LEU B 238 20.59 15.50 24.59
N PHE B 239 20.98 15.91 23.39
CA PHE B 239 22.16 16.72 23.20
C PHE B 239 21.72 18.16 22.97
N THR B 240 20.77 18.42 22.06
CA THR B 240 20.26 19.76 21.80
C THR B 240 19.00 19.65 20.97
N TYR B 241 18.12 20.65 21.03
CA TYR B 241 17.11 20.80 20.00
C TYR B 241 17.83 21.58 18.90
N VAL B 242 17.37 21.40 17.67
CA VAL B 242 17.83 22.21 16.58
C VAL B 242 17.32 23.64 16.72
N LEU B 243 18.25 24.57 17.00
CA LEU B 243 17.92 25.97 17.17
C LEU B 243 18.38 26.80 15.97
N SER B 244 19.23 26.33 15.11
CA SER B 244 19.77 27.19 14.08
C SER B 244 18.91 27.05 12.83
N ASP B 245 18.70 28.16 12.15
CA ASP B 245 18.11 28.20 10.83
C ASP B 245 19.07 28.70 9.76
N GLU B 246 20.38 28.57 10.00
CA GLU B 246 21.38 28.51 8.92
C GLU B 246 21.07 27.36 7.96
N GLY B 247 21.09 27.76 6.71
CA GLY B 247 20.78 26.93 5.56
C GLY B 247 19.29 26.66 5.37
N GLY B 248 18.43 27.25 6.21
CA GLY B 248 17.03 26.89 6.26
C GLY B 248 16.78 25.55 6.97
N LEU B 249 17.71 25.09 7.83
CA LEU B 249 17.55 23.82 8.53
C LEU B 249 16.22 23.77 9.33
N SER B 250 15.98 24.70 10.24
CA SER B 250 14.94 24.48 11.24
C SER B 250 13.53 24.72 10.62
N THR B 251 13.45 25.60 9.66
CA THR B 251 12.35 25.70 8.71
C THR B 251 12.08 24.40 7.97
N ALA B 252 13.09 23.70 7.48
CA ALA B 252 12.89 22.45 6.76
C ALA B 252 12.35 21.37 7.70
N LEU B 253 12.84 21.38 8.97
CA LEU B 253 12.44 20.39 9.96
C LEU B 253 10.99 20.70 10.42
N ARG B 254 10.61 22.00 10.41
CA ARG B 254 9.23 22.52 10.55
C ARG B 254 8.81 22.51 12.02
N HIS B 255 9.03 21.39 12.73
CA HIS B 255 8.71 21.25 14.14
C HIS B 255 9.99 21.16 14.94
N PRO B 256 9.87 21.43 16.26
CA PRO B 256 10.97 21.22 17.18
C PRO B 256 11.46 19.78 17.02
N THR B 257 12.75 19.62 16.69
CA THR B 257 13.36 18.30 16.47
C THR B 257 14.62 18.12 17.33
N PRO B 258 14.61 17.12 18.25
CA PRO B 258 15.72 16.89 19.17
C PRO B 258 16.84 16.00 18.58
N ILE B 259 18.07 16.44 18.85
CA ILE B 259 19.27 15.57 18.63
C ILE B 259 19.52 14.68 19.82
N MET B 260 19.32 13.38 19.62
CA MET B 260 19.36 12.47 20.77
C MET B 260 20.30 11.27 20.54
N GLY B 261 21.13 11.34 19.49
CA GLY B 261 22.18 10.34 19.29
C GLY B 261 23.43 10.99 18.69
N SER B 262 24.62 10.58 19.16
CA SER B 262 25.91 11.10 18.70
C SER B 262 26.92 9.99 18.91
N ILE B 263 27.60 9.59 17.79
CA ILE B 263 28.48 8.44 17.86
C ILE B 263 29.58 8.59 16.82
N ALA B 264 30.82 8.41 17.30
CA ALA B 264 32.01 8.21 16.46
C ALA B 264 31.69 7.22 15.32
N ASP B 265 32.01 7.58 14.04
CA ASP B 265 31.46 6.84 12.90
C ASP B 265 31.71 5.34 12.97
N GLN B 266 32.93 4.90 13.26
CA GLN B 266 33.22 3.46 13.18
C GLN B 266 32.49 2.69 14.25
N GLN B 267 32.40 3.28 15.45
CA GLN B 267 31.55 2.74 16.51
C GLN B 267 30.05 2.73 16.09
N GLY B 268 29.58 3.76 15.33
CA GLY B 268 28.25 3.75 14.72
C GLY B 268 28.06 2.50 13.89
N ALA B 269 29.04 2.19 13.03
CA ALA B 269 28.98 1.05 12.12
C ALA B 269 28.96 -0.25 12.92
N LEU B 270 29.73 -0.28 14.02
CA LEU B 270 29.69 -1.46 14.86
C LEU B 270 28.27 -1.70 15.45
N LEU B 271 27.64 -0.61 15.94
CA LEU B 271 26.26 -0.69 16.41
C LEU B 271 25.26 -0.97 15.29
N GLY B 272 25.49 -0.37 14.12
CA GLY B 272 24.58 -0.56 13.00
C GLY B 272 24.64 -1.96 12.42
N ASN B 273 25.78 -2.63 12.65
CA ASN B 273 25.96 -4.03 12.29
C ASN B 273 25.47 -4.92 13.43
N MET B 274 24.87 -4.36 14.49
CA MET B 274 24.21 -5.15 15.50
C MET B 274 25.24 -5.87 16.38
N CYS B 275 26.45 -5.28 16.53
CA CYS B 275 27.51 -5.94 17.28
C CYS B 275 27.54 -5.48 18.74
N PHE B 276 26.54 -5.94 19.51
CA PHE B 276 26.27 -5.43 20.85
C PHE B 276 27.01 -6.19 21.94
N LYS B 277 27.25 -7.49 21.72
CA LYS B 277 27.73 -8.43 22.70
C LYS B 277 29.23 -8.70 22.53
N GLU B 278 29.85 -9.18 23.59
CA GLU B 278 31.24 -9.56 23.66
C GLU B 278 31.62 -10.48 22.48
N GLY B 279 32.59 -10.06 21.71
CA GLY B 279 33.14 -10.88 20.64
C GLY B 279 32.57 -10.61 19.26
N GLU B 280 31.56 -9.73 19.17
CA GLU B 280 30.90 -9.46 17.91
C GLU B 280 31.67 -8.34 17.24
N SER B 281 31.94 -8.55 15.95
CA SER B 281 32.97 -7.79 15.28
C SER B 281 32.53 -7.47 13.85
N LYS B 282 33.09 -6.36 13.37
CA LYS B 282 32.88 -6.00 12.01
C LYS B 282 34.18 -5.40 11.47
N ASN B 283 34.31 -5.55 10.16
CA ASN B 283 35.34 -4.88 9.39
C ASN B 283 34.67 -4.10 8.25
N THR B 284 35.04 -2.82 8.13
CA THR B 284 34.70 -2.01 6.98
C THR B 284 35.86 -1.99 5.99
N TYR B 285 35.58 -2.35 4.76
CA TYR B 285 36.53 -2.36 3.67
C TYR B 285 36.39 -1.12 2.80
N GLY B 286 37.29 -0.15 2.94
CA GLY B 286 37.30 0.97 2.03
C GLY B 286 38.70 1.23 1.47
N THR B 287 39.18 2.46 1.55
CA THR B 287 40.57 2.82 1.33
C THR B 287 41.53 1.98 2.21
N GLY B 288 41.16 1.99 3.50
CA GLY B 288 41.66 1.11 4.52
C GLY B 288 40.51 0.29 5.07
N CYS B 289 40.86 -0.46 6.10
CA CYS B 289 39.95 -1.23 6.90
C CYS B 289 39.93 -0.65 8.31
N PHE B 290 38.75 -0.74 8.94
CA PHE B 290 38.61 -0.54 10.37
C PHE B 290 37.87 -1.72 10.94
N LEU B 291 38.56 -2.47 11.78
CA LEU B 291 37.99 -3.65 12.40
C LEU B 291 37.77 -3.32 13.86
N LEU B 292 36.50 -3.45 14.30
CA LEU B 292 36.19 -3.21 15.71
C LEU B 292 35.50 -4.44 16.27
N MET B 293 35.90 -4.82 17.47
CA MET B 293 35.32 -5.94 18.18
C MET B 293 34.80 -5.38 19.51
N THR B 294 33.52 -5.62 19.73
CA THR B 294 32.93 -5.35 21.05
C THR B 294 33.47 -6.32 22.09
N VAL B 295 33.86 -5.81 23.27
CA VAL B 295 34.36 -6.72 24.32
C VAL B 295 33.52 -6.68 25.58
N GLY B 296 32.48 -5.82 25.60
CA GLY B 296 31.45 -5.80 26.66
C GLY B 296 31.86 -4.79 27.74
N GLU B 297 31.51 -5.08 28.98
CA GLU B 297 31.70 -4.14 30.08
C GLU B 297 33.13 -4.14 30.64
N ARG B 298 33.84 -5.27 30.50
CA ARG B 298 35.21 -5.36 31.05
C ARG B 298 36.20 -4.89 29.97
N ILE B 299 36.81 -3.73 30.18
CA ILE B 299 37.73 -3.14 29.21
C ILE B 299 38.87 -4.13 29.00
N ARG B 300 39.35 -4.23 27.74
CA ARG B 300 40.49 -5.05 27.40
C ARG B 300 41.59 -4.15 26.86
N PHE B 301 42.81 -4.38 27.42
CA PHE B 301 44.03 -3.79 26.88
C PHE B 301 44.75 -4.82 26.03
N SER B 302 45.19 -4.40 24.86
CA SER B 302 45.85 -5.31 23.89
C SER B 302 47.26 -5.76 24.33
N ASP B 303 47.66 -7.01 24.08
CA ASP B 303 49.06 -7.46 24.13
C ASP B 303 49.74 -7.37 22.76
N HIS B 304 49.12 -6.72 21.78
CA HIS B 304 49.54 -6.79 20.41
C HIS B 304 49.49 -5.39 19.80
N GLY B 305 49.47 -4.31 20.59
CA GLY B 305 49.45 -2.96 19.99
C GLY B 305 48.11 -2.48 19.40
N LEU B 306 47.00 -3.22 19.60
CA LEU B 306 45.66 -2.75 19.20
C LEU B 306 45.19 -1.61 20.13
N LEU B 307 44.23 -0.76 19.65
CA LEU B 307 43.58 0.27 20.45
C LEU B 307 42.52 -0.33 21.38
N SER B 308 42.48 0.21 22.62
CA SER B 308 41.32 0.09 23.51
C SER B 308 40.44 1.33 23.30
N THR B 309 39.14 1.11 23.01
CA THR B 309 38.23 2.26 22.73
C THR B 309 36.86 1.95 23.35
N VAL B 310 36.00 2.97 23.42
CA VAL B 310 34.61 2.79 23.86
C VAL B 310 33.81 2.41 22.62
N ALA B 311 33.05 1.30 22.70
CA ALA B 311 32.10 0.87 21.69
C ALA B 311 30.83 1.78 21.71
N TYR B 312 30.30 1.98 22.90
CA TYR B 312 29.06 2.73 23.06
C TYR B 312 28.69 2.83 24.54
N GLN B 313 27.88 3.86 24.85
CA GLN B 313 27.13 3.99 26.09
C GLN B 313 25.73 4.54 25.74
N LEU B 314 24.72 3.71 26.06
CA LEU B 314 23.35 4.01 25.69
C LEU B 314 22.63 4.64 26.87
N GLY B 315 22.85 5.93 27.10
CA GLY B 315 22.18 6.60 28.22
C GLY B 315 23.16 6.88 29.33
N ASN B 316 23.02 8.03 29.96
CA ASN B 316 24.02 8.45 30.92
C ASN B 316 23.95 7.59 32.19
N LYS B 317 22.86 6.85 32.42
CA LYS B 317 22.91 5.90 33.52
C LYS B 317 23.38 4.52 33.03
N SER B 318 23.72 4.29 31.75
CA SER B 318 23.98 2.92 31.33
C SER B 318 25.49 2.63 31.47
N PRO B 319 25.86 1.33 31.43
CA PRO B 319 27.30 1.00 31.47
C PRO B 319 28.07 1.43 30.22
N PHE B 320 29.37 1.70 30.40
CA PHE B 320 30.31 1.79 29.29
C PHE B 320 30.57 0.40 28.69
N ILE B 321 30.35 0.29 27.39
CA ILE B 321 30.70 -0.91 26.65
C ILE B 321 32.00 -0.62 25.85
N TYR B 322 32.93 -1.55 25.92
CA TYR B 322 34.30 -1.36 25.36
C TYR B 322 34.51 -2.10 24.03
N ALA B 323 35.53 -1.68 23.27
CA ALA B 323 35.90 -2.31 21.99
C ALA B 323 37.43 -2.42 21.87
N LEU B 324 37.90 -3.36 21.02
CA LEU B 324 39.26 -3.33 20.51
C LEU B 324 39.16 -2.86 19.08
N GLU B 325 40.19 -2.16 18.60
CA GLU B 325 40.19 -1.67 17.26
C GLU B 325 41.58 -1.88 16.64
N GLY B 326 41.54 -2.37 15.38
CA GLY B 326 42.68 -2.26 14.48
C GLY B 326 42.30 -1.58 13.19
N SER B 327 43.31 -1.12 12.47
CA SER B 327 43.19 -0.58 11.13
C SER B 327 44.29 -1.15 10.20
N ILE B 328 43.99 -1.07 8.88
CA ILE B 328 44.88 -1.47 7.78
C ILE B 328 44.81 -0.35 6.74
N ALA B 329 45.95 0.25 6.31
CA ALA B 329 45.96 1.40 5.40
C ALA B 329 45.81 0.94 3.93
N GLY B 330 46.39 -0.20 3.54
CA GLY B 330 46.44 -0.62 2.13
C GLY B 330 45.45 -1.75 1.83
N ALA B 331 44.21 -1.31 1.73
CA ALA B 331 43.10 -2.05 1.16
C ALA B 331 42.78 -1.46 -0.21
N GLY B 332 41.70 -0.69 -0.34
CA GLY B 332 41.39 -0.10 -1.63
C GLY B 332 42.45 0.90 -2.10
N ALA B 333 43.22 1.48 -1.18
CA ALA B 333 44.32 2.35 -1.57
C ALA B 333 45.31 1.60 -2.47
N THR B 334 45.52 0.30 -2.16
CA THR B 334 46.46 -0.52 -2.91
C THR B 334 45.96 -0.59 -4.36
N ILE B 335 44.62 -0.76 -4.55
CA ILE B 335 44.04 -1.02 -5.86
C ILE B 335 44.08 0.25 -6.70
N GLU B 336 43.83 1.39 -6.08
CA GLU B 336 43.95 2.71 -6.72
C GLU B 336 45.38 3.00 -7.16
N TRP B 337 46.32 2.70 -6.28
CA TRP B 337 47.75 2.85 -6.52
C TRP B 337 48.13 1.96 -7.71
N LEU B 338 47.59 0.74 -7.77
CA LEU B 338 47.86 -0.15 -8.89
C LEU B 338 47.40 0.41 -10.21
N LYS B 339 46.26 1.13 -10.17
CA LYS B 339 45.69 1.74 -11.36
C LYS B 339 46.38 3.04 -11.76
N ASN B 340 46.46 3.98 -10.84
CA ASN B 340 46.89 5.36 -11.09
C ASN B 340 48.40 5.50 -11.13
N ASN B 341 49.14 4.84 -10.23
CA ASN B 341 50.60 4.94 -10.15
C ASN B 341 51.32 3.87 -11.02
N MET B 342 50.91 2.61 -10.86
CA MET B 342 51.58 1.53 -11.55
C MET B 342 51.04 1.32 -12.95
N LYS B 343 49.82 1.77 -13.22
CA LYS B 343 49.15 1.50 -14.50
C LYS B 343 49.03 0.04 -14.87
N LEU B 344 49.01 -0.84 -13.91
CA LEU B 344 48.90 -2.26 -14.18
C LEU B 344 47.49 -2.64 -14.62
N ILE B 345 46.50 -1.83 -14.21
CA ILE B 345 45.11 -1.92 -14.60
C ILE B 345 44.63 -0.53 -15.01
N ASP B 346 43.73 -0.50 -16.01
CA ASP B 346 43.04 0.71 -16.43
C ASP B 346 41.85 1.10 -15.58
N ASP B 347 41.09 0.10 -15.08
CA ASP B 347 40.00 0.33 -14.13
C ASP B 347 40.19 -0.53 -12.83
N VAL B 348 39.78 0.01 -11.72
CA VAL B 348 39.72 -0.67 -10.43
C VAL B 348 38.95 -1.99 -10.51
N SER B 349 37.96 -2.13 -11.39
CA SER B 349 37.21 -3.39 -11.52
C SER B 349 38.06 -4.50 -12.11
N ASP B 350 39.14 -4.13 -12.80
CA ASP B 350 39.99 -5.12 -13.42
C ASP B 350 40.83 -5.85 -12.38
N CYS B 351 40.98 -5.35 -11.14
CA CYS B 351 41.80 -6.08 -10.18
C CYS B 351 41.19 -7.47 -9.97
N GLU B 352 39.90 -7.44 -9.59
CA GLU B 352 39.13 -8.65 -9.40
C GLU B 352 38.99 -9.50 -10.67
N LYS B 353 38.64 -8.90 -11.80
CA LYS B 353 38.45 -9.66 -13.02
C LYS B 353 39.73 -10.42 -13.41
N PHE B 354 40.91 -9.75 -13.32
CA PHE B 354 42.16 -10.38 -13.73
C PHE B 354 42.67 -11.36 -12.68
N ALA B 355 42.49 -11.07 -11.38
CA ALA B 355 42.88 -11.97 -10.27
C ALA B 355 42.12 -13.29 -10.31
N GLN B 356 40.86 -13.20 -10.75
CA GLN B 356 39.91 -14.28 -10.90
C GLN B 356 40.50 -15.28 -11.86
N THR B 357 41.16 -14.81 -12.92
CA THR B 357 41.55 -15.74 -13.99
C THR B 357 42.67 -16.69 -13.52
N VAL B 358 43.27 -16.59 -12.33
CA VAL B 358 44.20 -17.64 -11.86
C VAL B 358 43.76 -18.15 -10.48
N SER B 359 44.03 -19.43 -10.21
CA SER B 359 43.61 -20.08 -8.96
C SER B 359 44.65 -19.98 -7.83
N ASP B 360 45.90 -19.56 -8.11
CA ASP B 360 46.92 -19.29 -7.08
C ASP B 360 47.86 -18.18 -7.59
N THR B 361 48.92 -17.86 -6.80
CA THR B 361 49.78 -16.75 -7.17
C THR B 361 51.14 -17.25 -7.67
N GLN B 362 51.25 -18.55 -7.90
CA GLN B 362 52.55 -19.20 -8.20
C GLN B 362 53.62 -18.85 -7.13
N GLY B 363 53.24 -18.67 -5.90
CA GLY B 363 54.13 -18.40 -4.79
C GLY B 363 54.41 -16.90 -4.48
N VAL B 364 53.76 -16.01 -5.23
CA VAL B 364 53.98 -14.60 -5.10
C VAL B 364 53.15 -14.11 -3.92
N VAL B 365 53.73 -13.24 -3.12
CA VAL B 365 53.03 -12.50 -2.08
C VAL B 365 53.35 -11.01 -2.25
N PHE B 366 52.33 -10.18 -2.03
CA PHE B 366 52.32 -8.74 -2.10
C PHE B 366 52.16 -8.18 -0.66
N VAL B 367 53.09 -7.32 -0.25
CA VAL B 367 53.03 -6.70 1.07
C VAL B 367 52.67 -5.22 0.89
N PRO B 368 51.43 -4.79 1.24
CA PRO B 368 51.03 -3.40 1.01
C PRO B 368 51.32 -2.43 2.18
N ALA B 369 52.53 -2.55 2.74
CA ALA B 369 53.00 -1.75 3.84
C ALA B 369 53.65 -0.47 3.36
N PHE B 370 52.92 0.25 2.51
CA PHE B 370 53.39 1.49 1.89
C PHE B 370 53.88 2.52 2.92
N SER B 371 53.28 2.60 4.12
CA SER B 371 53.90 3.46 5.14
C SER B 371 54.05 2.66 6.43
N GLY B 372 54.55 1.44 6.33
CA GLY B 372 54.85 0.70 7.53
C GLY B 372 53.67 -0.22 7.83
N PHE B 373 53.89 -1.12 8.81
CA PHE B 373 52.91 -2.04 9.28
C PHE B 373 52.31 -1.48 10.55
N LEU B 374 50.99 -1.63 10.67
CA LEU B 374 50.26 -1.15 11.84
C LEU B 374 50.13 -2.35 12.79
N ALA B 375 49.55 -2.09 13.97
CA ALA B 375 49.21 -3.21 14.84
C ALA B 375 48.31 -4.23 14.11
N PRO B 376 48.46 -5.56 14.34
CA PRO B 376 49.34 -6.15 15.35
C PRO B 376 50.74 -6.61 14.92
N SER B 377 51.23 -6.12 13.75
CA SER B 377 52.53 -6.42 13.14
C SER B 377 53.41 -5.18 13.21
N TRP B 378 53.20 -4.32 14.23
CA TRP B 378 53.72 -2.94 14.20
C TRP B 378 55.13 -2.91 13.60
N ASP B 379 55.40 -2.10 12.59
CA ASP B 379 56.75 -1.98 12.05
C ASP B 379 56.80 -0.77 11.13
N PRO B 380 57.12 0.46 11.60
CA PRO B 380 57.20 1.65 10.71
C PRO B 380 58.28 1.58 9.60
N SER B 381 59.20 0.56 9.68
CA SER B 381 60.31 0.43 8.74
C SER B 381 59.85 -0.36 7.52
N ALA B 382 58.75 -1.10 7.60
CA ALA B 382 58.26 -1.88 6.46
C ALA B 382 57.85 -0.98 5.27
N ARG B 383 58.07 -1.48 4.05
CA ARG B 383 57.60 -0.80 2.84
C ARG B 383 56.93 -1.80 1.91
N GLY B 384 56.24 -1.25 0.90
CA GLY B 384 55.54 -1.97 -0.15
C GLY B 384 56.54 -2.92 -0.84
N SER B 385 56.18 -4.22 -0.82
CA SER B 385 57.12 -5.26 -1.24
C SER B 385 56.40 -6.28 -2.11
N ILE B 386 57.14 -6.87 -3.06
CA ILE B 386 56.62 -8.08 -3.68
C ILE B 386 57.70 -9.14 -3.61
N PHE B 387 57.26 -10.36 -3.33
CA PHE B 387 58.17 -11.46 -3.25
C PHE B 387 57.69 -12.62 -4.14
N GLY B 388 58.66 -13.47 -4.49
CA GLY B 388 58.42 -14.76 -5.07
C GLY B 388 58.24 -14.79 -6.57
N MET B 389 58.60 -13.71 -7.27
CA MET B 389 58.26 -13.71 -8.70
C MET B 389 59.25 -14.54 -9.50
N THR B 390 58.77 -15.17 -10.56
CA THR B 390 59.59 -15.91 -11.51
C THR B 390 59.16 -15.38 -12.89
N LEU B 391 59.78 -15.89 -13.93
CA LEU B 391 59.42 -15.50 -15.30
C LEU B 391 57.97 -15.97 -15.63
N LYS B 392 57.43 -16.92 -14.90
CA LYS B 392 56.06 -17.37 -15.20
C LYS B 392 55.03 -16.38 -14.66
N THR B 393 55.41 -15.55 -13.66
CA THR B 393 54.53 -14.64 -13.00
C THR B 393 53.95 -13.61 -13.97
N THR B 394 52.63 -13.33 -13.83
CA THR B 394 51.86 -12.46 -14.70
C THR B 394 51.19 -11.44 -13.83
N ARG B 395 50.67 -10.41 -14.47
CA ARG B 395 49.96 -9.49 -13.60
C ARG B 395 48.75 -10.11 -12.91
N ALA B 396 48.12 -11.13 -13.47
CA ALA B 396 46.96 -11.75 -12.80
C ALA B 396 47.38 -12.28 -11.40
N HIS B 397 48.56 -12.95 -11.34
CA HIS B 397 49.13 -13.50 -10.13
C HIS B 397 49.44 -12.39 -9.11
N VAL B 398 49.96 -11.25 -9.59
CA VAL B 398 50.26 -10.15 -8.67
C VAL B 398 48.97 -9.47 -8.12
N LEU B 399 47.97 -9.30 -8.98
CA LEU B 399 46.70 -8.72 -8.55
C LEU B 399 46.01 -9.65 -7.55
N ARG B 400 46.02 -10.95 -7.82
CA ARG B 400 45.49 -11.89 -6.85
C ARG B 400 46.21 -11.75 -5.49
N ALA B 401 47.56 -11.60 -5.55
CA ALA B 401 48.37 -11.46 -4.36
C ALA B 401 48.04 -10.19 -3.56
N ALA B 402 47.71 -9.07 -4.24
CA ALA B 402 47.33 -7.82 -3.58
C ALA B 402 45.99 -7.95 -2.80
N LEU B 403 45.04 -8.71 -3.38
CA LEU B 403 43.75 -8.99 -2.73
C LEU B 403 43.94 -9.87 -1.50
N LEU B 404 44.70 -10.94 -1.70
CA LEU B 404 45.02 -11.86 -0.64
C LEU B 404 45.62 -11.14 0.58
N ALA B 405 46.50 -10.15 0.33
CA ALA B 405 47.18 -9.41 1.37
C ALA B 405 46.17 -8.67 2.26
N ILE B 406 45.13 -8.09 1.65
CA ILE B 406 44.04 -7.48 2.40
C ILE B 406 43.39 -8.48 3.36
N ALA B 407 43.06 -9.66 2.86
CA ALA B 407 42.43 -10.67 3.68
C ALA B 407 43.33 -11.17 4.82
N LEU B 408 44.64 -11.24 4.53
CA LEU B 408 45.58 -11.78 5.48
C LEU B 408 45.80 -10.73 6.57
N GLN B 409 45.80 -9.45 6.23
CA GLN B 409 45.95 -8.43 7.27
C GLN B 409 44.75 -8.44 8.20
N VAL B 410 43.55 -8.72 7.64
CA VAL B 410 42.35 -8.85 8.45
C VAL B 410 42.49 -10.07 9.35
N VAL B 411 42.97 -11.21 8.84
CA VAL B 411 43.23 -12.38 9.66
C VAL B 411 44.18 -12.00 10.83
N ASP B 412 45.28 -11.27 10.55
CA ASP B 412 46.17 -10.95 11.63
C ASP B 412 45.45 -10.12 12.72
N VAL B 413 44.68 -9.09 12.33
CA VAL B 413 44.02 -8.19 13.31
C VAL B 413 43.02 -8.99 14.17
N LEU B 414 42.23 -9.83 13.49
CA LEU B 414 41.19 -10.57 14.19
C LEU B 414 41.77 -11.58 15.16
N GLU B 415 42.83 -12.32 14.78
CA GLU B 415 43.37 -13.35 15.64
C GLU B 415 44.02 -12.70 16.86
N ALA B 416 44.62 -11.54 16.70
CA ALA B 416 45.15 -10.80 17.82
C ALA B 416 44.03 -10.38 18.78
N MET B 417 42.93 -9.86 18.23
CA MET B 417 41.77 -9.45 19.04
C MET B 417 41.22 -10.63 19.85
N GLU B 418 41.03 -11.80 19.21
CA GLU B 418 40.60 -13.03 19.86
C GLU B 418 41.51 -13.37 21.05
N LYS B 419 42.84 -13.24 20.90
CA LYS B 419 43.70 -13.55 22.04
C LYS B 419 43.55 -12.49 23.11
N ASP B 420 43.55 -11.20 22.73
CA ASP B 420 43.38 -10.10 23.68
C ASP B 420 42.03 -10.18 24.45
N ALA B 421 40.92 -10.55 23.78
CA ALA B 421 39.60 -10.59 24.40
C ALA B 421 39.32 -11.97 25.00
N GLU B 422 40.08 -12.97 24.60
CA GLU B 422 39.81 -14.36 25.00
C GLU B 422 38.44 -14.82 24.48
N VAL B 423 38.20 -14.68 23.17
CA VAL B 423 36.99 -15.12 22.53
C VAL B 423 37.32 -15.72 21.15
N LYS B 424 36.41 -16.57 20.65
CA LYS B 424 36.39 -17.03 19.27
C LYS B 424 35.31 -16.27 18.52
N VAL B 425 35.61 -15.52 17.44
CA VAL B 425 34.63 -14.85 16.61
C VAL B 425 33.83 -15.90 15.82
N GLN B 426 32.49 -15.84 15.92
CA GLN B 426 31.64 -16.85 15.29
C GLN B 426 31.44 -16.54 13.79
N PHE B 427 31.40 -15.24 13.45
CA PHE B 427 31.12 -14.73 12.13
C PHE B 427 31.55 -13.29 12.12
N LEU B 428 31.83 -12.78 10.93
CA LEU B 428 32.29 -11.43 10.81
C LEU B 428 31.33 -10.63 9.94
N ARG B 429 30.90 -9.49 10.45
CA ARG B 429 30.12 -8.59 9.64
C ARG B 429 31.07 -7.78 8.82
N VAL B 430 30.71 -7.55 7.56
CA VAL B 430 31.59 -6.85 6.66
C VAL B 430 30.75 -5.83 5.91
N ASP B 431 31.23 -4.60 5.92
CA ASP B 431 30.63 -3.51 5.16
C ASP B 431 31.74 -2.72 4.42
N GLY B 432 31.34 -1.65 3.77
CA GLY B 432 32.19 -0.82 2.96
C GLY B 432 32.16 -1.20 1.49
N GLY B 433 32.53 -0.27 0.61
CA GLY B 433 32.38 -0.46 -0.83
C GLY B 433 33.25 -1.54 -1.47
N LEU B 434 34.30 -1.96 -0.76
CA LEU B 434 35.16 -3.03 -1.26
C LEU B 434 34.57 -4.41 -0.91
N THR B 435 33.44 -4.44 -0.16
CA THR B 435 32.71 -5.73 -0.01
C THR B 435 31.97 -6.08 -1.30
N LYS B 436 31.95 -5.17 -2.27
CA LYS B 436 31.43 -5.55 -3.59
C LYS B 436 32.39 -6.51 -4.34
N ASN B 437 33.68 -6.57 -3.97
CA ASN B 437 34.61 -7.55 -4.49
C ASN B 437 34.30 -8.94 -3.91
N HIS B 438 33.64 -9.74 -4.74
CA HIS B 438 33.14 -11.04 -4.34
C HIS B 438 34.34 -11.97 -4.13
N LEU B 439 35.37 -11.84 -4.97
CA LEU B 439 36.59 -12.64 -4.83
C LEU B 439 37.30 -12.41 -3.50
N LEU B 440 37.42 -11.14 -3.13
CA LEU B 440 38.08 -10.82 -1.89
C LEU B 440 37.28 -11.37 -0.70
N MET B 441 35.93 -11.31 -0.76
CA MET B 441 35.10 -11.80 0.34
C MET B 441 35.28 -13.29 0.48
N LYS B 442 35.38 -14.04 -0.64
CA LYS B 442 35.59 -15.49 -0.50
C LYS B 442 36.99 -15.80 0.06
N MET B 443 38.00 -15.03 -0.39
CA MET B 443 39.32 -15.17 0.13
C MET B 443 39.26 -14.97 1.64
N GLN B 444 38.53 -13.92 2.08
CA GLN B 444 38.48 -13.54 3.46
C GLN B 444 37.89 -14.66 4.30
N SER B 445 36.78 -15.19 3.79
CA SER B 445 36.06 -16.26 4.43
C SER B 445 36.92 -17.51 4.53
N ASP B 446 37.46 -17.97 3.39
CA ASP B 446 38.28 -19.15 3.39
C ASP B 446 39.42 -19.06 4.41
N LEU B 447 40.12 -17.92 4.47
CA LEU B 447 41.27 -17.75 5.35
C LEU B 447 40.85 -17.68 6.82
N LEU B 448 39.73 -17.01 7.15
CA LEU B 448 39.24 -16.97 8.53
C LEU B 448 38.62 -18.31 8.93
N GLY B 449 38.10 -19.10 7.99
CA GLY B 449 37.34 -20.29 8.37
C GLY B 449 35.97 -19.99 9.02
N ILE B 450 35.39 -18.77 8.86
CA ILE B 450 34.08 -18.45 9.43
C ILE B 450 33.29 -17.74 8.34
N ASN B 451 31.94 -17.68 8.54
CA ASN B 451 31.07 -16.99 7.59
C ASN B 451 31.22 -15.49 7.73
N LEU B 452 31.08 -14.77 6.63
CA LEU B 452 30.92 -13.33 6.67
C LEU B 452 29.45 -12.98 6.37
N HIS B 453 28.95 -11.89 7.00
CA HIS B 453 27.58 -11.41 6.82
C HIS B 453 27.66 -9.99 6.26
N ARG B 454 27.23 -9.79 5.02
CA ARG B 454 27.33 -8.51 4.36
C ARG B 454 25.92 -7.94 4.21
N PRO B 455 25.61 -6.78 4.82
CA PRO B 455 24.29 -6.19 4.67
C PRO B 455 24.07 -5.59 3.28
N THR B 456 22.84 -5.73 2.72
CA THR B 456 22.47 -5.09 1.45
C THR B 456 22.26 -3.58 1.66
N MET B 457 21.65 -3.18 2.78
CA MET B 457 21.61 -1.78 3.21
C MET B 457 22.94 -1.49 3.97
N ALA B 458 23.83 -0.82 3.25
CA ALA B 458 25.26 -0.74 3.48
C ALA B 458 25.56 0.42 4.42
N GLU B 459 24.54 1.28 4.72
CA GLU B 459 24.75 2.51 5.47
C GLU B 459 24.63 2.26 6.98
N THR B 460 25.57 1.49 7.49
CA THR B 460 25.53 0.96 8.82
C THR B 460 25.97 1.99 9.81
N THR B 461 26.82 2.94 9.43
CA THR B 461 27.13 4.05 10.36
C THR B 461 25.88 4.90 10.69
N ALA B 462 25.12 5.27 9.62
CA ALA B 462 23.89 6.01 9.77
C ALA B 462 22.92 5.22 10.61
N LEU B 463 22.76 3.91 10.31
CA LEU B 463 21.82 3.10 11.07
C LEU B 463 22.22 3.07 12.55
N GLY B 464 23.50 2.99 12.86
CA GLY B 464 23.99 3.15 14.20
C GLY B 464 23.59 4.48 14.89
N ALA B 465 23.81 5.63 14.23
CA ALA B 465 23.39 6.90 14.77
C ALA B 465 21.85 6.92 15.04
N ALA B 466 21.09 6.30 14.15
CA ALA B 466 19.64 6.24 14.24
C ALA B 466 19.18 5.39 15.44
N LEU B 467 19.88 4.27 15.63
CA LEU B 467 19.64 3.48 16.83
C LEU B 467 19.84 4.31 18.09
N CYS B 468 20.94 5.06 18.15
CA CYS B 468 21.25 5.79 19.38
C CYS B 468 20.11 6.79 19.67
N ALA B 469 19.73 7.61 18.66
CA ALA B 469 18.71 8.64 18.80
C ALA B 469 17.34 7.99 19.08
N GLY B 470 17.02 6.90 18.39
CA GLY B 470 15.70 6.30 18.51
C GLY B 470 15.48 5.57 19.82
N LEU B 471 16.56 4.95 20.35
CA LEU B 471 16.54 4.44 21.73
C LEU B 471 16.32 5.55 22.75
N ALA B 472 17.00 6.70 22.58
CA ALA B 472 16.87 7.74 23.57
C ALA B 472 15.46 8.36 23.55
N ALA B 473 14.86 8.45 22.37
CA ALA B 473 13.57 9.08 22.14
C ALA B 473 12.45 8.09 22.40
N GLY B 474 12.66 6.83 22.65
CA GLY B 474 11.57 5.91 22.89
C GLY B 474 10.89 5.38 21.61
N VAL B 475 11.50 5.58 20.45
CA VAL B 475 11.01 4.93 19.22
C VAL B 475 11.08 3.40 19.37
N TRP B 476 12.19 2.90 19.94
CA TRP B 476 12.34 1.48 20.26
C TRP B 476 12.69 1.45 21.74
N LYS B 477 12.38 0.31 22.37
CA LYS B 477 12.55 0.20 23.81
C LYS B 477 13.76 -0.62 24.17
N SER B 478 14.41 -1.37 23.23
CA SER B 478 15.55 -2.17 23.67
C SER B 478 16.41 -2.53 22.48
N LEU B 479 17.66 -2.87 22.83
CA LEU B 479 18.60 -3.43 21.89
C LEU B 479 18.02 -4.66 21.20
N GLU B 480 17.39 -5.56 21.95
CA GLU B 480 16.96 -6.82 21.35
C GLU B 480 15.85 -6.53 20.28
N GLU B 481 14.97 -5.54 20.58
CA GLU B 481 13.93 -5.11 19.66
C GLU B 481 14.52 -4.50 18.38
N VAL B 482 15.45 -3.54 18.57
CA VAL B 482 16.06 -2.89 17.40
C VAL B 482 16.75 -3.94 16.57
N LYS B 483 17.26 -5.00 17.17
CA LYS B 483 17.95 -5.98 16.34
C LYS B 483 16.97 -6.92 15.63
N THR B 484 15.82 -7.26 16.22
CA THR B 484 14.85 -8.03 15.48
C THR B 484 14.30 -7.21 14.29
N ILE B 485 14.09 -5.91 14.49
CA ILE B 485 13.65 -5.05 13.39
C ILE B 485 14.68 -5.06 12.22
N SER B 486 16.01 -4.87 12.42
CA SER B 486 17.05 -5.09 11.40
C SER B 486 17.13 -6.53 10.81
N GLN B 487 16.96 -7.60 11.56
CA GLN B 487 16.79 -8.92 10.96
C GLN B 487 15.85 -8.87 9.72
N GLN B 488 14.73 -8.13 9.89
CA GLN B 488 13.61 -8.10 8.96
C GLN B 488 13.78 -7.03 7.88
N ALA B 489 14.17 -5.82 8.25
CA ALA B 489 14.35 -4.72 7.30
C ALA B 489 15.65 -4.80 6.50
N ASN B 490 16.78 -5.31 7.06
CA ASN B 490 18.10 -5.26 6.41
C ASN B 490 18.64 -6.68 6.36
N VAL B 491 18.17 -7.41 5.33
CA VAL B 491 18.77 -8.59 4.74
C VAL B 491 20.31 -8.51 4.54
N TRP B 492 20.96 -9.68 4.70
CA TRP B 492 22.40 -9.77 4.60
C TRP B 492 22.75 -11.02 3.77
N ARG B 493 23.79 -10.90 2.93
CA ARG B 493 24.38 -12.01 2.20
C ARG B 493 25.45 -12.70 3.09
N VAL B 494 25.42 -14.04 3.05
CA VAL B 494 26.34 -14.90 3.78
C VAL B 494 27.39 -15.45 2.85
N ILE B 495 28.65 -15.22 3.19
CA ILE B 495 29.77 -15.80 2.44
C ILE B 495 30.35 -16.90 3.34
N ARG B 496 30.36 -18.16 2.83
CA ARG B 496 30.85 -19.28 3.61
C ARG B 496 32.24 -19.70 3.17
N PRO B 497 33.07 -20.29 4.07
CA PRO B 497 34.35 -20.88 3.63
C PRO B 497 34.12 -22.03 2.66
N ALA B 498 34.85 -22.07 1.54
CA ALA B 498 34.87 -23.21 0.63
C ALA B 498 36.05 -24.10 0.98
N ALA B 499 37.28 -23.53 0.92
CA ALA B 499 38.54 -24.21 1.19
C ALA B 499 38.65 -24.56 2.67
N SER B 500 39.46 -25.60 2.98
CA SER B 500 39.46 -26.33 4.25
C SER B 500 40.12 -25.58 5.41
N LYS B 501 41.44 -25.31 5.36
CA LYS B 501 42.18 -24.60 6.43
C LYS B 501 43.67 -24.95 6.39
N ASP B 502 43.95 -26.26 6.29
CA ASP B 502 45.29 -26.80 6.10
C ASP B 502 45.70 -26.59 4.61
N SER B 503 44.72 -26.30 3.73
CA SER B 503 45.03 -25.97 2.35
C SER B 503 45.69 -24.58 2.35
N GLN B 504 45.52 -23.81 3.44
CA GLN B 504 46.05 -22.47 3.46
C GLN B 504 47.34 -22.37 4.29
N GLN B 505 47.87 -23.47 4.85
CA GLN B 505 49.08 -23.39 5.68
C GLN B 505 50.31 -22.81 4.97
N MET B 506 50.47 -23.11 3.67
CA MET B 506 51.62 -22.64 2.92
C MET B 506 51.56 -21.11 2.77
N LEU B 507 50.39 -20.60 2.43
CA LEU B 507 50.25 -19.15 2.31
C LEU B 507 50.49 -18.43 3.66
N ARG B 508 50.01 -18.98 4.78
CA ARG B 508 50.23 -18.39 6.10
C ARG B 508 51.73 -18.24 6.44
N ALA B 509 52.51 -19.29 6.17
CA ALA B 509 53.94 -19.24 6.40
C ALA B 509 54.62 -18.27 5.45
N GLN B 510 54.20 -18.20 4.16
CA GLN B 510 54.77 -17.28 3.21
C GLN B 510 54.45 -15.85 3.60
N TRP B 511 53.26 -15.63 4.14
CA TRP B 511 52.83 -14.31 4.53
C TRP B 511 53.66 -13.85 5.71
N LYS B 512 53.90 -14.74 6.67
CA LYS B 512 54.75 -14.45 7.81
C LYS B 512 56.17 -14.03 7.38
N ARG B 513 56.79 -14.87 6.52
CA ARG B 513 58.11 -14.61 5.98
C ARG B 513 58.14 -13.27 5.24
N ALA B 514 57.09 -12.96 4.44
CA ALA B 514 57.03 -11.71 3.70
C ALA B 514 57.01 -10.48 4.60
N LYS B 515 56.24 -10.53 5.69
CA LYS B 515 56.19 -9.38 6.58
C LYS B 515 57.55 -9.11 7.19
N GLN B 516 58.27 -10.18 7.57
CA GLN B 516 59.62 -10.11 8.13
C GLN B 516 60.57 -9.43 7.17
N GLN B 517 60.47 -9.76 5.86
CA GLN B 517 61.43 -9.33 4.87
C GLN B 517 60.99 -8.04 4.15
N ALA B 518 59.87 -7.43 4.59
CA ALA B 518 59.41 -6.14 4.06
C ALA B 518 60.10 -4.96 4.79
N LYS B 519 60.84 -5.23 5.89
CA LYS B 519 61.69 -4.25 6.54
C LYS B 519 62.58 -3.54 5.54
N TRP B 520 62.59 -2.21 5.61
CA TRP B 520 63.30 -1.39 4.65
C TRP B 520 63.81 -0.06 5.22
N ALA B 521 62.98 0.82 5.78
CA ALA B 521 63.31 2.21 6.17
C ALA B 521 64.18 2.25 7.44
N LYS B 522 64.87 3.38 7.64
CA LYS B 522 66.05 3.59 8.50
C LYS B 522 65.93 3.09 9.96
N MET C 12 5.03 -17.26 -13.28
CA MET C 12 4.71 -17.20 -11.82
C MET C 12 4.24 -18.58 -11.33
N LYS C 13 4.81 -18.99 -10.22
CA LYS C 13 4.35 -20.14 -9.47
C LYS C 13 3.61 -19.70 -8.19
N TYR C 14 2.71 -20.59 -7.76
CA TYR C 14 1.66 -20.32 -6.79
C TYR C 14 1.56 -21.55 -5.86
N VAL C 15 1.55 -21.24 -4.56
CA VAL C 15 1.43 -22.21 -3.47
C VAL C 15 0.10 -21.98 -2.74
N GLY C 16 -0.75 -22.99 -2.69
CA GLY C 16 -2.00 -22.95 -1.93
C GLY C 16 -1.76 -23.41 -0.49
N ALA C 17 -2.42 -22.76 0.50
CA ALA C 17 -2.28 -23.06 1.91
C ALA C 17 -3.69 -23.27 2.46
N LEU C 18 -3.96 -24.47 2.95
CA LEU C 18 -5.23 -24.77 3.61
C LEU C 18 -5.06 -24.64 5.11
N ASP C 19 -5.96 -23.85 5.74
CA ASP C 19 -5.96 -23.68 7.20
C ASP C 19 -7.31 -24.08 7.74
N GLN C 20 -7.34 -25.31 8.25
CA GLN C 20 -8.55 -25.93 8.76
C GLN C 20 -8.61 -25.68 10.28
N GLY C 21 -9.26 -24.54 10.65
CA GLY C 21 -9.20 -24.04 12.00
C GLY C 21 -10.45 -24.45 12.80
N THR C 22 -10.51 -23.90 14.02
CA THR C 22 -11.48 -24.41 14.99
C THR C 22 -12.94 -24.14 14.59
N ILE C 23 -13.25 -22.92 14.07
CA ILE C 23 -14.64 -22.57 13.75
C ILE C 23 -14.83 -22.32 12.26
N SER C 24 -13.77 -21.96 11.50
CA SER C 24 -13.84 -22.00 10.03
C SER C 24 -12.54 -22.58 9.39
N THR C 25 -12.66 -22.75 8.10
CA THR C 25 -11.61 -23.15 7.19
C THR C 25 -11.30 -21.97 6.24
N ARG C 26 -10.01 -21.81 5.86
CA ARG C 26 -9.65 -20.89 4.80
C ARG C 26 -8.60 -21.55 3.90
N PHE C 27 -8.68 -21.22 2.57
CA PHE C 27 -7.68 -21.58 1.60
C PHE C 27 -7.13 -20.30 1.00
N ILE C 28 -5.80 -20.12 1.09
CA ILE C 28 -5.11 -18.95 0.61
C ILE C 28 -4.11 -19.32 -0.47
N ILE C 29 -4.02 -18.48 -1.51
CA ILE C 29 -3.06 -18.67 -2.53
C ILE C 29 -2.01 -17.57 -2.39
N PHE C 30 -0.73 -17.98 -2.35
CA PHE C 30 0.40 -17.09 -2.37
C PHE C 30 1.23 -17.25 -3.66
N ASP C 31 1.81 -16.16 -4.15
CA ASP C 31 2.72 -16.24 -5.27
C ASP C 31 4.13 -16.44 -4.69
N GLU C 32 5.11 -16.49 -5.58
CA GLU C 32 6.48 -16.72 -5.14
C GLU C 32 7.07 -15.49 -4.41
N LYS C 33 6.43 -14.31 -4.46
CA LYS C 33 6.90 -13.16 -3.66
C LYS C 33 6.18 -13.08 -2.30
N GLN C 34 5.48 -14.21 -1.94
CA GLN C 34 4.67 -14.39 -0.76
C GLN C 34 3.45 -13.45 -0.75
N LEU C 36 -0.49 -12.54 -0.99
CA LEU C 36 -1.81 -13.21 -0.98
C LEU C 36 -2.50 -12.78 -2.25
N VAL C 37 -2.84 -13.72 -3.14
CA VAL C 37 -3.46 -13.31 -4.40
C VAL C 37 -4.89 -13.87 -4.49
N ALA C 38 -5.30 -14.82 -3.65
CA ALA C 38 -6.70 -15.22 -3.58
C ALA C 38 -6.93 -15.90 -2.27
N GLN C 39 -8.18 -15.83 -1.81
CA GLN C 39 -8.57 -16.53 -0.59
C GLN C 39 -10.08 -16.68 -0.55
N HIS C 40 -10.51 -17.74 0.14
CA HIS C 40 -11.89 -18.01 0.48
C HIS C 40 -11.88 -18.68 1.85
N GLN C 41 -13.00 -18.47 2.53
CA GLN C 41 -13.21 -18.89 3.91
C GLN C 41 -14.64 -19.46 4.05
N MET C 42 -14.80 -20.39 5.00
CA MET C 42 -16.10 -21.02 5.17
C MET C 42 -16.22 -21.68 6.56
N PRO C 43 -17.30 -21.33 7.32
CA PRO C 43 -17.48 -21.81 8.70
C PRO C 43 -18.11 -23.22 8.71
N HIS C 44 -17.99 -23.85 9.90
CA HIS C 44 -18.54 -25.16 10.15
C HIS C 44 -19.17 -25.17 11.56
N ARG C 45 -20.12 -26.08 11.74
CA ARG C 45 -20.90 -26.17 12.97
C ARG C 45 -20.05 -26.64 14.14
N GLN C 46 -20.18 -25.86 15.23
CA GLN C 46 -19.66 -26.14 16.56
C GLN C 46 -20.72 -27.00 17.28
N LEU C 47 -20.58 -28.33 17.34
CA LEU C 47 -21.56 -29.18 18.03
C LEU C 47 -21.22 -29.35 19.50
N THR C 48 -22.13 -28.97 20.39
CA THR C 48 -21.94 -29.10 21.83
C THR C 48 -23.06 -29.95 22.40
N PRO C 49 -23.08 -31.30 22.27
CA PRO C 49 -24.21 -32.08 22.80
C PRO C 49 -24.34 -32.16 24.35
N GLN C 50 -23.28 -31.90 25.16
CA GLN C 50 -23.37 -31.85 26.62
C GLN C 50 -22.46 -30.71 27.07
N ALA C 51 -22.59 -30.32 28.35
CA ALA C 51 -21.94 -29.07 28.75
C ALA C 51 -20.41 -29.23 28.69
N GLY C 52 -19.68 -28.34 27.99
CA GLY C 52 -18.21 -28.38 27.90
C GLY C 52 -17.64 -29.46 26.95
N TRP C 53 -18.51 -30.34 26.39
CA TRP C 53 -18.23 -31.14 25.19
C TRP C 53 -18.14 -30.22 23.94
N LEU C 54 -17.29 -30.65 22.92
CA LEU C 54 -17.31 -29.96 21.61
C LEU C 54 -16.83 -30.92 20.52
N GLU C 55 -17.63 -31.04 19.45
CA GLU C 55 -17.24 -31.86 18.33
C GLU C 55 -17.55 -31.19 16.99
N HIS C 56 -16.95 -31.70 15.90
CA HIS C 56 -17.13 -31.18 14.55
C HIS C 56 -17.47 -32.39 13.67
N ASP C 57 -18.28 -32.18 12.62
CA ASP C 57 -18.54 -33.23 11.64
C ASP C 57 -17.31 -33.32 10.70
N PRO C 58 -16.59 -34.45 10.66
CA PRO C 58 -15.31 -34.49 9.91
C PRO C 58 -15.45 -34.32 8.40
N MET C 59 -16.56 -34.87 7.86
CA MET C 59 -16.94 -34.68 6.47
C MET C 59 -17.36 -33.23 6.21
N GLU C 60 -17.93 -32.50 7.20
CA GLU C 60 -18.22 -31.10 6.96
C GLU C 60 -16.91 -30.26 6.91
N LEU C 61 -15.94 -30.59 7.74
CA LEU C 61 -14.60 -29.98 7.61
C LEU C 61 -13.95 -30.20 6.23
N TYR C 62 -14.06 -31.44 5.73
CA TYR C 62 -13.54 -31.81 4.42
C TYR C 62 -14.28 -31.03 3.33
N ARG C 63 -15.61 -31.01 3.37
CA ARG C 63 -16.38 -30.30 2.35
C ARG C 63 -16.09 -28.80 2.37
N ALA C 64 -15.84 -28.22 3.53
CA ALA C 64 -15.48 -26.80 3.60
C ALA C 64 -14.07 -26.54 3.02
N SER C 65 -13.16 -27.49 3.28
CA SER C 65 -11.85 -27.47 2.66
C SER C 65 -11.92 -27.46 1.14
N VAL C 66 -12.61 -28.45 0.57
CA VAL C 66 -12.88 -28.52 -0.86
C VAL C 66 -13.48 -27.23 -1.39
N ALA C 67 -14.52 -26.68 -0.71
CA ALA C 67 -15.21 -25.50 -1.16
C ALA C 67 -14.23 -24.36 -1.30
N CYS C 68 -13.38 -24.21 -0.27
CA CYS C 68 -12.47 -23.08 -0.23
C CYS C 68 -11.40 -23.19 -1.33
N ILE C 69 -10.94 -24.43 -1.63
CA ILE C 69 -9.93 -24.64 -2.68
C ILE C 69 -10.51 -24.30 -4.06
N VAL C 70 -11.65 -24.92 -4.39
CA VAL C 70 -12.34 -24.69 -5.65
C VAL C 70 -12.64 -23.19 -5.86
N ALA C 71 -13.17 -22.49 -4.86
CA ALA C 71 -13.49 -21.09 -5.04
C ALA C 71 -12.25 -20.24 -5.27
N ALA C 72 -11.22 -20.38 -4.40
CA ALA C 72 -10.04 -19.51 -4.51
C ALA C 72 -9.30 -19.68 -5.82
N VAL C 73 -9.24 -20.94 -6.31
CA VAL C 73 -8.59 -21.30 -7.55
C VAL C 73 -9.39 -20.74 -8.71
N GLU C 74 -10.70 -20.96 -8.74
CA GLU C 74 -11.53 -20.42 -9.85
C GLU C 74 -11.57 -18.89 -9.90
N ASP C 75 -11.68 -18.24 -8.74
CA ASP C 75 -11.56 -16.79 -8.63
C ASP C 75 -10.25 -16.28 -9.27
N LEU C 76 -9.12 -16.94 -8.92
CA LEU C 76 -7.80 -16.51 -9.39
C LEU C 76 -7.71 -16.69 -10.90
N ARG C 77 -8.19 -17.82 -11.45
CA ARG C 77 -8.16 -18.05 -12.88
C ARG C 77 -8.85 -16.92 -13.60
N ARG C 78 -10.02 -16.48 -13.08
CA ARG C 78 -10.79 -15.42 -13.75
C ARG C 78 -10.04 -14.08 -13.73
N ARG C 79 -9.39 -13.78 -12.60
CA ARG C 79 -8.86 -12.45 -12.40
C ARG C 79 -7.44 -12.38 -12.96
N VAL C 80 -6.70 -13.50 -13.01
CA VAL C 80 -5.32 -13.51 -13.49
C VAL C 80 -5.27 -14.57 -14.59
N PRO C 81 -5.53 -14.19 -15.86
CA PRO C 81 -5.55 -15.15 -16.97
C PRO C 81 -4.30 -16.02 -17.08
N SER C 82 -3.11 -15.57 -16.65
CA SER C 82 -1.93 -16.43 -16.74
C SER C 82 -1.91 -17.55 -15.68
N PHE C 83 -2.76 -17.50 -14.61
CA PHE C 83 -2.81 -18.59 -13.65
C PHE C 83 -3.52 -19.81 -14.23
N GLU C 84 -2.86 -20.98 -14.35
CA GLU C 84 -3.51 -22.25 -14.75
C GLU C 84 -3.66 -23.18 -13.52
N LYS C 85 -2.53 -23.46 -12.85
CA LYS C 85 -2.46 -24.44 -11.77
C LYS C 85 -1.54 -24.04 -10.62
N LEU C 86 -1.78 -24.67 -9.48
CA LEU C 86 -0.90 -24.54 -8.32
C LEU C 86 0.33 -25.45 -8.52
N GLU C 87 1.49 -24.90 -8.24
CA GLU C 87 2.72 -25.67 -8.02
C GLU C 87 2.55 -26.76 -6.95
N THR C 88 1.95 -26.42 -5.82
CA THR C 88 1.96 -27.29 -4.65
C THR C 88 0.99 -26.73 -3.64
N ILE C 89 0.69 -27.53 -2.62
CA ILE C 89 -0.22 -27.19 -1.54
C ILE C 89 0.42 -27.57 -0.21
N GLY C 90 0.27 -26.68 0.79
CA GLY C 90 0.50 -27.00 2.17
C GLY C 90 -0.80 -26.93 3.02
N ILE C 91 -0.86 -27.67 4.14
CA ILE C 91 -2.00 -27.66 5.02
C ILE C 91 -1.55 -27.35 6.46
N ALA C 92 -2.44 -26.67 7.21
CA ALA C 92 -2.35 -26.41 8.63
C ALA C 92 -3.74 -26.61 9.26
N ASN C 93 -3.73 -27.04 10.50
CA ASN C 93 -4.91 -27.62 11.12
C ASN C 93 -4.93 -27.32 12.64
N GLN C 94 -6.16 -27.07 13.12
CA GLN C 94 -6.53 -27.15 14.53
C GLN C 94 -5.96 -28.42 15.15
N ARG C 95 -5.19 -28.21 16.23
CA ARG C 95 -4.43 -29.34 16.75
C ARG C 95 -5.30 -30.09 17.75
N GLU C 96 -4.82 -31.27 18.14
CA GLU C 96 -5.29 -32.18 19.19
C GLU C 96 -6.60 -32.86 18.81
N THR C 97 -7.50 -32.09 18.20
CA THR C 97 -8.76 -32.62 17.67
C THR C 97 -8.49 -33.95 16.95
N THR C 98 -9.30 -34.96 17.26
CA THR C 98 -9.05 -36.36 17.01
C THR C 98 -10.22 -36.96 16.24
N VAL C 99 -9.90 -37.68 15.16
CA VAL C 99 -10.84 -38.32 14.25
C VAL C 99 -10.57 -39.80 14.33
N ALA C 100 -11.63 -40.59 14.35
CA ALA C 100 -11.57 -42.05 14.18
C ALA C 100 -12.28 -42.40 12.88
N TRP C 101 -11.64 -43.23 12.06
CA TRP C 101 -12.34 -43.68 10.85
C TRP C 101 -11.92 -45.10 10.52
N ASP C 102 -12.64 -45.72 9.58
CA ASP C 102 -12.33 -47.08 9.14
C ASP C 102 -11.54 -47.07 7.84
N ARG C 103 -10.39 -47.76 7.89
CA ARG C 103 -9.48 -47.98 6.78
C ARG C 103 -10.20 -48.56 5.55
N VAL C 104 -11.11 -49.54 5.75
CA VAL C 104 -11.74 -50.36 4.70
C VAL C 104 -13.05 -49.69 4.24
N THR C 105 -13.97 -49.35 5.13
CA THR C 105 -15.24 -48.77 4.70
C THR C 105 -15.04 -47.30 4.33
N LYS C 106 -13.97 -46.69 4.86
CA LYS C 106 -13.66 -45.26 4.72
C LYS C 106 -14.79 -44.37 5.24
N GLU C 107 -15.53 -44.84 6.25
CA GLU C 107 -16.50 -44.03 6.99
C GLU C 107 -15.76 -43.49 8.22
N THR C 108 -16.13 -42.28 8.68
CA THR C 108 -15.85 -41.87 10.04
C THR C 108 -16.65 -42.79 10.97
N LEU C 109 -16.12 -43.05 12.17
CA LEU C 109 -16.78 -43.90 13.15
C LEU C 109 -17.43 -43.08 14.27
N TYR C 110 -17.29 -41.74 14.19
CA TYR C 110 -17.82 -40.79 15.15
C TYR C 110 -17.41 -39.39 14.69
N ASN C 111 -18.04 -38.38 15.26
CA ASN C 111 -17.57 -37.01 15.15
C ASN C 111 -16.12 -36.86 15.69
N ALA C 112 -15.54 -35.75 15.25
CA ALA C 112 -14.23 -35.35 15.69
C ALA C 112 -14.34 -34.68 17.06
N ILE C 113 -13.55 -35.16 18.01
CA ILE C 113 -13.52 -34.58 19.34
C ILE C 113 -12.46 -33.50 19.36
N VAL C 114 -12.95 -32.28 19.66
CA VAL C 114 -12.17 -31.08 19.47
C VAL C 114 -11.29 -30.85 20.68
N TRP C 115 -10.17 -30.16 20.41
CA TRP C 115 -9.16 -29.91 21.41
C TRP C 115 -9.74 -29.41 22.75
N SER C 116 -10.76 -28.51 22.71
CA SER C 116 -11.32 -27.84 23.90
C SER C 116 -12.33 -28.74 24.62
N ASP C 117 -12.70 -29.90 24.07
CA ASP C 117 -13.66 -30.78 24.70
C ASP C 117 -13.17 -31.31 26.05
N LEU C 118 -14.13 -31.47 26.99
CA LEU C 118 -13.89 -31.92 28.37
C LEU C 118 -14.44 -33.31 28.70
N ARG C 119 -15.06 -34.00 27.74
CA ARG C 119 -15.69 -35.28 28.05
C ARG C 119 -14.74 -36.36 28.58
N SER C 120 -13.43 -36.25 28.24
CA SER C 120 -12.41 -37.24 28.58
C SER C 120 -11.80 -37.01 29.97
N TYR C 121 -12.47 -36.16 30.79
CA TYR C 121 -12.01 -35.86 32.14
C TYR C 121 -11.81 -37.12 32.99
N GLU C 122 -12.75 -38.06 33.03
CA GLU C 122 -12.61 -39.23 33.90
C GLU C 122 -11.48 -40.10 33.36
N VAL C 123 -11.33 -40.14 32.06
CA VAL C 123 -10.17 -40.82 31.49
C VAL C 123 -8.88 -40.21 32.05
N THR C 124 -8.76 -38.87 32.05
CA THR C 124 -7.52 -38.26 32.55
C THR C 124 -7.34 -38.53 34.05
N ALA C 125 -8.42 -38.51 34.86
CA ALA C 125 -8.36 -38.77 36.27
C ALA C 125 -7.82 -40.18 36.54
N ASN C 126 -8.35 -41.16 35.79
CA ASN C 126 -7.94 -42.54 35.83
C ASN C 126 -6.44 -42.71 35.59
N VAL C 127 -5.96 -42.00 34.54
CA VAL C 127 -4.57 -42.12 34.14
C VAL C 127 -3.68 -41.51 35.23
N LYS C 128 -4.01 -40.31 35.72
CA LYS C 128 -3.28 -39.66 36.81
C LYS C 128 -3.16 -40.51 38.09
N LYS C 129 -4.25 -41.21 38.44
CA LYS C 129 -4.34 -42.10 39.58
C LYS C 129 -3.48 -43.35 39.37
N GLU C 130 -3.79 -44.09 38.29
CA GLU C 130 -3.31 -45.46 38.14
C GLU C 130 -1.87 -45.45 37.59
N LEU C 131 -1.58 -44.51 36.69
CA LEU C 131 -0.35 -44.57 35.91
C LEU C 131 0.58 -43.42 36.28
N GLY C 132 0.05 -42.30 36.79
CA GLY C 132 0.83 -41.09 37.02
C GLY C 132 1.28 -40.92 38.47
N GLY C 133 0.94 -41.92 39.36
CA GLY C 133 1.08 -41.82 40.82
C GLY C 133 0.65 -40.46 41.38
N GLY C 134 -0.44 -39.90 40.82
CA GLY C 134 -0.97 -38.60 41.26
C GLY C 134 -0.35 -37.36 40.63
N ASP C 135 0.63 -37.51 39.71
CA ASP C 135 1.40 -36.37 39.20
C ASP C 135 0.93 -36.06 37.76
N ASP C 136 0.36 -34.87 37.46
CA ASP C 136 -0.02 -34.47 36.10
C ASP C 136 1.17 -34.45 35.09
N LEU C 137 2.34 -34.16 35.64
CA LEU C 137 3.62 -34.04 34.92
C LEU C 137 4.42 -35.37 34.89
N PHE C 138 3.80 -36.49 35.26
CA PHE C 138 4.48 -37.75 35.38
C PHE C 138 5.16 -38.13 34.08
N PHE C 139 4.56 -37.89 32.91
CA PHE C 139 5.17 -38.29 31.63
C PHE C 139 5.86 -37.14 30.92
N ALA C 140 6.02 -36.00 31.58
CA ALA C 140 6.52 -34.77 30.97
C ALA C 140 7.88 -34.99 30.29
N LYS C 141 8.79 -35.74 30.92
CA LYS C 141 10.11 -35.98 30.37
C LYS C 141 10.07 -36.78 29.04
N MET C 142 9.05 -37.62 28.83
CA MET C 142 8.92 -38.42 27.60
C MET C 142 8.18 -37.66 26.47
N ASN C 143 7.11 -36.88 26.73
CA ASN C 143 6.29 -36.29 25.67
C ASN C 143 6.22 -34.77 25.71
N GLY C 144 6.79 -34.15 26.77
CA GLY C 144 6.77 -32.67 26.92
C GLY C 144 5.44 -32.04 27.35
N LEU C 145 4.42 -32.86 27.61
CA LEU C 145 3.06 -32.38 27.90
C LEU C 145 2.70 -32.64 29.38
N ARG C 146 1.40 -32.85 29.57
CA ARG C 146 0.82 -33.03 30.90
C ARG C 146 -0.51 -33.75 30.75
N ILE C 147 -0.93 -34.50 31.80
CA ILE C 147 -2.21 -35.22 31.70
C ILE C 147 -3.31 -34.16 31.71
N SER C 148 -4.09 -34.11 30.64
CA SER C 148 -5.09 -33.09 30.43
C SER C 148 -5.99 -33.57 29.29
N THR C 149 -7.25 -33.09 29.29
CA THR C 149 -8.26 -33.49 28.31
C THR C 149 -7.98 -32.85 26.98
N TYR C 150 -7.10 -31.85 26.94
CA TYR C 150 -6.69 -31.16 25.74
C TYR C 150 -6.08 -32.12 24.71
N PHE C 151 -5.34 -33.18 25.12
CA PHE C 151 -4.48 -33.91 24.21
C PHE C 151 -5.23 -35.14 23.71
N SER C 152 -4.78 -35.62 22.53
CA SER C 152 -5.55 -36.47 21.65
C SER C 152 -5.73 -37.83 22.31
N ALA C 153 -4.66 -38.42 22.81
CA ALA C 153 -4.74 -39.77 23.37
C ALA C 153 -5.89 -39.99 24.34
N PHE C 154 -6.24 -38.99 25.18
CA PHE C 154 -7.37 -39.07 26.12
C PHE C 154 -8.71 -39.15 25.38
N LYS C 155 -8.87 -38.43 24.26
CA LYS C 155 -10.05 -38.47 23.41
C LYS C 155 -10.17 -39.82 22.71
N MET C 156 -9.00 -40.39 22.29
CA MET C 156 -9.01 -41.69 21.63
C MET C 156 -9.44 -42.79 22.59
N ARG C 157 -8.88 -42.74 23.81
CA ARG C 157 -9.25 -43.69 24.86
C ARG C 157 -10.78 -43.57 25.18
N TRP C 158 -11.26 -42.31 25.40
CA TRP C 158 -12.67 -42.07 25.53
C TRP C 158 -13.48 -42.77 24.45
N MET C 159 -13.09 -42.63 23.17
CA MET C 159 -13.88 -43.21 22.12
C MET C 159 -13.85 -44.74 22.18
N LEU C 160 -12.70 -45.35 22.49
CA LEU C 160 -12.62 -46.81 22.59
C LEU C 160 -13.58 -47.33 23.68
N GLU C 161 -13.76 -46.55 24.74
CA GLU C 161 -14.60 -46.91 25.89
C GLU C 161 -16.07 -46.54 25.69
N ASN C 162 -16.42 -45.56 24.86
CA ASN C 162 -17.77 -45.00 24.82
C ASN C 162 -18.45 -45.17 23.44
N VAL C 163 -17.71 -45.60 22.40
CA VAL C 163 -18.26 -45.69 21.05
C VAL C 163 -18.03 -47.10 20.51
N PRO C 164 -19.04 -48.01 20.61
CA PRO C 164 -18.87 -49.39 20.18
C PRO C 164 -18.28 -49.56 18.77
N LYS C 165 -18.63 -48.68 17.81
CA LYS C 165 -18.13 -48.82 16.45
C LYS C 165 -16.59 -48.63 16.39
N VAL C 166 -16.05 -47.76 17.25
CA VAL C 166 -14.61 -47.54 17.29
C VAL C 166 -13.89 -48.75 17.89
N GLU C 167 -14.43 -49.27 18.99
CA GLU C 167 -13.94 -50.50 19.61
C GLU C 167 -14.02 -51.67 18.62
N GLU C 168 -15.12 -51.80 17.84
CA GLU C 168 -15.25 -52.92 16.92
C GLU C 168 -14.23 -52.77 15.78
N ALA C 169 -13.93 -51.53 15.30
CA ALA C 169 -12.91 -51.30 14.27
C ALA C 169 -11.52 -51.62 14.81
N ARG C 170 -11.23 -51.26 16.06
CA ARG C 170 -9.98 -51.65 16.67
C ARG C 170 -9.86 -53.17 16.68
N LYS C 171 -10.93 -53.89 17.05
CA LYS C 171 -10.84 -55.35 17.16
C LYS C 171 -10.61 -55.96 15.77
N ARG C 172 -11.22 -55.38 14.70
CA ARG C 172 -10.99 -55.86 13.34
C ARG C 172 -9.61 -55.48 12.77
N GLY C 173 -8.80 -54.56 13.36
CA GLY C 173 -7.52 -54.15 12.78
C GLY C 173 -7.69 -53.12 11.68
N THR C 174 -8.89 -52.48 11.58
CA THR C 174 -9.24 -51.53 10.54
C THR C 174 -9.38 -50.10 11.08
N LEU C 175 -9.05 -49.86 12.38
CA LEU C 175 -9.25 -48.55 12.97
C LEU C 175 -8.12 -47.58 12.64
N CYS C 176 -8.45 -46.38 12.15
CA CYS C 176 -7.54 -45.25 12.06
C CYS C 176 -7.94 -44.15 13.02
N PHE C 177 -6.97 -43.75 13.86
CA PHE C 177 -7.04 -42.51 14.58
C PHE C 177 -6.12 -41.48 13.95
N GLY C 178 -6.54 -40.24 13.86
CA GLY C 178 -5.63 -39.20 13.46
C GLY C 178 -6.13 -37.81 13.78
N THR C 179 -5.17 -36.92 14.01
CA THR C 179 -5.37 -35.49 14.04
C THR C 179 -5.89 -35.05 12.67
N ILE C 180 -6.20 -33.79 12.51
CA ILE C 180 -6.93 -33.30 11.36
C ILE C 180 -6.03 -33.25 10.12
N ASP C 181 -4.73 -33.00 10.33
CA ASP C 181 -3.72 -33.20 9.25
C ASP C 181 -3.84 -34.60 8.67
N ALA C 182 -3.83 -35.67 9.48
CA ALA C 182 -3.92 -37.02 8.97
C ALA C 182 -5.21 -37.28 8.20
N TRP C 183 -6.34 -36.78 8.78
CA TRP C 183 -7.65 -36.94 8.19
C TRP C 183 -7.69 -36.24 6.85
N LEU C 184 -7.18 -35.02 6.78
CA LEU C 184 -7.22 -34.24 5.54
C LEU C 184 -6.37 -34.86 4.42
N LEU C 185 -5.15 -35.34 4.77
CA LEU C 185 -4.27 -36.03 3.79
C LEU C 185 -4.95 -37.34 3.33
N TRP C 186 -5.59 -38.08 4.27
CA TRP C 186 -6.35 -39.26 3.91
C TRP C 186 -7.43 -38.89 2.87
N LYS C 187 -8.23 -37.85 3.13
CA LYS C 187 -9.38 -37.54 2.26
C LYS C 187 -8.93 -36.94 0.93
N LEU C 188 -7.96 -35.97 0.99
CA LEU C 188 -7.41 -35.37 -0.25
C LEU C 188 -6.81 -36.41 -1.22
N SER C 189 -6.22 -37.49 -0.73
CA SER C 189 -5.59 -38.53 -1.55
C SER C 189 -6.54 -39.63 -2.01
N GLY C 190 -7.83 -39.55 -1.63
CA GLY C 190 -8.77 -40.65 -1.85
C GLY C 190 -8.42 -41.87 -1.01
N GLY C 191 -7.92 -41.68 0.23
CA GLY C 191 -7.69 -42.84 1.06
C GLY C 191 -6.33 -43.53 0.86
N LYS C 192 -5.38 -42.88 0.18
CA LYS C 192 -4.15 -43.52 -0.20
C LYS C 192 -2.99 -43.30 0.81
N VAL C 193 -3.05 -42.32 1.72
CA VAL C 193 -1.97 -42.17 2.70
C VAL C 193 -2.59 -41.96 4.08
N PHE C 194 -1.89 -42.56 5.06
CA PHE C 194 -2.14 -42.48 6.49
C PHE C 194 -0.86 -42.02 7.20
N VAL C 195 -0.70 -40.69 7.24
CA VAL C 195 0.50 -40.02 7.74
C VAL C 195 0.12 -38.79 8.58
N THR C 196 1.11 -38.32 9.33
CA THR C 196 0.93 -37.14 10.18
C THR C 196 2.29 -36.43 10.20
N ASP C 197 2.32 -35.12 10.25
CA ASP C 197 3.56 -34.41 10.47
C ASP C 197 3.97 -34.43 11.95
N VAL C 198 5.25 -34.12 12.21
CA VAL C 198 5.76 -34.33 13.55
C VAL C 198 5.12 -33.33 14.52
N THR C 199 4.75 -32.13 14.04
CA THR C 199 4.26 -31.07 14.90
C THR C 199 2.92 -31.51 15.48
N ASN C 200 2.07 -32.08 14.64
CA ASN C 200 0.77 -32.59 15.07
C ASN C 200 0.91 -33.78 16.03
N ALA C 201 1.87 -34.69 15.73
CA ALA C 201 2.06 -35.89 16.54
C ALA C 201 2.48 -35.55 17.98
N SER C 202 3.22 -34.43 18.09
CA SER C 202 3.70 -33.88 19.37
C SER C 202 2.56 -33.46 20.33
N ARG C 203 1.31 -33.44 19.83
CA ARG C 203 0.14 -32.97 20.58
C ARG C 203 -0.75 -34.12 21.00
N THR C 204 -0.39 -35.36 20.68
CA THR C 204 -1.24 -36.53 20.92
C THR C 204 -1.06 -37.13 22.31
N PHE C 205 0.05 -36.80 23.00
CA PHE C 205 0.48 -37.49 24.21
C PHE C 205 1.29 -38.77 23.92
N LEU C 206 1.33 -39.26 22.68
CA LEU C 206 1.85 -40.59 22.39
C LEU C 206 3.21 -40.58 21.68
N MET C 207 3.74 -39.38 21.37
CA MET C 207 5.06 -39.27 20.76
C MET C 207 6.08 -38.99 21.84
N ASP C 208 7.18 -39.76 21.82
CA ASP C 208 8.39 -39.40 22.53
C ASP C 208 8.97 -38.12 21.92
N ILE C 209 9.06 -37.05 22.70
CA ILE C 209 9.45 -35.70 22.25
C ILE C 209 10.95 -35.62 21.94
N ARG C 210 11.76 -36.50 22.54
CA ARG C 210 13.20 -36.55 22.28
C ARG C 210 13.50 -37.28 20.96
N THR C 211 12.89 -38.46 20.71
CA THR C 211 13.14 -39.16 19.47
C THR C 211 12.21 -38.68 18.34
N CYS C 212 11.08 -38.06 18.67
CA CYS C 212 10.00 -37.80 17.74
C CYS C 212 9.56 -39.05 16.97
N LYS C 213 9.45 -40.15 17.69
CA LYS C 213 8.76 -41.35 17.22
C LYS C 213 7.67 -41.71 18.23
N TRP C 214 6.65 -42.49 17.81
CA TRP C 214 5.68 -43.03 18.76
C TRP C 214 6.41 -43.74 19.92
N SER C 215 6.01 -43.53 21.17
CA SER C 215 6.51 -44.24 22.33
C SER C 215 5.75 -45.56 22.54
N PRO C 216 6.40 -46.73 22.47
CA PRO C 216 5.72 -47.99 22.85
C PRO C 216 5.19 -47.93 24.29
N GLU C 217 5.94 -47.33 25.23
CA GLU C 217 5.45 -47.22 26.59
C GLU C 217 4.16 -46.36 26.67
N LEU C 218 4.10 -45.18 26.05
CA LEU C 218 2.92 -44.33 26.15
C LEU C 218 1.70 -44.96 25.41
N CYS C 219 1.91 -45.69 24.32
CA CYS C 219 0.84 -46.34 23.60
C CYS C 219 0.24 -47.49 24.40
N ASP C 220 1.10 -48.36 24.99
CA ASP C 220 0.70 -49.41 25.90
C ASP C 220 -0.14 -48.89 27.07
N LYS C 221 0.40 -47.86 27.72
CA LYS C 221 -0.22 -47.31 28.92
C LYS C 221 -1.54 -46.62 28.61
N LEU C 222 -1.73 -46.02 27.43
CA LEU C 222 -3.06 -45.47 27.15
C LEU C 222 -3.98 -46.48 26.43
N GLY C 223 -3.55 -47.74 26.31
CA GLY C 223 -4.29 -48.76 25.60
C GLY C 223 -4.67 -48.34 24.18
N ILE C 224 -3.70 -47.72 23.47
CA ILE C 224 -3.84 -47.38 22.07
C ILE C 224 -2.79 -48.15 21.28
N PRO C 225 -3.23 -49.02 20.34
CA PRO C 225 -2.31 -49.73 19.46
C PRO C 225 -1.62 -48.76 18.52
N MET C 226 -0.29 -48.87 18.50
CA MET C 226 0.63 -48.11 17.66
C MET C 226 0.17 -48.17 16.19
N ALA C 227 -0.33 -49.36 15.77
CA ALA C 227 -0.80 -49.63 14.42
C ALA C 227 -2.03 -48.78 14.02
N CYS C 228 -2.78 -48.20 15.00
CA CYS C 228 -3.92 -47.32 14.74
C CYS C 228 -3.48 -45.91 14.41
N LEU C 229 -2.21 -45.61 14.57
CA LEU C 229 -1.74 -44.23 14.46
C LEU C 229 -1.12 -43.99 13.08
N PRO C 230 -1.14 -42.75 12.55
CA PRO C 230 -0.51 -42.48 11.27
C PRO C 230 1.02 -42.58 11.42
N GLU C 231 1.67 -42.70 10.27
CA GLU C 231 3.09 -42.63 10.20
C GLU C 231 3.54 -41.17 10.34
N ILE C 232 4.53 -40.98 11.23
CA ILE C 232 5.11 -39.67 11.44
C ILE C 232 6.05 -39.28 10.31
N ARG C 233 5.91 -38.02 9.84
CA ARG C 233 6.73 -37.42 8.82
C ARG C 233 7.19 -36.05 9.31
N SER C 234 8.00 -35.38 8.52
CA SER C 234 8.38 -34.01 8.80
C SER C 234 7.24 -33.09 8.34
N ASN C 235 7.45 -31.79 8.45
CA ASN C 235 6.54 -30.79 7.95
C ASN C 235 6.65 -30.46 6.46
N SER C 236 7.76 -30.93 5.77
CA SER C 236 8.14 -30.36 4.49
C SER C 236 8.74 -31.47 3.62
N GLU C 237 7.88 -32.15 2.88
CA GLU C 237 8.25 -33.29 2.06
C GLU C 237 7.00 -33.69 1.28
N LEU C 238 7.14 -34.57 0.28
CA LEU C 238 5.98 -34.94 -0.51
C LEU C 238 5.12 -35.91 0.31
N PHE C 239 3.89 -35.53 0.63
CA PHE C 239 3.06 -36.33 1.50
C PHE C 239 2.19 -37.19 0.62
N THR C 240 1.49 -36.54 -0.35
CA THR C 240 0.58 -37.24 -1.26
C THR C 240 0.18 -36.25 -2.35
N TYR C 241 -0.90 -36.56 -3.06
CA TYR C 241 -1.40 -35.81 -4.21
C TYR C 241 -2.88 -35.53 -4.01
N VAL C 242 -3.41 -34.47 -4.60
CA VAL C 242 -4.85 -34.29 -4.61
C VAL C 242 -5.46 -35.22 -5.67
N LEU C 243 -6.08 -36.31 -5.19
CA LEU C 243 -6.71 -37.30 -6.03
C LEU C 243 -8.23 -37.36 -5.80
N SER C 244 -8.80 -36.70 -4.76
CA SER C 244 -10.25 -36.80 -4.43
C SER C 244 -11.13 -36.11 -5.49
N ASP C 245 -12.26 -36.73 -5.92
CA ASP C 245 -13.17 -35.94 -6.77
C ASP C 245 -14.42 -35.38 -6.03
N GLU C 246 -14.45 -35.45 -4.71
CA GLU C 246 -15.31 -34.66 -3.83
C GLU C 246 -15.46 -33.18 -4.24
N GLY C 247 -16.75 -32.79 -4.42
CA GLY C 247 -17.09 -31.42 -4.74
C GLY C 247 -16.44 -30.95 -6.03
N GLY C 248 -16.01 -31.88 -6.90
CA GLY C 248 -15.31 -31.62 -8.16
C GLY C 248 -13.88 -31.14 -7.95
N LEU C 249 -13.19 -31.63 -6.88
CA LEU C 249 -11.97 -30.98 -6.43
C LEU C 249 -10.88 -31.17 -7.48
N SER C 250 -10.66 -32.39 -7.91
CA SER C 250 -9.48 -32.65 -8.73
C SER C 250 -9.68 -32.19 -10.16
N THR C 251 -10.93 -32.22 -10.63
CA THR C 251 -11.35 -31.54 -11.86
C THR C 251 -11.08 -30.04 -11.84
N ALA C 252 -11.33 -29.38 -10.73
CA ALA C 252 -11.15 -27.94 -10.67
C ALA C 252 -9.65 -27.60 -10.69
N LEU C 253 -8.85 -28.45 -10.02
CA LEU C 253 -7.41 -28.24 -9.88
C LEU C 253 -6.74 -28.50 -11.24
N ARG C 254 -7.33 -29.47 -12.01
CA ARG C 254 -6.91 -29.82 -13.36
C ARG C 254 -5.61 -30.65 -13.32
N HIS C 255 -5.12 -30.97 -12.13
CA HIS C 255 -3.84 -31.60 -11.95
C HIS C 255 -3.90 -32.31 -10.60
N PRO C 256 -3.22 -33.46 -10.48
CA PRO C 256 -3.00 -34.10 -9.18
C PRO C 256 -1.99 -33.40 -8.26
N THR C 257 -2.42 -32.27 -7.67
CA THR C 257 -1.52 -31.31 -7.08
C THR C 257 -0.72 -32.00 -5.99
N PRO C 258 0.65 -31.92 -5.95
CA PRO C 258 1.43 -32.44 -4.84
C PRO C 258 1.28 -31.62 -3.55
N ILE C 259 0.91 -32.35 -2.45
CA ILE C 259 0.86 -31.77 -1.12
C ILE C 259 2.20 -32.00 -0.42
N MET C 260 2.93 -30.92 -0.20
CA MET C 260 4.30 -31.00 0.23
C MET C 260 4.54 -30.22 1.53
N GLY C 261 3.46 -29.78 2.21
CA GLY C 261 3.65 -29.19 3.53
C GLY C 261 2.48 -29.55 4.43
N SER C 262 2.78 -29.81 5.71
CA SER C 262 1.76 -30.10 6.72
C SER C 262 2.31 -29.69 8.07
N ILE C 263 1.57 -28.79 8.76
CA ILE C 263 2.03 -28.25 10.02
C ILE C 263 0.84 -27.97 10.93
N ALA C 264 0.99 -28.39 12.18
CA ALA C 264 0.13 -27.96 13.28
C ALA C 264 -0.07 -26.43 13.24
N ASP C 265 -1.33 -25.91 13.33
CA ASP C 265 -1.60 -24.51 12.98
C ASP C 265 -0.73 -23.53 13.75
N GLN C 266 -0.58 -23.73 15.06
CA GLN C 266 0.15 -22.71 15.82
C GLN C 266 1.63 -22.64 15.47
N GLN C 267 2.19 -23.81 15.20
CA GLN C 267 3.56 -23.93 14.65
C GLN C 267 3.63 -23.33 13.26
N GLY C 268 2.58 -23.49 12.43
CA GLY C 268 2.48 -22.78 11.16
C GLY C 268 2.67 -21.29 11.33
N ALA C 269 1.93 -20.74 12.31
CA ALA C 269 1.98 -19.33 12.62
C ALA C 269 3.37 -18.89 13.01
N LEU C 270 4.02 -19.75 13.82
CA LEU C 270 5.39 -19.46 14.30
C LEU C 270 6.38 -19.36 13.12
N LEU C 271 6.25 -20.31 12.18
CA LEU C 271 6.99 -20.30 10.93
C LEU C 271 6.64 -19.13 10.00
N GLY C 272 5.33 -18.80 9.90
CA GLY C 272 4.89 -17.74 9.03
C GLY C 272 5.37 -16.40 9.55
N ASN C 273 5.67 -16.28 10.87
CA ASN C 273 6.30 -15.05 11.36
C ASN C 273 7.79 -15.09 11.30
N MET C 274 8.34 -16.15 10.74
CA MET C 274 9.79 -16.21 10.52
C MET C 274 10.52 -16.39 11.88
N CYS C 275 9.89 -17.16 12.78
CA CYS C 275 10.45 -17.41 14.10
C CYS C 275 11.23 -18.73 14.10
N PHE C 276 12.34 -18.77 13.40
CA PHE C 276 13.17 -19.92 13.13
C PHE C 276 14.25 -20.16 14.19
N LYS C 277 14.69 -19.08 14.87
CA LYS C 277 15.84 -19.08 15.72
C LYS C 277 15.40 -19.08 17.19
N GLU C 278 16.28 -19.64 18.05
CA GLU C 278 16.11 -19.61 19.48
C GLU C 278 15.85 -18.17 19.89
N GLY C 279 14.86 -18.06 20.74
CA GLY C 279 14.43 -16.78 21.29
C GLY C 279 13.23 -16.13 20.57
N GLU C 280 12.96 -16.46 19.31
CA GLU C 280 11.90 -15.81 18.56
C GLU C 280 10.50 -16.38 18.89
N SER C 281 9.55 -15.49 19.15
CA SER C 281 8.24 -15.83 19.65
C SER C 281 7.11 -15.09 18.91
N LYS C 282 5.89 -15.64 19.01
CA LYS C 282 4.70 -14.91 18.59
C LYS C 282 3.51 -15.37 19.48
N ASN C 283 2.44 -14.56 19.50
CA ASN C 283 1.12 -14.99 19.97
C ASN C 283 0.07 -14.80 18.88
N THR C 284 -0.66 -15.86 18.58
CA THR C 284 -1.75 -15.87 17.63
C THR C 284 -3.06 -15.72 18.40
N TYR C 285 -3.84 -14.72 17.98
CA TYR C 285 -5.14 -14.46 18.56
C TYR C 285 -6.21 -15.03 17.66
N GLY C 286 -6.87 -16.07 18.08
CA GLY C 286 -8.00 -16.53 17.30
C GLY C 286 -9.11 -17.00 18.25
N THR C 287 -9.62 -18.24 18.06
CA THR C 287 -10.54 -18.89 19.02
C THR C 287 -9.97 -18.87 20.45
N GLY C 288 -8.71 -19.36 20.49
CA GLY C 288 -7.77 -19.38 21.58
C GLY C 288 -6.64 -18.42 21.27
N CYS C 289 -5.74 -18.32 22.23
CA CYS C 289 -4.47 -17.63 22.04
C CYS C 289 -3.35 -18.63 22.34
N PHE C 290 -2.30 -18.60 21.49
CA PHE C 290 -1.20 -19.56 21.65
C PHE C 290 0.07 -18.77 21.44
N LEU C 291 0.87 -18.76 22.50
CA LEU C 291 2.16 -18.09 22.48
C LEU C 291 3.18 -19.19 22.33
N LEU C 292 4.04 -19.10 21.31
CA LEU C 292 5.08 -20.09 21.13
C LEU C 292 6.39 -19.32 21.04
N MET C 293 7.41 -19.81 21.72
CA MET C 293 8.78 -19.34 21.56
C MET C 293 9.66 -20.49 21.13
N THR C 294 10.33 -20.29 19.98
CA THR C 294 11.33 -21.25 19.46
C THR C 294 12.49 -21.34 20.43
N VAL C 295 12.92 -22.57 20.72
CA VAL C 295 14.05 -22.73 21.66
C VAL C 295 15.28 -23.40 21.01
N GLY C 296 15.14 -23.89 19.77
CA GLY C 296 16.23 -24.49 19.03
C GLY C 296 16.21 -26.00 19.15
N GLU C 297 17.39 -26.66 19.09
CA GLU C 297 17.44 -28.12 19.02
C GLU C 297 17.41 -28.79 20.40
N ARG C 298 17.80 -28.06 21.46
CA ARG C 298 17.67 -28.60 22.83
C ARG C 298 16.28 -28.20 23.34
N ILE C 299 15.45 -29.23 23.60
CA ILE C 299 14.16 -29.09 24.26
C ILE C 299 14.34 -28.26 25.53
N ARG C 300 13.35 -27.43 25.88
CA ARG C 300 13.17 -26.86 27.22
C ARG C 300 11.88 -27.39 27.81
N PHE C 301 12.01 -27.89 29.04
CA PHE C 301 10.91 -28.38 29.84
C PHE C 301 10.44 -27.25 30.77
N SER C 302 9.13 -27.08 30.86
CA SER C 302 8.56 -25.96 31.62
C SER C 302 8.52 -26.25 33.12
N ASP C 303 8.95 -25.32 34.00
CA ASP C 303 8.65 -25.46 35.42
C ASP C 303 7.39 -24.72 35.82
N HIS C 304 6.66 -24.10 34.89
CA HIS C 304 5.72 -23.02 35.26
C HIS C 304 4.42 -23.15 34.51
N GLY C 305 4.08 -24.38 34.14
CA GLY C 305 2.76 -24.64 33.57
C GLY C 305 2.70 -24.43 32.06
N LEU C 306 3.87 -24.37 31.42
CA LEU C 306 3.88 -24.35 29.96
C LEU C 306 4.16 -25.78 29.40
N LEU C 307 4.12 -25.94 28.05
CA LEU C 307 4.34 -27.18 27.33
C LEU C 307 5.65 -27.11 26.51
N SER C 308 6.33 -28.24 26.43
CA SER C 308 7.38 -28.46 25.44
C SER C 308 6.77 -29.04 24.15
N THR C 309 7.05 -28.41 22.97
CA THR C 309 6.50 -28.93 21.71
C THR C 309 7.56 -28.86 20.59
N VAL C 310 7.26 -29.55 19.48
CA VAL C 310 8.05 -29.44 18.25
C VAL C 310 7.56 -28.23 17.48
N ALA C 311 8.50 -27.33 17.15
CA ALA C 311 8.28 -26.15 16.36
C ALA C 311 8.12 -26.51 14.89
N TYR C 312 9.04 -27.36 14.39
CA TYR C 312 9.13 -27.70 12.98
C TYR C 312 10.26 -28.71 12.76
N GLN C 313 10.15 -29.45 11.65
CA GLN C 313 11.20 -30.18 10.99
C GLN C 313 10.97 -30.09 9.47
N LEU C 314 11.93 -29.42 8.81
CA LEU C 314 11.88 -29.09 7.40
C LEU C 314 12.59 -30.16 6.57
N GLY C 315 11.96 -31.30 6.29
CA GLY C 315 12.61 -32.38 5.59
C GLY C 315 12.98 -33.51 6.55
N ASN C 316 12.82 -34.76 6.08
CA ASN C 316 13.10 -35.93 6.90
C ASN C 316 14.61 -36.02 7.19
N LYS C 317 15.47 -35.34 6.41
CA LYS C 317 16.85 -35.27 6.82
C LYS C 317 17.10 -34.16 7.83
N SER C 318 16.16 -33.28 8.18
CA SER C 318 16.54 -32.05 8.90
C SER C 318 16.47 -32.23 10.40
N PRO C 319 17.13 -31.35 11.20
CA PRO C 319 16.95 -31.34 12.66
C PRO C 319 15.51 -31.03 13.10
N PHE C 320 15.14 -31.65 14.24
CA PHE C 320 14.01 -31.28 15.05
C PHE C 320 14.28 -29.98 15.80
N ILE C 321 13.43 -28.97 15.56
CA ILE C 321 13.47 -27.73 16.30
C ILE C 321 12.29 -27.70 17.28
N TYR C 322 12.52 -27.22 18.52
CA TYR C 322 11.59 -27.31 19.65
C TYR C 322 11.11 -25.90 19.99
N ALA C 323 9.97 -25.83 20.75
CA ALA C 323 9.40 -24.56 21.24
C ALA C 323 8.85 -24.73 22.64
N LEU C 324 8.68 -23.63 23.39
CA LEU C 324 7.81 -23.60 24.59
C LEU C 324 6.47 -22.94 24.25
N GLU C 325 5.37 -23.37 24.88
CA GLU C 325 4.07 -22.92 24.40
C GLU C 325 3.15 -22.71 25.61
N GLY C 326 2.45 -21.54 25.58
CA GLY C 326 1.33 -21.14 26.44
C GLY C 326 0.05 -21.16 25.64
N SER C 327 -0.80 -22.09 26.05
CA SER C 327 -2.05 -22.36 25.36
C SER C 327 -3.28 -21.80 26.15
N ILE C 328 -4.19 -21.07 25.52
CA ILE C 328 -5.34 -20.39 26.12
C ILE C 328 -6.57 -20.77 25.30
N ALA C 329 -7.61 -21.30 25.95
CA ALA C 329 -8.77 -21.85 25.22
C ALA C 329 -9.79 -20.78 24.82
N GLY C 330 -10.06 -19.80 25.72
CA GLY C 330 -11.11 -18.80 25.60
C GLY C 330 -10.57 -17.38 25.33
N ALA C 331 -10.48 -17.10 24.05
CA ALA C 331 -10.15 -15.78 23.52
C ALA C 331 -11.32 -15.35 22.64
N GLY C 332 -11.15 -15.46 21.32
CA GLY C 332 -12.19 -15.10 20.41
C GLY C 332 -13.42 -15.97 20.56
N ALA C 333 -13.31 -17.19 21.10
CA ALA C 333 -14.49 -18.03 21.34
C ALA C 333 -15.56 -17.29 22.10
N THR C 334 -15.12 -16.51 23.09
CA THR C 334 -15.98 -15.67 23.92
C THR C 334 -16.87 -14.79 23.04
N ILE C 335 -16.32 -14.12 21.99
CA ILE C 335 -16.96 -13.09 21.19
C ILE C 335 -18.04 -13.76 20.36
N GLU C 336 -17.65 -14.87 19.72
CA GLU C 336 -18.53 -15.72 18.94
C GLU C 336 -19.76 -16.21 19.75
N TRP C 337 -19.45 -16.74 20.93
CA TRP C 337 -20.36 -17.24 21.91
C TRP C 337 -21.27 -16.12 22.32
N LEU C 338 -20.73 -14.91 22.54
CA LEU C 338 -21.60 -13.78 22.92
C LEU C 338 -22.64 -13.46 21.83
N LYS C 339 -22.22 -13.63 20.56
CA LYS C 339 -23.06 -13.37 19.40
C LYS C 339 -24.09 -14.49 19.15
N ASN C 340 -23.62 -15.73 18.98
CA ASN C 340 -24.48 -16.83 18.55
C ASN C 340 -25.33 -17.42 19.69
N ASN C 341 -24.70 -17.77 20.79
CA ASN C 341 -25.35 -18.13 22.03
C ASN C 341 -25.30 -16.77 22.70
N MET C 342 -26.16 -16.46 23.61
CA MET C 342 -26.27 -15.11 24.20
C MET C 342 -26.99 -14.05 23.37
N LYS C 343 -26.70 -13.79 22.08
CA LYS C 343 -27.30 -12.69 21.31
C LYS C 343 -27.15 -11.34 21.97
N LEU C 344 -26.08 -11.16 22.71
CA LEU C 344 -25.73 -9.88 23.27
C LEU C 344 -25.31 -8.90 22.15
N ILE C 345 -24.81 -9.43 21.04
CA ILE C 345 -24.40 -8.67 19.88
C ILE C 345 -24.85 -9.43 18.64
N ASP C 346 -25.17 -8.68 17.60
CA ASP C 346 -25.58 -9.15 16.29
C ASP C 346 -24.37 -9.40 15.41
N ASP C 347 -23.24 -8.64 15.51
CA ASP C 347 -21.99 -9.09 14.90
C ASP C 347 -20.80 -9.03 15.82
N VAL C 348 -19.77 -9.76 15.39
CA VAL C 348 -18.47 -9.83 16.00
C VAL C 348 -17.88 -8.44 16.06
N SER C 349 -18.16 -7.62 15.03
CA SER C 349 -17.64 -6.25 14.97
C SER C 349 -18.18 -5.37 16.10
N ASP C 350 -19.38 -5.72 16.64
CA ASP C 350 -19.97 -4.90 17.67
C ASP C 350 -19.25 -5.02 19.02
N CYS C 351 -18.45 -6.06 19.24
CA CYS C 351 -17.81 -6.23 20.54
C CYS C 351 -16.88 -5.03 20.72
N GLU C 352 -16.06 -4.78 19.70
CA GLU C 352 -15.11 -3.70 19.78
C GLU C 352 -15.79 -2.34 19.79
N LYS C 353 -16.72 -2.16 18.88
CA LYS C 353 -17.44 -0.90 18.78
C LYS C 353 -18.12 -0.50 20.11
N PHE C 354 -18.74 -1.50 20.78
CA PHE C 354 -19.46 -1.20 22.03
C PHE C 354 -18.49 -1.10 23.21
N ALA C 355 -17.43 -1.90 23.25
CA ALA C 355 -16.42 -1.91 24.31
C ALA C 355 -15.66 -0.57 24.37
N GLN C 356 -15.47 0.00 23.16
CA GLN C 356 -14.80 1.28 23.00
C GLN C 356 -15.61 2.39 23.62
N THR C 357 -16.94 2.30 23.70
CA THR C 357 -17.70 3.42 24.22
C THR C 357 -17.46 3.55 25.75
N VAL C 358 -16.77 2.66 26.48
CA VAL C 358 -16.74 2.90 27.94
C VAL C 358 -15.40 3.41 28.48
N SER C 359 -14.28 2.80 28.34
CA SER C 359 -13.09 3.37 29.06
C SER C 359 -12.73 2.71 30.39
N ASP C 360 -13.65 2.07 31.17
CA ASP C 360 -13.30 0.99 32.11
C ASP C 360 -14.48 0.01 32.21
N THR C 361 -14.41 -0.99 33.08
CA THR C 361 -15.49 -1.98 33.19
C THR C 361 -16.30 -1.78 34.48
N GLN C 362 -16.03 -0.68 35.18
CA GLN C 362 -16.47 -0.47 36.55
C GLN C 362 -16.20 -1.68 37.46
N GLY C 363 -15.08 -2.38 37.32
CA GLY C 363 -14.79 -3.48 38.24
C GLY C 363 -15.36 -4.85 37.80
N VAL C 364 -16.08 -4.89 36.67
CA VAL C 364 -16.48 -6.16 36.10
C VAL C 364 -15.27 -6.88 35.49
N VAL C 365 -15.23 -8.19 35.77
CA VAL C 365 -14.29 -9.09 35.14
C VAL C 365 -15.06 -10.25 34.49
N PHE C 366 -14.62 -10.67 33.30
CA PHE C 366 -15.12 -11.81 32.55
C PHE C 366 -14.07 -12.92 32.54
N VAL C 367 -14.46 -14.16 32.92
CA VAL C 367 -13.50 -15.26 32.99
C VAL C 367 -13.94 -16.28 31.94
N PRO C 368 -13.21 -16.40 30.79
CA PRO C 368 -13.63 -17.27 29.71
C PRO C 368 -13.14 -18.71 29.80
N ALA C 369 -13.44 -19.33 30.94
CA ALA C 369 -12.96 -20.68 31.20
C ALA C 369 -14.08 -21.64 30.86
N PHE C 370 -14.64 -21.44 29.66
CA PHE C 370 -15.79 -22.20 29.19
C PHE C 370 -15.56 -23.71 29.31
N SER C 371 -14.33 -24.11 29.01
CA SER C 371 -13.97 -25.50 29.09
C SER C 371 -12.74 -25.66 30.05
N GLY C 372 -12.69 -24.88 31.12
CA GLY C 372 -11.60 -24.93 32.06
C GLY C 372 -10.50 -24.00 31.62
N PHE C 373 -9.46 -23.92 32.46
CA PHE C 373 -8.28 -23.15 32.20
C PHE C 373 -7.18 -24.14 31.78
N LEU C 374 -6.50 -23.75 30.69
CA LEU C 374 -5.26 -24.37 30.27
C LEU C 374 -4.14 -23.53 30.85
N ALA C 375 -3.19 -23.08 30.05
CA ALA C 375 -1.99 -22.60 30.70
C ALA C 375 -2.21 -21.18 31.24
N PRO C 376 -1.51 -20.79 32.33
CA PRO C 376 -0.61 -21.65 33.08
C PRO C 376 -1.11 -22.37 34.32
N SER C 377 -2.40 -22.27 34.66
CA SER C 377 -2.96 -22.84 35.90
C SER C 377 -3.39 -24.30 35.71
N TRP C 378 -3.90 -24.60 34.53
CA TRP C 378 -4.43 -25.92 34.21
C TRP C 378 -5.45 -26.33 35.24
N ASP C 379 -6.51 -25.51 35.38
CA ASP C 379 -7.59 -25.76 36.34
C ASP C 379 -8.86 -26.23 35.58
N PRO C 380 -9.14 -27.56 35.61
CA PRO C 380 -10.27 -28.09 34.81
C PRO C 380 -11.65 -27.72 35.40
N SER C 381 -11.67 -27.22 36.63
CA SER C 381 -12.90 -26.99 37.42
C SER C 381 -13.43 -25.59 37.13
N ALA C 382 -12.61 -24.69 36.58
CA ALA C 382 -13.07 -23.34 36.26
C ALA C 382 -14.14 -23.36 35.15
N ARG C 383 -15.15 -22.45 35.25
CA ARG C 383 -16.15 -22.31 34.21
C ARG C 383 -16.28 -20.86 33.86
N GLY C 384 -16.98 -20.61 32.75
CA GLY C 384 -17.17 -19.26 32.29
C GLY C 384 -18.02 -18.47 33.28
N SER C 385 -17.54 -17.26 33.59
CA SER C 385 -17.99 -16.55 34.79
C SER C 385 -17.98 -15.05 34.55
N ILE C 386 -18.92 -14.31 35.19
CA ILE C 386 -18.83 -12.85 35.23
C ILE C 386 -18.88 -12.42 36.67
N PHE C 387 -18.02 -11.46 37.01
CA PHE C 387 -18.00 -10.90 38.33
C PHE C 387 -18.09 -9.39 38.31
N GLY C 388 -18.51 -8.85 39.45
CA GLY C 388 -18.46 -7.44 39.79
C GLY C 388 -19.61 -6.58 39.27
N MET C 389 -20.70 -7.20 38.80
CA MET C 389 -21.81 -6.42 38.24
C MET C 389 -22.60 -5.63 39.30
N THR C 390 -22.97 -4.39 38.89
CA THR C 390 -24.02 -3.66 39.58
C THR C 390 -25.15 -3.40 38.58
N LEU C 391 -26.22 -2.77 39.01
CA LEU C 391 -27.32 -2.40 38.12
C LEU C 391 -26.85 -1.36 37.10
N LYS C 392 -25.73 -0.66 37.34
CA LYS C 392 -25.26 0.34 36.38
C LYS C 392 -24.37 -0.31 35.32
N THR C 393 -24.09 -1.61 35.45
CA THR C 393 -23.35 -2.32 34.45
C THR C 393 -24.15 -2.42 33.16
N THR C 394 -23.42 -2.27 32.00
CA THR C 394 -24.02 -2.24 30.68
C THR C 394 -23.32 -3.26 29.82
N ARG C 395 -23.95 -3.59 28.71
CA ARG C 395 -23.33 -4.46 27.74
C ARG C 395 -21.91 -4.00 27.38
N ALA C 396 -21.72 -2.67 27.28
CA ALA C 396 -20.44 -2.13 26.88
C ALA C 396 -19.31 -2.57 27.84
N HIS C 397 -19.59 -2.49 29.14
CA HIS C 397 -18.70 -2.85 30.22
C HIS C 397 -18.41 -4.36 30.19
N VAL C 398 -19.43 -5.19 29.87
CA VAL C 398 -19.22 -6.62 29.80
C VAL C 398 -18.34 -7.01 28.60
N LEU C 399 -18.60 -6.37 27.43
CA LEU C 399 -17.82 -6.65 26.24
C LEU C 399 -16.38 -6.16 26.44
N ARG C 400 -16.17 -5.01 27.06
CA ARG C 400 -14.84 -4.56 27.35
C ARG C 400 -14.11 -5.58 28.24
N ALA C 401 -14.85 -6.10 29.23
CA ALA C 401 -14.30 -7.14 30.14
C ALA C 401 -13.93 -8.43 29.39
N ALA C 402 -14.71 -8.83 28.37
CA ALA C 402 -14.42 -10.02 27.56
C ALA C 402 -13.06 -9.88 26.83
N LEU C 403 -12.80 -8.68 26.28
CA LEU C 403 -11.56 -8.35 25.57
C LEU C 403 -10.39 -8.33 26.56
N LEU C 404 -10.56 -7.60 27.67
CA LEU C 404 -9.52 -7.51 28.67
C LEU C 404 -9.07 -8.91 29.13
N ALA C 405 -10.00 -9.85 29.29
CA ALA C 405 -9.71 -11.22 29.73
C ALA C 405 -8.75 -11.92 28.75
N ILE C 406 -8.90 -11.68 27.45
CA ILE C 406 -7.92 -12.15 26.46
C ILE C 406 -6.54 -11.60 26.77
N ALA C 407 -6.42 -10.30 26.93
CA ALA C 407 -5.15 -9.72 27.22
C ALA C 407 -4.50 -10.27 28.51
N LEU C 408 -5.37 -10.46 29.54
CA LEU C 408 -4.91 -10.86 30.84
C LEU C 408 -4.41 -12.30 30.82
N GLN C 409 -5.06 -13.17 30.03
CA GLN C 409 -4.64 -14.55 29.96
C GLN C 409 -3.23 -14.62 29.30
N VAL C 410 -3.01 -13.74 28.30
CA VAL C 410 -1.75 -13.58 27.61
C VAL C 410 -0.70 -13.06 28.57
N VAL C 411 -1.03 -12.10 29.41
CA VAL C 411 -0.14 -11.72 30.49
C VAL C 411 0.32 -12.94 31.33
N ASP C 412 -0.62 -13.77 31.72
CA ASP C 412 -0.26 -14.89 32.60
C ASP C 412 0.74 -15.84 31.92
N VAL C 413 0.48 -16.18 30.61
CA VAL C 413 1.35 -17.14 29.95
C VAL C 413 2.70 -16.53 29.63
N LEU C 414 2.76 -15.24 29.29
CA LEU C 414 4.02 -14.61 29.00
C LEU C 414 4.88 -14.51 30.24
N GLU C 415 4.30 -14.23 31.42
CA GLU C 415 5.11 -14.12 32.64
C GLU C 415 5.67 -15.50 33.04
N ALA C 416 4.88 -16.56 32.81
CA ALA C 416 5.38 -17.92 32.97
C ALA C 416 6.57 -18.20 32.02
N MET C 417 6.39 -17.84 30.74
CA MET C 417 7.37 -18.08 29.72
C MET C 417 8.73 -17.40 30.01
N GLU C 418 8.66 -16.17 30.54
CA GLU C 418 9.82 -15.46 30.98
C GLU C 418 10.56 -16.21 32.07
N LYS C 419 9.84 -16.77 33.04
CA LYS C 419 10.52 -17.62 34.02
C LYS C 419 11.15 -18.85 33.38
N ASP C 420 10.41 -19.58 32.51
CA ASP C 420 10.93 -20.75 31.84
C ASP C 420 12.16 -20.47 30.95
N ALA C 421 12.14 -19.38 30.15
CA ALA C 421 13.27 -19.07 29.25
C ALA C 421 14.33 -18.24 29.96
N GLU C 422 13.98 -17.68 31.12
CA GLU C 422 14.92 -16.90 31.90
C GLU C 422 15.34 -15.65 31.12
N VAL C 423 14.37 -14.90 30.61
CA VAL C 423 14.54 -13.84 29.63
C VAL C 423 13.30 -12.97 29.85
N LYS C 424 13.45 -11.63 29.76
CA LYS C 424 12.35 -10.70 29.65
C LYS C 424 11.94 -10.53 28.18
N VAL C 425 10.68 -10.87 27.80
CA VAL C 425 10.15 -10.67 26.45
C VAL C 425 9.97 -9.18 26.21
N GLN C 426 10.70 -8.60 25.24
CA GLN C 426 10.95 -7.15 25.14
C GLN C 426 9.87 -6.42 24.29
N PHE C 427 9.17 -7.24 23.48
CA PHE C 427 8.18 -6.83 22.50
C PHE C 427 7.53 -8.14 22.15
N LEU C 428 6.31 -8.11 21.62
CA LEU C 428 5.64 -9.38 21.29
C LEU C 428 5.12 -9.30 19.87
N ARG C 429 5.42 -10.26 19.04
CA ARG C 429 4.88 -10.33 17.70
C ARG C 429 3.55 -11.01 17.81
N VAL C 430 2.56 -10.52 17.06
CA VAL C 430 1.19 -10.97 17.21
C VAL C 430 0.60 -11.24 15.84
N ASP C 431 -0.18 -12.30 15.66
CA ASP C 431 -0.88 -12.57 14.41
C ASP C 431 -2.28 -13.12 14.70
N GLY C 432 -2.99 -13.52 13.63
CA GLY C 432 -4.38 -13.99 13.72
C GLY C 432 -5.36 -12.85 13.48
N GLY C 433 -6.60 -13.18 13.13
CA GLY C 433 -7.57 -12.21 12.66
C GLY C 433 -8.11 -11.31 13.75
N LEU C 434 -7.93 -11.66 15.01
CA LEU C 434 -8.29 -10.81 16.14
C LEU C 434 -7.21 -9.71 16.37
N THR C 435 -6.08 -9.72 15.64
CA THR C 435 -5.16 -8.58 15.64
C THR C 435 -5.79 -7.40 14.89
N LYS C 436 -6.91 -7.63 14.18
CA LYS C 436 -7.61 -6.49 13.56
C LYS C 436 -8.49 -5.70 14.56
N ASN C 437 -8.68 -6.19 15.77
CA ASN C 437 -9.32 -5.48 16.88
C ASN C 437 -8.26 -4.56 17.49
N HIS C 438 -8.37 -3.28 17.13
CA HIS C 438 -7.39 -2.27 17.47
C HIS C 438 -7.42 -2.09 19.01
N LEU C 439 -8.60 -2.12 19.61
CA LEU C 439 -8.77 -1.92 21.04
C LEU C 439 -8.10 -3.05 21.81
N LEU C 440 -8.34 -4.30 21.40
CA LEU C 440 -7.66 -5.41 22.05
C LEU C 440 -6.11 -5.28 21.99
N MET C 441 -5.58 -4.86 20.84
CA MET C 441 -4.16 -4.68 20.66
C MET C 441 -3.62 -3.66 21.65
N LYS C 442 -4.34 -2.55 21.86
CA LYS C 442 -3.85 -1.54 22.78
C LYS C 442 -3.97 -2.02 24.22
N MET C 443 -5.03 -2.74 24.53
CA MET C 443 -5.19 -3.29 25.87
C MET C 443 -3.97 -4.20 26.11
N GLN C 444 -3.65 -5.06 25.13
CA GLN C 444 -2.57 -6.03 25.27
C GLN C 444 -1.21 -5.37 25.51
N SER C 445 -0.95 -4.29 24.77
CA SER C 445 0.24 -3.48 24.88
C SER C 445 0.33 -2.78 26.23
N ASP C 446 -0.73 -2.06 26.59
CA ASP C 446 -0.78 -1.38 27.88
C ASP C 446 -0.56 -2.35 29.03
N LEU C 447 -1.20 -3.54 29.01
CA LEU C 447 -1.07 -4.50 30.09
C LEU C 447 0.36 -5.03 30.20
N LEU C 448 1.00 -5.32 29.04
CA LEU C 448 2.35 -5.88 29.05
C LEU C 448 3.37 -4.78 29.30
N GLY C 449 3.07 -3.55 29.00
CA GLY C 449 4.08 -2.50 29.03
C GLY C 449 5.17 -2.60 27.96
N ILE C 450 4.96 -3.33 26.84
CA ILE C 450 5.91 -3.51 25.77
C ILE C 450 5.23 -3.26 24.42
N ASN C 451 6.03 -2.98 23.38
CA ASN C 451 5.57 -2.85 22.00
C ASN C 451 5.08 -4.19 21.46
N LEU C 452 3.98 -4.17 20.70
CA LEU C 452 3.58 -5.32 19.90
C LEU C 452 3.98 -5.02 18.45
N HIS C 453 4.24 -6.10 17.69
CA HIS C 453 4.71 -6.06 16.32
C HIS C 453 3.69 -6.81 15.51
N ARG C 454 2.97 -6.08 14.68
CA ARG C 454 1.75 -6.65 14.11
C ARG C 454 1.85 -6.70 12.60
N PRO C 455 1.89 -7.90 11.99
CA PRO C 455 1.80 -8.02 10.55
C PRO C 455 0.42 -7.64 10.01
N THR C 456 0.43 -6.93 8.84
CA THR C 456 -0.81 -6.55 8.21
C THR C 456 -1.40 -7.74 7.49
N MET C 457 -0.59 -8.67 6.96
CA MET C 457 -1.07 -9.97 6.52
C MET C 457 -0.95 -10.91 7.74
N ALA C 458 -2.11 -11.08 8.41
CA ALA C 458 -2.17 -11.66 9.76
C ALA C 458 -2.45 -13.17 9.68
N GLU C 459 -2.63 -13.72 8.47
CA GLU C 459 -2.82 -15.18 8.30
C GLU C 459 -1.45 -15.90 8.13
N THR C 460 -0.60 -15.76 9.14
CA THR C 460 0.69 -16.39 9.22
C THR C 460 0.56 -17.88 9.36
N THR C 461 -0.55 -18.41 9.92
CA THR C 461 -0.75 -19.86 9.90
C THR C 461 -0.70 -20.43 8.47
N ALA C 462 -1.53 -19.89 7.56
CA ALA C 462 -1.55 -20.32 6.17
C ALA C 462 -0.17 -20.08 5.52
N LEU C 463 0.46 -18.91 5.73
CA LEU C 463 1.79 -18.64 5.15
C LEU C 463 2.78 -19.70 5.62
N GLY C 464 2.74 -20.14 6.90
CA GLY C 464 3.56 -21.24 7.36
C GLY C 464 3.36 -22.55 6.58
N ALA C 465 2.11 -22.96 6.31
CA ALA C 465 1.87 -24.13 5.51
C ALA C 465 2.40 -23.96 4.08
N ALA C 466 2.29 -22.75 3.54
CA ALA C 466 2.80 -22.46 2.21
C ALA C 466 4.34 -22.55 2.18
N LEU C 467 5.02 -22.00 3.19
CA LEU C 467 6.46 -22.08 3.30
C LEU C 467 6.89 -23.54 3.37
N CYS C 468 6.22 -24.38 4.15
CA CYS C 468 6.59 -25.79 4.22
C CYS C 468 6.55 -26.43 2.85
N ALA C 469 5.41 -26.28 2.18
CA ALA C 469 5.18 -26.84 0.83
C ALA C 469 6.16 -26.23 -0.19
N GLY C 470 6.36 -24.93 -0.12
CA GLY C 470 7.13 -24.23 -1.15
C GLY C 470 8.63 -24.50 -1.04
N LEU C 471 9.13 -24.62 0.20
CA LEU C 471 10.47 -25.15 0.42
C LEU C 471 10.64 -26.57 -0.14
N ALA C 472 9.68 -27.48 0.11
CA ALA C 472 9.85 -28.85 -0.33
C ALA C 472 9.78 -28.95 -1.87
N ALA C 473 8.99 -28.07 -2.52
CA ALA C 473 8.76 -28.08 -3.95
C ALA C 473 9.82 -27.26 -4.65
N GLY C 474 10.72 -26.54 -3.97
CA GLY C 474 11.74 -25.76 -4.65
C GLY C 474 11.25 -24.42 -5.19
N VAL C 475 10.06 -23.98 -4.76
CA VAL C 475 9.60 -22.61 -5.02
C VAL C 475 10.56 -21.61 -4.33
N TRP C 476 10.96 -21.90 -3.09
CA TRP C 476 11.97 -21.10 -2.39
C TRP C 476 13.13 -22.04 -2.03
N LYS C 477 14.34 -21.50 -2.13
CA LYS C 477 15.51 -22.34 -2.05
C LYS C 477 15.94 -22.53 -0.60
N SER C 478 15.53 -21.70 0.37
CA SER C 478 16.12 -21.75 1.70
C SER C 478 15.33 -20.87 2.65
N LEU C 479 15.61 -21.02 3.94
CA LEU C 479 15.05 -20.17 4.97
C LEU C 479 15.47 -18.72 4.71
N GLU C 480 16.73 -18.53 4.38
CA GLU C 480 17.33 -17.22 4.16
C GLU C 480 16.55 -16.50 3.05
N GLU C 481 16.26 -17.23 1.95
CA GLU C 481 15.50 -16.69 0.83
C GLU C 481 14.04 -16.31 1.22
N VAL C 482 13.37 -17.21 1.91
CA VAL C 482 12.03 -16.98 2.45
C VAL C 482 12.01 -15.71 3.29
N LYS C 483 13.06 -15.50 4.06
CA LYS C 483 13.14 -14.32 4.92
C LYS C 483 13.48 -13.03 4.16
N THR C 484 14.27 -13.10 3.10
CA THR C 484 14.56 -11.95 2.24
C THR C 484 13.31 -11.49 1.52
N ILE C 485 12.52 -12.46 1.04
CA ILE C 485 11.30 -12.13 0.33
C ILE C 485 10.38 -11.40 1.31
N SER C 486 10.37 -11.85 2.58
CA SER C 486 9.48 -11.30 3.60
C SER C 486 9.91 -9.87 3.98
N GLN C 487 11.17 -9.47 3.83
CA GLN C 487 11.53 -8.09 3.91
C GLN C 487 10.61 -7.22 3.03
N GLN C 488 10.26 -7.67 1.81
CA GLN C 488 9.36 -6.97 0.89
C GLN C 488 7.87 -7.26 1.18
N ALA C 489 7.50 -8.51 1.35
CA ALA C 489 6.11 -8.94 1.39
C ALA C 489 5.39 -8.62 2.72
N ASN C 490 6.11 -8.39 3.85
CA ASN C 490 5.55 -8.31 5.21
C ASN C 490 5.64 -6.85 5.65
N VAL C 491 4.49 -6.17 5.48
CA VAL C 491 4.26 -4.85 6.01
C VAL C 491 3.63 -5.04 7.39
N TRP C 492 4.20 -4.37 8.34
CA TRP C 492 3.84 -4.62 9.71
C TRP C 492 3.89 -3.26 10.46
N ARG C 493 3.36 -3.28 11.70
CA ARG C 493 3.24 -2.09 12.51
C ARG C 493 3.59 -2.34 13.99
N VAL C 494 4.20 -1.33 14.58
CA VAL C 494 4.48 -1.15 16.00
C VAL C 494 3.29 -0.56 16.76
N ILE C 495 2.85 -1.22 17.81
CA ILE C 495 1.82 -0.80 18.72
C ILE C 495 2.52 -0.55 20.05
N ARG C 496 2.50 0.70 20.51
CA ARG C 496 3.14 1.12 21.74
C ARG C 496 2.17 1.20 22.93
N PRO C 497 2.61 0.92 24.15
CA PRO C 497 1.75 1.12 25.31
C PRO C 497 1.45 2.60 25.51
N ALA C 498 0.19 2.96 25.81
CA ALA C 498 -0.13 4.33 26.23
C ALA C 498 -0.12 4.39 27.77
N ALA C 499 -1.05 3.65 28.39
CA ALA C 499 -1.35 3.72 29.82
C ALA C 499 -0.18 3.09 30.58
N SER C 500 0.08 3.70 31.77
CA SER C 500 1.13 3.25 32.68
C SER C 500 0.70 1.94 33.36
N LYS C 501 1.62 1.37 34.16
CA LYS C 501 1.64 -0.04 34.57
C LYS C 501 0.82 -0.41 35.84
N ASP C 502 1.02 0.33 36.94
CA ASP C 502 0.28 0.18 38.19
C ASP C 502 -1.11 0.84 38.10
N SER C 503 -1.43 1.53 36.98
CA SER C 503 -2.81 1.93 36.74
C SER C 503 -3.58 0.64 36.42
N GLN C 504 -2.85 -0.44 36.05
CA GLN C 504 -3.42 -1.74 35.79
C GLN C 504 -3.26 -2.72 36.95
N GLN C 505 -2.81 -2.30 38.10
CA GLN C 505 -2.62 -3.28 39.17
C GLN C 505 -3.92 -3.61 39.92
N MET C 506 -4.94 -2.74 39.93
CA MET C 506 -6.22 -3.12 40.49
C MET C 506 -6.92 -4.14 39.55
N LEU C 507 -6.79 -4.01 38.23
CA LEU C 507 -7.31 -5.03 37.33
C LEU C 507 -6.66 -6.41 37.53
N ARG C 508 -5.34 -6.43 37.78
CA ARG C 508 -4.64 -7.67 37.95
C ARG C 508 -5.04 -8.34 39.25
N ALA C 509 -5.23 -7.59 40.31
CA ALA C 509 -5.81 -8.10 41.57
C ALA C 509 -7.21 -8.70 41.36
N GLN C 510 -8.05 -7.99 40.58
CA GLN C 510 -9.42 -8.44 40.29
C GLN C 510 -9.38 -9.72 39.48
N TRP C 511 -8.46 -9.79 38.55
CA TRP C 511 -8.33 -10.93 37.66
C TRP C 511 -7.87 -12.13 38.46
N LYS C 512 -6.90 -11.92 39.39
CA LYS C 512 -6.49 -13.01 40.27
C LYS C 512 -7.68 -13.57 41.08
N ARG C 513 -8.40 -12.67 41.77
CA ARG C 513 -9.56 -13.07 42.54
C ARG C 513 -10.58 -13.80 41.65
N ALA C 514 -10.86 -13.29 40.44
CA ALA C 514 -11.83 -13.87 39.53
C ALA C 514 -11.48 -15.31 39.14
N LYS C 515 -10.21 -15.56 38.79
CA LYS C 515 -9.81 -16.91 38.45
C LYS C 515 -10.09 -17.87 39.59
N GLN C 516 -9.83 -17.48 40.83
CA GLN C 516 -10.12 -18.25 42.03
C GLN C 516 -11.63 -18.57 42.13
N GLN C 517 -12.49 -17.59 41.82
CA GLN C 517 -13.90 -17.68 42.11
C GLN C 517 -14.69 -18.23 40.91
N ALA C 518 -13.96 -18.48 39.80
CA ALA C 518 -14.49 -19.18 38.64
C ALA C 518 -14.55 -20.70 38.85
N LYS C 519 -13.90 -21.21 39.89
CA LYS C 519 -13.91 -22.61 40.18
C LYS C 519 -15.32 -23.05 40.46
N TRP C 520 -15.74 -24.15 39.85
CA TRP C 520 -17.12 -24.57 39.79
C TRP C 520 -17.30 -26.10 39.65
N ALA C 521 -16.72 -26.79 38.63
CA ALA C 521 -16.96 -28.23 38.42
C ALA C 521 -16.16 -29.11 39.39
N LYS C 522 -16.61 -30.37 39.62
CA LYS C 522 -16.13 -31.26 40.70
C LYS C 522 -14.90 -32.08 40.25
N LEU C 523 -14.31 -32.86 41.20
CA LEU C 523 -13.12 -33.72 41.06
C LEU C 523 -12.10 -33.02 40.17
N MET D 12 -54.02 -21.58 16.66
CA MET D 12 -53.16 -20.63 15.86
C MET D 12 -53.00 -21.13 14.42
N LYS D 13 -53.39 -20.28 13.49
CA LYS D 13 -53.31 -20.57 12.08
C LYS D 13 -52.04 -19.95 11.49
N TYR D 14 -51.56 -20.61 10.41
CA TYR D 14 -50.31 -20.25 9.73
C TYR D 14 -50.53 -20.12 8.23
N VAL D 15 -49.86 -19.12 7.61
CA VAL D 15 -49.86 -18.87 6.16
C VAL D 15 -48.43 -19.03 5.64
N GLY D 16 -48.20 -19.93 4.66
CA GLY D 16 -46.93 -20.01 3.94
C GLY D 16 -46.88 -19.03 2.77
N ALA D 17 -45.71 -18.44 2.47
CA ALA D 17 -45.51 -17.49 1.35
C ALA D 17 -44.25 -17.89 0.57
N LEU D 18 -44.41 -18.29 -0.68
CA LEU D 18 -43.31 -18.57 -1.59
C LEU D 18 -42.93 -17.32 -2.40
N ASP D 19 -41.62 -16.99 -2.40
CA ASP D 19 -41.08 -15.88 -3.19
C ASP D 19 -39.99 -16.44 -4.09
N GLN D 20 -40.40 -16.72 -5.34
CA GLN D 20 -39.53 -17.24 -6.38
C GLN D 20 -38.98 -16.05 -7.18
N GLY D 21 -37.77 -15.60 -6.76
CA GLY D 21 -37.18 -14.37 -7.27
C GLY D 21 -36.21 -14.63 -8.46
N THR D 22 -35.54 -13.56 -8.91
CA THR D 22 -34.56 -13.68 -9.98
C THR D 22 -33.36 -14.60 -9.64
N ILE D 23 -32.75 -14.41 -8.45
CA ILE D 23 -31.45 -14.97 -8.09
C ILE D 23 -31.63 -16.22 -7.19
N SER D 24 -32.69 -16.22 -6.36
CA SER D 24 -33.02 -17.28 -5.40
C SER D 24 -34.54 -17.34 -5.11
N THR D 25 -34.90 -18.40 -4.37
CA THR D 25 -36.23 -18.71 -3.89
C THR D 25 -36.18 -18.66 -2.37
N ARG D 26 -37.26 -18.14 -1.74
CA ARG D 26 -37.44 -18.11 -0.28
C ARG D 26 -38.87 -18.61 0.00
N PHE D 27 -38.99 -19.38 1.11
CA PHE D 27 -40.30 -19.73 1.66
C PHE D 27 -40.37 -19.25 3.09
N ILE D 28 -41.40 -18.45 3.40
CA ILE D 28 -41.60 -17.87 4.73
C ILE D 28 -42.92 -18.34 5.31
N ILE D 29 -42.89 -18.64 6.62
CA ILE D 29 -44.13 -18.99 7.28
C ILE D 29 -44.45 -17.86 8.25
N PHE D 30 -45.70 -17.37 8.16
CA PHE D 30 -46.20 -16.39 9.09
C PHE D 30 -47.35 -16.95 9.93
N ASP D 31 -47.49 -16.49 11.16
CA ASP D 31 -48.65 -16.80 11.96
C ASP D 31 -49.72 -15.73 11.66
N GLU D 32 -50.87 -15.90 12.37
CA GLU D 32 -51.98 -15.00 12.14
C GLU D 32 -51.68 -13.59 12.73
N LYS D 33 -50.57 -13.36 13.46
CA LYS D 33 -50.20 -11.99 13.91
C LYS D 33 -49.19 -11.29 12.98
N GLN D 34 -49.04 -11.95 11.81
CA GLN D 34 -48.08 -11.65 10.76
C GLN D 34 -46.65 -11.70 11.28
N LEU D 36 -43.06 -13.50 11.38
CA LEU D 36 -42.21 -14.50 10.67
C LEU D 36 -41.81 -15.54 11.70
N VAL D 37 -42.22 -16.79 11.51
CA VAL D 37 -41.91 -17.83 12.49
C VAL D 37 -41.05 -18.94 11.85
N ALA D 38 -40.92 -18.98 10.52
CA ALA D 38 -40.03 -19.92 9.86
C ALA D 38 -39.72 -19.38 8.47
N GLN D 39 -38.59 -19.82 7.93
CA GLN D 39 -38.16 -19.40 6.59
C GLN D 39 -37.01 -20.29 6.12
N HIS D 40 -36.83 -20.35 4.79
CA HIS D 40 -35.68 -21.04 4.18
C HIS D 40 -35.04 -20.09 3.16
N GLN D 41 -34.85 -20.48 1.90
CA GLN D 41 -33.99 -19.78 0.94
C GLN D 41 -32.89 -20.70 0.37
N MET D 42 -32.83 -20.85 -0.97
CA MET D 42 -31.77 -21.48 -1.75
C MET D 42 -31.68 -20.76 -3.12
N PRO D 43 -30.46 -20.50 -3.66
CA PRO D 43 -30.31 -19.95 -5.01
C PRO D 43 -30.56 -21.01 -6.10
N HIS D 44 -30.67 -20.53 -7.34
CA HIS D 44 -30.74 -21.36 -8.55
C HIS D 44 -29.75 -20.82 -9.60
N ARG D 45 -29.33 -21.69 -10.53
CA ARG D 45 -28.32 -21.26 -11.50
C ARG D 45 -28.97 -20.27 -12.49
N GLN D 46 -28.19 -19.14 -12.62
CA GLN D 46 -28.17 -18.06 -13.61
C GLN D 46 -27.46 -18.49 -14.93
N LEU D 47 -28.23 -19.08 -15.87
CA LEU D 47 -27.70 -19.63 -17.10
C LEU D 47 -27.57 -18.57 -18.21
N THR D 48 -26.33 -18.30 -18.64
CA THR D 48 -26.08 -17.27 -19.64
C THR D 48 -25.36 -17.87 -20.85
N PRO D 49 -26.03 -18.60 -21.79
CA PRO D 49 -25.35 -19.20 -22.94
C PRO D 49 -24.63 -18.25 -23.92
N GLN D 50 -24.98 -16.95 -23.98
CA GLN D 50 -24.36 -15.97 -24.88
C GLN D 50 -24.42 -14.65 -24.14
N ALA D 51 -23.65 -13.65 -24.57
CA ALA D 51 -23.79 -12.28 -24.08
C ALA D 51 -25.26 -11.82 -24.09
N GLY D 52 -25.71 -11.23 -22.96
CA GLY D 52 -27.06 -10.66 -22.78
C GLY D 52 -28.19 -11.71 -22.66
N TRP D 53 -27.92 -13.01 -22.83
CA TRP D 53 -28.95 -14.04 -22.69
C TRP D 53 -29.02 -14.48 -21.23
N LEU D 54 -30.21 -14.62 -20.68
CA LEU D 54 -30.32 -15.13 -19.31
C LEU D 54 -31.53 -16.06 -19.27
N GLU D 55 -31.29 -17.27 -18.77
CA GLU D 55 -32.40 -18.21 -18.60
C GLU D 55 -32.25 -18.98 -17.29
N HIS D 56 -33.32 -19.63 -16.87
CA HIS D 56 -33.34 -20.39 -15.65
C HIS D 56 -33.84 -21.78 -16.01
N ASP D 57 -33.38 -22.79 -15.26
CA ASP D 57 -33.95 -24.14 -15.44
C ASP D 57 -35.31 -24.18 -14.72
N PRO D 58 -36.45 -24.37 -15.42
CA PRO D 58 -37.75 -24.28 -14.76
C PRO D 58 -38.03 -25.36 -13.71
N MET D 59 -37.51 -26.57 -13.96
CA MET D 59 -37.59 -27.65 -13.00
C MET D 59 -36.64 -27.37 -11.82
N GLU D 60 -35.53 -26.65 -12.04
CA GLU D 60 -34.68 -26.26 -10.92
C GLU D 60 -35.39 -25.25 -10.01
N LEU D 61 -36.11 -24.30 -10.58
CA LEU D 61 -36.90 -23.34 -9.80
C LEU D 61 -37.98 -24.06 -8.96
N TYR D 62 -38.69 -25.03 -9.56
CA TYR D 62 -39.73 -25.79 -8.87
C TYR D 62 -39.11 -26.59 -7.73
N ARG D 63 -38.00 -27.32 -7.98
CA ARG D 63 -37.25 -28.09 -7.00
C ARG D 63 -36.81 -27.20 -5.84
N ALA D 64 -36.34 -25.97 -6.12
CA ALA D 64 -35.85 -25.07 -5.08
C ALA D 64 -37.02 -24.61 -4.21
N SER D 65 -38.15 -24.34 -4.88
CA SER D 65 -39.39 -23.99 -4.21
C SER D 65 -39.78 -25.10 -3.22
N VAL D 66 -39.93 -26.35 -3.73
CA VAL D 66 -40.19 -27.52 -2.92
C VAL D 66 -39.20 -27.66 -1.75
N ALA D 67 -37.89 -27.53 -1.98
CA ALA D 67 -36.90 -27.66 -0.92
C ALA D 67 -37.08 -26.62 0.18
N CYS D 68 -37.42 -25.40 -0.20
CA CYS D 68 -37.60 -24.33 0.78
C CYS D 68 -38.89 -24.55 1.60
N ILE D 69 -39.95 -25.06 0.95
CA ILE D 69 -41.20 -25.39 1.67
C ILE D 69 -40.93 -26.49 2.69
N VAL D 70 -40.35 -27.60 2.22
CA VAL D 70 -40.06 -28.75 3.07
C VAL D 70 -39.17 -28.37 4.26
N ALA D 71 -38.08 -27.65 4.06
CA ALA D 71 -37.22 -27.21 5.16
C ALA D 71 -37.99 -26.34 6.17
N ALA D 72 -38.70 -25.28 5.72
CA ALA D 72 -39.30 -24.34 6.66
C ALA D 72 -40.44 -24.99 7.47
N VAL D 73 -41.25 -25.85 6.82
CA VAL D 73 -42.34 -26.62 7.44
C VAL D 73 -41.77 -27.58 8.47
N GLU D 74 -40.73 -28.36 8.09
CA GLU D 74 -40.18 -29.34 9.02
C GLU D 74 -39.44 -28.65 10.16
N ASP D 75 -38.72 -27.56 9.93
CA ASP D 75 -38.11 -26.75 10.99
C ASP D 75 -39.16 -26.33 12.04
N LEU D 76 -40.30 -25.83 11.55
CA LEU D 76 -41.33 -25.30 12.42
C LEU D 76 -41.95 -26.42 13.24
N ARG D 77 -42.25 -27.58 12.61
CA ARG D 77 -42.78 -28.73 13.34
C ARG D 77 -41.86 -29.14 14.46
N ARG D 78 -40.53 -29.11 14.21
CA ARG D 78 -39.53 -29.47 15.20
C ARG D 78 -39.54 -28.50 16.37
N ARG D 79 -39.67 -27.20 16.10
CA ARG D 79 -39.52 -26.24 17.19
C ARG D 79 -40.87 -26.01 17.87
N VAL D 80 -42.01 -26.18 17.20
CA VAL D 80 -43.31 -25.76 17.70
C VAL D 80 -44.20 -27.00 17.62
N PRO D 81 -44.30 -27.76 18.75
CA PRO D 81 -45.08 -28.99 18.77
C PRO D 81 -46.53 -28.86 18.31
N SER D 82 -47.16 -27.71 18.56
CA SER D 82 -48.55 -27.55 18.16
C SER D 82 -48.71 -27.22 16.66
N PHE D 83 -47.63 -26.93 15.91
CA PHE D 83 -47.77 -26.71 14.47
C PHE D 83 -47.98 -28.05 13.75
N GLU D 84 -49.12 -28.18 13.05
CA GLU D 84 -49.54 -29.38 12.35
C GLU D 84 -49.53 -29.06 10.85
N LYS D 85 -50.25 -28.01 10.45
CA LYS D 85 -50.45 -27.68 9.05
C LYS D 85 -50.47 -26.16 8.74
N LEU D 86 -50.21 -25.87 7.46
CA LEU D 86 -50.47 -24.56 6.92
C LEU D 86 -51.93 -24.48 6.55
N GLU D 87 -52.62 -23.42 6.96
CA GLU D 87 -53.98 -23.23 6.48
C GLU D 87 -54.01 -22.99 4.96
N THR D 88 -53.02 -22.21 4.46
CA THR D 88 -52.98 -21.87 3.03
C THR D 88 -51.58 -21.43 2.69
N ILE D 89 -51.38 -21.20 1.40
CA ILE D 89 -50.10 -20.79 0.82
C ILE D 89 -50.39 -19.75 -0.24
N GLY D 90 -49.59 -18.67 -0.22
CA GLY D 90 -49.53 -17.70 -1.31
C GLY D 90 -48.17 -17.74 -2.01
N ILE D 91 -48.20 -17.27 -3.25
CA ILE D 91 -47.05 -17.33 -4.16
C ILE D 91 -46.74 -15.93 -4.67
N ALA D 92 -45.45 -15.64 -4.86
CA ALA D 92 -45.00 -14.46 -5.59
C ALA D 92 -43.77 -14.84 -6.42
N ASN D 93 -43.55 -14.15 -7.56
CA ASN D 93 -42.66 -14.59 -8.60
C ASN D 93 -42.08 -13.37 -9.35
N GLN D 94 -40.81 -13.52 -9.74
CA GLN D 94 -40.16 -12.78 -10.83
C GLN D 94 -41.10 -12.64 -12.03
N ARG D 95 -41.29 -11.38 -12.45
CA ARG D 95 -42.27 -11.13 -13.48
C ARG D 95 -41.58 -11.28 -14.85
N GLU D 96 -42.37 -11.33 -15.91
CA GLU D 96 -42.02 -11.25 -17.34
C GLU D 96 -41.41 -12.55 -17.83
N THR D 97 -40.55 -13.13 -17.00
CA THR D 97 -39.91 -14.41 -17.25
C THR D 97 -40.95 -15.41 -17.75
N THR D 98 -40.62 -16.08 -18.88
CA THR D 98 -41.56 -16.81 -19.68
C THR D 98 -41.11 -18.27 -19.82
N VAL D 99 -42.06 -19.21 -19.63
CA VAL D 99 -41.85 -20.64 -19.73
C VAL D 99 -42.75 -21.16 -20.85
N ALA D 100 -42.21 -22.13 -21.62
CA ALA D 100 -43.03 -22.92 -22.58
C ALA D 100 -43.06 -24.38 -22.14
N TRP D 101 -44.26 -24.98 -22.11
CA TRP D 101 -44.27 -26.42 -21.82
C TRP D 101 -45.41 -27.11 -22.56
N ASP D 102 -45.45 -28.45 -22.54
CA ASP D 102 -46.49 -29.20 -23.23
C ASP D 102 -47.58 -29.67 -22.25
N ARG D 103 -48.83 -29.33 -22.57
CA ARG D 103 -50.03 -29.68 -21.83
C ARG D 103 -50.12 -31.20 -21.57
N VAL D 104 -49.81 -32.00 -22.61
CA VAL D 104 -50.02 -33.46 -22.64
C VAL D 104 -48.78 -34.17 -22.09
N THR D 105 -47.57 -33.91 -22.62
CA THR D 105 -46.38 -34.63 -22.17
C THR D 105 -45.94 -34.10 -20.81
N LYS D 106 -46.36 -32.86 -20.50
CA LYS D 106 -45.97 -32.14 -19.30
C LYS D 106 -44.45 -31.97 -19.23
N GLU D 107 -43.73 -31.89 -20.34
CA GLU D 107 -42.33 -31.47 -20.21
C GLU D 107 -42.25 -30.00 -20.60
N THR D 108 -41.26 -29.31 -20.02
CA THR D 108 -40.83 -28.02 -20.52
C THR D 108 -40.29 -28.24 -21.93
N LEU D 109 -40.48 -27.26 -22.83
CA LEU D 109 -40.01 -27.33 -24.21
C LEU D 109 -38.81 -26.40 -24.36
N TYR D 110 -38.41 -25.69 -23.31
CA TYR D 110 -37.20 -24.87 -23.29
C TYR D 110 -37.02 -24.32 -21.87
N ASN D 111 -35.82 -23.81 -21.59
CA ASN D 111 -35.57 -23.02 -20.41
C ASN D 111 -36.48 -21.77 -20.36
N ALA D 112 -36.58 -21.23 -19.15
CA ALA D 112 -37.36 -20.04 -18.89
C ALA D 112 -36.54 -18.83 -19.30
N ILE D 113 -37.10 -17.96 -20.14
CA ILE D 113 -36.33 -16.79 -20.59
C ILE D 113 -36.67 -15.66 -19.64
N VAL D 114 -35.62 -15.16 -18.98
CA VAL D 114 -35.79 -14.28 -17.85
C VAL D 114 -36.07 -12.85 -18.34
N TRP D 115 -36.75 -12.09 -17.47
CA TRP D 115 -37.18 -10.75 -17.81
C TRP D 115 -36.07 -9.89 -18.46
N SER D 116 -34.82 -10.00 -17.93
CA SER D 116 -33.67 -9.15 -18.26
C SER D 116 -32.96 -9.65 -19.49
N ASP D 117 -33.33 -10.83 -20.02
CA ASP D 117 -32.71 -11.37 -21.24
C ASP D 117 -32.93 -10.44 -22.43
N LEU D 118 -31.91 -10.36 -23.30
CA LEU D 118 -31.85 -9.44 -24.48
C LEU D 118 -31.91 -10.15 -25.84
N ARG D 119 -32.19 -11.44 -25.88
CA ARG D 119 -32.09 -12.21 -27.13
C ARG D 119 -33.24 -11.84 -28.07
N SER D 120 -34.36 -11.32 -27.51
CA SER D 120 -35.58 -11.02 -28.27
C SER D 120 -35.50 -9.63 -28.95
N TYR D 121 -34.35 -8.95 -28.88
CA TYR D 121 -34.16 -7.62 -29.41
C TYR D 121 -34.62 -7.45 -30.87
N GLU D 122 -34.31 -8.41 -31.77
CA GLU D 122 -34.64 -8.33 -33.18
C GLU D 122 -36.16 -8.50 -33.28
N VAL D 123 -36.70 -9.48 -32.54
CA VAL D 123 -38.15 -9.64 -32.53
C VAL D 123 -38.83 -8.33 -32.13
N THR D 124 -38.34 -7.63 -31.08
CA THR D 124 -39.02 -6.43 -30.64
C THR D 124 -38.87 -5.30 -31.65
N ALA D 125 -37.70 -5.16 -32.31
CA ALA D 125 -37.52 -4.15 -33.36
C ALA D 125 -38.50 -4.43 -34.52
N ASN D 126 -38.72 -5.72 -34.86
CA ASN D 126 -39.66 -6.08 -35.90
C ASN D 126 -41.10 -5.67 -35.54
N VAL D 127 -41.51 -5.84 -34.28
CA VAL D 127 -42.83 -5.41 -33.84
C VAL D 127 -42.98 -3.88 -33.92
N LYS D 128 -42.01 -3.16 -33.41
CA LYS D 128 -41.98 -1.72 -33.47
C LYS D 128 -42.10 -1.16 -34.88
N LYS D 129 -41.38 -1.76 -35.84
CA LYS D 129 -41.38 -1.30 -37.22
C LYS D 129 -42.69 -1.75 -37.87
N GLU D 130 -43.04 -3.03 -37.80
CA GLU D 130 -44.13 -3.62 -38.60
C GLU D 130 -45.50 -3.33 -37.98
N LEU D 131 -45.61 -3.32 -36.65
CA LEU D 131 -46.92 -3.16 -36.00
C LEU D 131 -47.09 -1.76 -35.39
N GLY D 132 -45.99 -1.15 -34.95
CA GLY D 132 -45.99 0.05 -34.14
C GLY D 132 -45.77 1.34 -34.93
N GLY D 133 -45.61 1.22 -36.26
CA GLY D 133 -45.19 2.29 -37.16
C GLY D 133 -44.00 3.08 -36.61
N GLY D 134 -43.05 2.36 -35.93
CA GLY D 134 -41.84 2.99 -35.38
C GLY D 134 -42.02 3.56 -33.96
N ASP D 135 -43.22 3.45 -33.37
CA ASP D 135 -43.52 3.98 -32.04
C ASP D 135 -43.56 2.83 -31.00
N ASP D 136 -42.65 2.83 -30.03
CA ASP D 136 -42.57 1.77 -29.02
C ASP D 136 -43.76 1.88 -28.03
N LEU D 137 -44.44 3.04 -27.98
CA LEU D 137 -45.65 3.27 -27.17
C LEU D 137 -46.97 3.02 -27.95
N PHE D 138 -46.89 2.42 -29.14
CA PHE D 138 -48.08 2.33 -30.00
C PHE D 138 -49.23 1.57 -29.30
N PHE D 139 -48.93 0.55 -28.48
CA PHE D 139 -49.94 -0.25 -27.82
C PHE D 139 -50.15 0.16 -26.36
N ALA D 140 -49.53 1.24 -25.89
CA ALA D 140 -49.62 1.64 -24.50
C ALA D 140 -51.07 1.80 -23.99
N LYS D 141 -51.94 2.36 -24.85
CA LYS D 141 -53.36 2.57 -24.60
C LYS D 141 -54.10 1.24 -24.35
N MET D 142 -53.66 0.13 -24.93
CA MET D 142 -54.37 -1.15 -24.85
C MET D 142 -53.85 -1.98 -23.69
N ASN D 143 -52.51 -2.07 -23.48
CA ASN D 143 -51.92 -3.00 -22.49
C ASN D 143 -51.12 -2.30 -21.37
N GLY D 144 -50.95 -0.97 -21.51
CA GLY D 144 -50.25 -0.16 -20.51
C GLY D 144 -48.72 -0.21 -20.64
N LEU D 145 -48.17 -0.91 -21.65
CA LEU D 145 -46.73 -1.16 -21.73
C LEU D 145 -46.05 -0.49 -22.94
N ARG D 146 -44.76 -0.76 -23.03
CA ARG D 146 -43.80 -0.32 -24.03
C ARG D 146 -43.35 -1.54 -24.85
N ILE D 147 -43.20 -1.41 -26.20
CA ILE D 147 -42.57 -2.49 -26.96
C ILE D 147 -41.12 -2.57 -26.49
N SER D 148 -40.75 -3.71 -25.89
CA SER D 148 -39.50 -3.84 -25.17
C SER D 148 -39.22 -5.34 -25.01
N THR D 149 -37.93 -5.71 -24.97
CA THR D 149 -37.44 -7.06 -24.75
C THR D 149 -37.85 -7.65 -23.37
N TYR D 150 -38.22 -6.76 -22.42
CA TYR D 150 -38.65 -7.07 -21.05
C TYR D 150 -39.90 -7.98 -21.05
N PHE D 151 -40.91 -7.76 -21.92
CA PHE D 151 -42.25 -8.33 -21.70
C PHE D 151 -42.42 -9.65 -22.42
N SER D 152 -43.28 -10.48 -21.86
CA SER D 152 -43.29 -11.92 -22.09
C SER D 152 -43.58 -12.26 -23.55
N ALA D 153 -44.52 -11.55 -24.16
CA ALA D 153 -44.88 -11.83 -25.56
C ALA D 153 -43.67 -11.88 -26.51
N PHE D 154 -42.68 -11.02 -26.31
CA PHE D 154 -41.48 -10.98 -27.16
C PHE D 154 -40.60 -12.23 -26.98
N LYS D 155 -40.55 -12.78 -25.77
CA LYS D 155 -39.85 -14.04 -25.50
C LYS D 155 -40.63 -15.21 -26.08
N MET D 156 -41.98 -15.16 -26.06
CA MET D 156 -42.80 -16.22 -26.64
C MET D 156 -42.63 -16.27 -28.17
N ARG D 157 -42.63 -15.08 -28.79
CA ARG D 157 -42.41 -14.96 -30.22
C ARG D 157 -41.00 -15.46 -30.60
N TRP D 158 -39.96 -15.01 -29.85
CA TRP D 158 -38.64 -15.57 -29.96
C TRP D 158 -38.67 -17.10 -29.99
N MET D 159 -39.37 -17.71 -29.04
CA MET D 159 -39.35 -19.16 -28.96
C MET D 159 -40.06 -19.80 -30.16
N LEU D 160 -41.16 -19.22 -30.65
CA LEU D 160 -41.86 -19.79 -31.80
C LEU D 160 -40.96 -19.78 -33.04
N GLU D 161 -40.07 -18.79 -33.16
CA GLU D 161 -39.16 -18.67 -34.29
C GLU D 161 -37.81 -19.34 -34.07
N ASN D 162 -37.40 -19.71 -32.84
CA ASN D 162 -36.03 -20.19 -32.62
C ASN D 162 -36.01 -21.61 -32.02
N VAL D 163 -37.17 -22.14 -31.59
CA VAL D 163 -37.24 -23.44 -30.90
C VAL D 163 -38.28 -24.30 -31.58
N PRO D 164 -37.88 -25.15 -32.55
CA PRO D 164 -38.85 -25.92 -33.33
C PRO D 164 -39.87 -26.71 -32.49
N LYS D 165 -39.47 -27.24 -31.33
CA LYS D 165 -40.37 -28.05 -30.49
C LYS D 165 -41.55 -27.20 -29.96
N VAL D 166 -41.32 -25.89 -29.75
CA VAL D 166 -42.37 -24.98 -29.31
C VAL D 166 -43.39 -24.74 -30.43
N GLU D 167 -42.88 -24.48 -31.62
CA GLU D 167 -43.68 -24.34 -32.83
C GLU D 167 -44.47 -25.65 -33.08
N GLU D 168 -43.86 -26.83 -32.88
CA GLU D 168 -44.50 -28.14 -33.04
C GLU D 168 -45.70 -28.27 -32.10
N ALA D 169 -45.49 -27.92 -30.82
CA ALA D 169 -46.54 -27.99 -29.78
C ALA D 169 -47.66 -27.00 -30.10
N ARG D 170 -47.33 -25.80 -30.58
CA ARG D 170 -48.33 -24.85 -31.01
C ARG D 170 -49.19 -25.47 -32.10
N LYS D 171 -48.57 -26.14 -33.08
CA LYS D 171 -49.33 -26.66 -34.20
C LYS D 171 -50.25 -27.78 -33.73
N ARG D 172 -49.83 -28.60 -32.74
CA ARG D 172 -50.73 -29.62 -32.19
C ARG D 172 -51.88 -29.05 -31.31
N GLY D 173 -51.84 -27.79 -30.83
CA GLY D 173 -52.82 -27.31 -29.87
C GLY D 173 -52.48 -27.71 -28.43
N THR D 174 -51.23 -28.18 -28.16
CA THR D 174 -50.80 -28.62 -26.82
C THR D 174 -49.79 -27.67 -26.17
N LEU D 175 -49.53 -26.50 -26.77
CA LEU D 175 -48.50 -25.60 -26.23
C LEU D 175 -49.07 -24.75 -25.07
N CYS D 176 -48.36 -24.74 -23.93
CA CYS D 176 -48.62 -23.78 -22.86
C CYS D 176 -47.46 -22.80 -22.74
N PHE D 177 -47.84 -21.52 -22.79
CA PHE D 177 -46.98 -20.45 -22.34
C PHE D 177 -47.44 -19.93 -21.00
N GLY D 178 -46.49 -19.61 -20.11
CA GLY D 178 -46.88 -18.91 -18.90
C GLY D 178 -45.71 -18.24 -18.17
N THR D 179 -46.08 -17.20 -17.39
CA THR D 179 -45.17 -16.53 -16.44
C THR D 179 -44.95 -17.53 -15.31
N ILE D 180 -44.18 -17.15 -14.33
CA ILE D 180 -43.67 -18.15 -13.39
C ILE D 180 -44.76 -18.57 -12.39
N ASP D 181 -45.67 -17.64 -12.07
CA ASP D 181 -46.89 -17.96 -11.33
C ASP D 181 -47.64 -19.13 -11.98
N ALA D 182 -47.89 -19.08 -13.28
CA ALA D 182 -48.60 -20.13 -14.00
C ALA D 182 -47.82 -21.41 -13.97
N TRP D 183 -46.48 -21.31 -14.17
CA TRP D 183 -45.62 -22.49 -14.14
C TRP D 183 -45.69 -23.17 -12.77
N LEU D 184 -45.58 -22.38 -11.71
CA LEU D 184 -45.57 -22.97 -10.37
C LEU D 184 -46.92 -23.62 -10.02
N LEU D 185 -48.05 -22.93 -10.31
CA LEU D 185 -49.38 -23.48 -10.11
C LEU D 185 -49.59 -24.76 -10.96
N TRP D 186 -49.07 -24.80 -12.20
CA TRP D 186 -49.12 -25.98 -13.02
C TRP D 186 -48.43 -27.13 -12.29
N LYS D 187 -47.22 -26.89 -11.78
CA LYS D 187 -46.46 -27.97 -11.17
C LYS D 187 -47.05 -28.42 -9.82
N LEU D 188 -47.44 -27.43 -9.00
CA LEU D 188 -48.02 -27.68 -7.68
C LEU D 188 -49.32 -28.48 -7.75
N SER D 189 -50.14 -28.27 -8.80
CA SER D 189 -51.37 -29.01 -9.03
C SER D 189 -51.14 -30.37 -9.67
N GLY D 190 -49.87 -30.74 -9.92
CA GLY D 190 -49.51 -31.93 -10.66
C GLY D 190 -49.96 -31.85 -12.12
N GLY D 191 -49.94 -30.67 -12.75
CA GLY D 191 -50.31 -30.60 -14.16
C GLY D 191 -51.81 -30.40 -14.41
N LYS D 192 -52.60 -30.02 -13.41
CA LYS D 192 -54.05 -30.07 -13.56
C LYS D 192 -54.69 -28.68 -13.60
N VAL D 193 -53.96 -27.60 -13.30
CA VAL D 193 -54.52 -26.26 -13.38
C VAL D 193 -53.53 -25.39 -14.23
N PHE D 194 -54.11 -24.57 -15.14
CA PHE D 194 -53.45 -23.64 -16.08
C PHE D 194 -54.09 -22.25 -15.95
N VAL D 195 -53.57 -21.48 -15.00
CA VAL D 195 -54.05 -20.15 -14.61
C VAL D 195 -52.86 -19.23 -14.33
N THR D 196 -53.15 -17.94 -14.38
CA THR D 196 -52.24 -16.90 -13.98
C THR D 196 -53.09 -15.86 -13.20
N ASP D 197 -52.46 -15.08 -12.30
CA ASP D 197 -53.16 -13.97 -11.65
C ASP D 197 -53.08 -12.75 -12.55
N VAL D 198 -53.98 -11.81 -12.32
CA VAL D 198 -54.07 -10.70 -13.23
C VAL D 198 -52.82 -9.79 -13.16
N THR D 199 -52.11 -9.73 -12.00
CA THR D 199 -50.92 -8.87 -11.89
C THR D 199 -49.83 -9.37 -12.84
N ASN D 200 -49.62 -10.71 -12.87
CA ASN D 200 -48.65 -11.33 -13.77
C ASN D 200 -49.09 -11.23 -15.23
N ALA D 201 -50.42 -11.32 -15.53
CA ALA D 201 -50.93 -11.26 -16.91
C ALA D 201 -50.71 -9.87 -17.51
N SER D 202 -50.73 -8.84 -16.64
CA SER D 202 -50.46 -7.46 -17.00
C SER D 202 -49.02 -7.22 -17.51
N ARG D 203 -48.13 -8.25 -17.35
CA ARG D 203 -46.70 -8.15 -17.67
C ARG D 203 -46.34 -8.89 -18.96
N THR D 204 -47.31 -9.53 -19.61
CA THR D 204 -47.11 -10.31 -20.80
C THR D 204 -47.08 -9.51 -22.11
N PHE D 205 -47.61 -8.31 -22.12
CA PHE D 205 -47.93 -7.55 -23.35
C PHE D 205 -49.31 -7.93 -23.98
N LEU D 206 -49.97 -8.99 -23.51
CA LEU D 206 -51.10 -9.58 -24.23
C LEU D 206 -52.44 -9.34 -23.54
N MET D 207 -52.44 -8.70 -22.35
CA MET D 207 -53.67 -8.41 -21.62
C MET D 207 -54.12 -6.98 -21.88
N ASP D 208 -55.40 -6.83 -22.20
CA ASP D 208 -56.02 -5.52 -22.25
C ASP D 208 -56.08 -5.01 -20.80
N ILE D 209 -55.44 -3.87 -20.55
CA ILE D 209 -55.24 -3.29 -19.22
C ILE D 209 -56.52 -2.68 -18.66
N ARG D 210 -57.43 -2.28 -19.57
CA ARG D 210 -58.73 -1.74 -19.25
C ARG D 210 -59.69 -2.87 -18.84
N THR D 211 -59.79 -3.96 -19.60
CA THR D 211 -60.76 -5.01 -19.29
C THR D 211 -60.14 -6.08 -18.38
N CYS D 212 -58.80 -6.12 -18.26
CA CYS D 212 -58.06 -7.23 -17.67
C CYS D 212 -58.46 -8.61 -18.20
N LYS D 213 -58.65 -8.70 -19.53
CA LYS D 213 -58.79 -9.98 -20.23
C LYS D 213 -57.78 -10.00 -21.39
N TRP D 214 -57.45 -11.22 -21.88
CA TRP D 214 -56.60 -11.37 -23.06
C TRP D 214 -57.15 -10.56 -24.23
N SER D 215 -56.24 -9.85 -24.93
CA SER D 215 -56.61 -9.06 -26.11
C SER D 215 -56.58 -9.95 -27.35
N PRO D 216 -57.71 -10.20 -28.05
CA PRO D 216 -57.65 -10.87 -29.35
C PRO D 216 -56.78 -10.07 -30.34
N GLU D 217 -56.81 -8.73 -30.33
CA GLU D 217 -55.98 -8.00 -31.26
C GLU D 217 -54.47 -8.21 -30.94
N LEU D 218 -54.01 -8.14 -29.67
CA LEU D 218 -52.59 -8.34 -29.38
C LEU D 218 -52.15 -9.78 -29.58
N CYS D 219 -53.02 -10.76 -29.34
CA CYS D 219 -52.75 -12.17 -29.58
C CYS D 219 -52.59 -12.44 -31.09
N ASP D 220 -53.53 -11.96 -31.90
CA ASP D 220 -53.47 -12.10 -33.36
C ASP D 220 -52.22 -11.42 -33.95
N LYS D 221 -51.95 -10.19 -33.54
CA LYS D 221 -50.87 -9.43 -34.11
C LYS D 221 -49.48 -9.95 -33.71
N LEU D 222 -49.34 -10.53 -32.51
CA LEU D 222 -48.06 -11.11 -32.15
C LEU D 222 -48.02 -12.59 -32.53
N GLY D 223 -49.03 -13.11 -33.28
CA GLY D 223 -49.15 -14.53 -33.62
C GLY D 223 -48.93 -15.45 -32.40
N ILE D 224 -49.62 -15.12 -31.30
CA ILE D 224 -49.70 -15.99 -30.13
C ILE D 224 -51.16 -16.36 -29.92
N PRO D 225 -51.57 -17.65 -30.08
CA PRO D 225 -52.98 -18.01 -29.88
C PRO D 225 -53.33 -17.87 -28.37
N MET D 226 -54.47 -17.20 -28.15
CA MET D 226 -55.19 -17.05 -26.89
C MET D 226 -55.28 -18.36 -26.14
N ALA D 227 -55.51 -19.47 -26.89
CA ALA D 227 -55.65 -20.80 -26.32
C ALA D 227 -54.34 -21.34 -25.67
N CYS D 228 -53.17 -20.75 -26.01
CA CYS D 228 -51.88 -21.08 -25.42
C CYS D 228 -51.68 -20.46 -24.03
N LEU D 229 -52.57 -19.55 -23.66
CA LEU D 229 -52.31 -18.69 -22.51
C LEU D 229 -53.12 -19.21 -21.30
N PRO D 230 -52.66 -18.98 -20.06
CA PRO D 230 -53.42 -19.43 -18.90
C PRO D 230 -54.69 -18.61 -18.76
N GLU D 231 -55.64 -19.16 -17.98
CA GLU D 231 -56.79 -18.39 -17.56
C GLU D 231 -56.40 -17.34 -16.49
N ILE D 232 -56.76 -16.08 -16.74
CA ILE D 232 -56.56 -14.99 -15.80
C ILE D 232 -57.57 -15.10 -14.65
N ARG D 233 -57.03 -14.94 -13.42
CA ARG D 233 -57.79 -14.93 -12.17
C ARG D 233 -57.39 -13.71 -11.36
N SER D 234 -57.99 -13.52 -10.18
CA SER D 234 -57.58 -12.49 -9.26
C SER D 234 -56.27 -12.93 -8.56
N ASN D 235 -55.81 -12.12 -7.62
CA ASN D 235 -54.69 -12.47 -6.76
C ASN D 235 -55.05 -13.34 -5.54
N SER D 236 -56.37 -13.53 -5.27
CA SER D 236 -56.84 -13.94 -3.94
C SER D 236 -58.10 -14.79 -4.10
N GLU D 237 -57.92 -16.07 -4.31
CA GLU D 237 -58.99 -17.03 -4.57
C GLU D 237 -58.33 -18.41 -4.63
N LEU D 238 -59.12 -19.48 -4.68
CA LEU D 238 -58.52 -20.82 -4.75
C LEU D 238 -57.83 -21.00 -6.12
N PHE D 239 -56.53 -21.34 -6.13
CA PHE D 239 -55.84 -21.58 -7.40
C PHE D 239 -55.82 -23.09 -7.61
N THR D 240 -55.33 -23.79 -6.57
CA THR D 240 -55.12 -25.22 -6.61
C THR D 240 -54.84 -25.71 -5.20
N TYR D 241 -55.17 -26.98 -4.89
CA TYR D 241 -54.58 -27.72 -3.79
C TYR D 241 -53.20 -28.15 -4.28
N VAL D 242 -52.27 -28.25 -3.34
CA VAL D 242 -51.01 -28.93 -3.59
C VAL D 242 -51.27 -30.42 -3.76
N LEU D 243 -51.13 -30.91 -5.00
CA LEU D 243 -51.28 -32.31 -5.35
C LEU D 243 -49.92 -32.96 -5.59
N SER D 244 -48.83 -32.19 -5.80
CA SER D 244 -47.45 -32.65 -6.01
C SER D 244 -46.83 -33.26 -4.74
N ASP D 245 -46.21 -34.46 -4.85
CA ASP D 245 -45.39 -35.04 -3.78
C ASP D 245 -43.93 -35.21 -4.23
N GLU D 246 -43.56 -34.56 -5.34
CA GLU D 246 -42.17 -34.20 -5.69
C GLU D 246 -41.40 -33.59 -4.50
N GLY D 247 -40.26 -34.17 -4.09
CA GLY D 247 -39.42 -33.68 -2.99
C GLY D 247 -39.98 -34.01 -1.60
N GLY D 248 -41.05 -34.83 -1.55
CA GLY D 248 -41.74 -35.17 -0.32
C GLY D 248 -42.68 -34.04 0.12
N LEU D 249 -43.17 -33.27 -0.85
CA LEU D 249 -44.00 -32.10 -0.61
C LEU D 249 -45.29 -32.46 0.14
N SER D 250 -46.09 -33.41 -0.38
CA SER D 250 -47.45 -33.68 0.11
C SER D 250 -47.43 -34.24 1.53
N THR D 251 -46.48 -35.16 1.74
CA THR D 251 -46.28 -35.72 3.08
C THR D 251 -45.73 -34.66 4.04
N ALA D 252 -44.92 -33.68 3.61
CA ALA D 252 -44.45 -32.65 4.55
C ALA D 252 -45.61 -31.76 4.98
N LEU D 253 -46.54 -31.47 4.06
CA LEU D 253 -47.70 -30.62 4.36
C LEU D 253 -48.69 -31.40 5.22
N ARG D 254 -48.78 -32.72 5.01
CA ARG D 254 -49.52 -33.69 5.80
C ARG D 254 -50.99 -33.64 5.41
N HIS D 255 -51.59 -32.46 5.50
CA HIS D 255 -53.02 -32.30 5.27
C HIS D 255 -53.23 -31.50 3.97
N PRO D 256 -54.33 -31.78 3.23
CA PRO D 256 -54.66 -31.00 2.04
C PRO D 256 -54.39 -29.51 2.28
N THR D 257 -53.60 -28.85 1.43
CA THR D 257 -53.21 -27.45 1.62
C THR D 257 -53.49 -26.62 0.36
N PRO D 258 -54.40 -25.62 0.46
CA PRO D 258 -54.76 -24.78 -0.69
C PRO D 258 -53.82 -23.60 -0.95
N ILE D 259 -53.53 -23.39 -2.23
CA ILE D 259 -52.88 -22.20 -2.74
C ILE D 259 -53.95 -21.20 -3.11
N MET D 260 -53.94 -20.10 -2.34
CA MET D 260 -55.06 -19.17 -2.46
C MET D 260 -54.58 -17.75 -2.67
N GLY D 261 -53.27 -17.61 -2.98
CA GLY D 261 -52.77 -16.30 -3.31
C GLY D 261 -51.71 -16.42 -4.38
N SER D 262 -51.69 -15.46 -5.32
CA SER D 262 -50.68 -15.41 -6.36
C SER D 262 -50.56 -13.96 -6.82
N ILE D 263 -49.30 -13.46 -6.81
CA ILE D 263 -49.09 -12.06 -7.11
C ILE D 263 -47.68 -11.89 -7.67
N ALA D 264 -47.64 -11.13 -8.79
CA ALA D 264 -46.42 -10.57 -9.32
C ALA D 264 -45.54 -9.98 -8.18
N ASP D 265 -44.22 -10.32 -8.09
CA ASP D 265 -43.42 -10.03 -6.88
C ASP D 265 -43.50 -8.56 -6.47
N GLN D 266 -43.27 -7.62 -7.40
CA GLN D 266 -43.20 -6.21 -7.00
C GLN D 266 -44.55 -5.71 -6.50
N GLN D 267 -45.65 -6.20 -7.14
CA GLN D 267 -46.99 -5.90 -6.62
C GLN D 267 -47.18 -6.56 -5.23
N GLY D 268 -46.60 -7.76 -4.99
CA GLY D 268 -46.60 -8.33 -3.65
C GLY D 268 -45.99 -7.37 -2.63
N ALA D 269 -44.82 -6.78 -2.98
CA ALA D 269 -44.08 -5.86 -2.12
C ALA D 269 -44.92 -4.63 -1.87
N LEU D 270 -45.64 -4.16 -2.91
CA LEU D 270 -46.56 -3.04 -2.73
C LEU D 270 -47.64 -3.36 -1.70
N LEU D 271 -48.26 -4.55 -1.80
CA LEU D 271 -49.22 -5.04 -0.79
C LEU D 271 -48.60 -5.20 0.58
N GLY D 272 -47.42 -5.82 0.64
CA GLY D 272 -46.76 -6.15 1.89
C GLY D 272 -46.35 -4.88 2.62
N ASN D 273 -46.13 -3.80 1.86
CA ASN D 273 -45.88 -2.46 2.39
C ASN D 273 -47.18 -1.72 2.70
N MET D 274 -48.33 -2.39 2.59
CA MET D 274 -49.63 -1.84 2.94
C MET D 274 -50.05 -0.67 2.02
N CYS D 275 -49.65 -0.68 0.76
CA CYS D 275 -49.93 0.42 -0.15
C CYS D 275 -51.24 0.13 -0.94
N PHE D 276 -52.38 0.19 -0.23
CA PHE D 276 -53.70 -0.20 -0.76
C PHE D 276 -54.46 0.90 -1.50
N LYS D 277 -54.15 2.19 -1.22
CA LYS D 277 -54.94 3.33 -1.66
C LYS D 277 -54.15 4.20 -2.65
N GLU D 278 -54.92 5.03 -3.38
CA GLU D 278 -54.39 6.00 -4.31
C GLU D 278 -53.28 6.83 -3.69
N GLY D 279 -52.08 6.83 -4.32
CA GLY D 279 -51.01 7.72 -3.87
C GLY D 279 -49.93 6.99 -3.06
N GLU D 280 -50.25 5.79 -2.52
CA GLU D 280 -49.32 5.01 -1.72
C GLU D 280 -48.34 4.26 -2.62
N SER D 281 -47.05 4.37 -2.27
CA SER D 281 -45.95 4.09 -3.18
C SER D 281 -44.83 3.38 -2.41
N LYS D 282 -44.04 2.62 -3.15
CA LYS D 282 -42.90 1.89 -2.63
C LYS D 282 -41.82 1.89 -3.69
N ASN D 283 -40.56 1.94 -3.23
CA ASN D 283 -39.40 1.72 -4.07
C ASN D 283 -38.57 0.62 -3.42
N THR D 284 -38.30 -0.45 -4.18
CA THR D 284 -37.41 -1.50 -3.75
C THR D 284 -36.00 -1.23 -4.30
N TYR D 285 -35.02 -1.16 -3.41
CA TYR D 285 -33.65 -0.84 -3.78
C TYR D 285 -32.83 -2.12 -3.77
N GLY D 286 -32.41 -2.59 -4.95
CA GLY D 286 -31.56 -3.76 -5.05
C GLY D 286 -30.44 -3.46 -6.04
N THR D 287 -30.20 -4.41 -6.96
CA THR D 287 -29.38 -4.20 -8.16
C THR D 287 -29.86 -2.97 -8.96
N GLY D 288 -31.17 -2.98 -9.18
CA GLY D 288 -31.92 -1.84 -9.69
C GLY D 288 -32.96 -1.44 -8.66
N CYS D 289 -33.88 -0.57 -9.10
CA CYS D 289 -35.04 -0.14 -8.36
C CYS D 289 -36.31 -0.49 -9.14
N PHE D 290 -37.37 -0.76 -8.36
CA PHE D 290 -38.71 -0.85 -8.88
C PHE D 290 -39.61 0.04 -8.03
N LEU D 291 -40.13 1.11 -8.64
CA LEU D 291 -40.97 2.04 -7.92
C LEU D 291 -42.39 1.83 -8.46
N LEU D 292 -43.32 1.51 -7.56
CA LEU D 292 -44.73 1.38 -7.91
C LEU D 292 -45.57 2.33 -7.07
N MET D 293 -46.53 3.02 -7.67
CA MET D 293 -47.55 3.78 -6.95
C MET D 293 -48.97 3.24 -7.24
N THR D 294 -49.71 2.89 -6.19
CA THR D 294 -51.13 2.55 -6.32
C THR D 294 -51.92 3.80 -6.74
N VAL D 295 -52.84 3.63 -7.72
CA VAL D 295 -53.66 4.75 -8.17
C VAL D 295 -55.16 4.55 -7.95
N GLY D 296 -55.57 3.39 -7.41
CA GLY D 296 -56.98 3.06 -7.12
C GLY D 296 -57.66 2.41 -8.33
N GLU D 297 -58.96 2.58 -8.45
CA GLU D 297 -59.80 1.87 -9.43
C GLU D 297 -59.78 2.52 -10.83
N ARG D 298 -59.38 3.78 -10.93
CA ARG D 298 -59.28 4.54 -12.17
C ARG D 298 -57.85 4.40 -12.67
N ILE D 299 -57.68 3.70 -13.81
CA ILE D 299 -56.39 3.49 -14.45
C ILE D 299 -55.77 4.86 -14.71
N ARG D 300 -54.44 4.97 -14.55
CA ARG D 300 -53.70 6.10 -15.06
C ARG D 300 -52.74 5.67 -16.17
N PHE D 301 -52.85 6.40 -17.29
CA PHE D 301 -51.92 6.28 -18.37
C PHE D 301 -50.87 7.39 -18.28
N SER D 302 -49.61 7.00 -18.36
CA SER D 302 -48.51 7.90 -18.19
C SER D 302 -48.34 8.82 -19.40
N ASP D 303 -47.96 10.10 -19.17
CA ASP D 303 -47.53 10.97 -20.26
C ASP D 303 -46.01 11.10 -20.17
N HIS D 304 -45.31 10.24 -19.43
CA HIS D 304 -43.85 10.37 -19.29
C HIS D 304 -43.13 9.04 -19.41
N GLY D 305 -43.80 8.09 -20.07
CA GLY D 305 -43.10 6.88 -20.43
C GLY D 305 -43.09 5.82 -19.31
N LEU D 306 -43.88 6.03 -18.24
CA LEU D 306 -44.05 4.99 -17.23
C LEU D 306 -45.07 3.92 -17.62
N LEU D 307 -45.02 2.76 -16.98
CA LEU D 307 -45.94 1.67 -17.19
C LEU D 307 -47.24 1.91 -16.40
N SER D 308 -48.38 1.57 -17.05
CA SER D 308 -49.63 1.33 -16.36
C SER D 308 -49.73 -0.17 -16.06
N THR D 309 -50.00 -0.55 -14.81
CA THR D 309 -50.07 -1.95 -14.40
C THR D 309 -51.22 -2.19 -13.39
N VAL D 310 -51.57 -3.46 -13.15
CA VAL D 310 -52.50 -3.83 -12.11
C VAL D 310 -51.70 -3.99 -10.82
N ALA D 311 -52.17 -3.30 -9.76
CA ALA D 311 -51.66 -3.39 -8.39
C ALA D 311 -52.11 -4.72 -7.76
N TYR D 312 -53.40 -5.02 -7.88
CA TYR D 312 -54.00 -6.21 -7.25
C TYR D 312 -55.51 -6.24 -7.56
N GLN D 313 -56.03 -7.48 -7.49
CA GLN D 313 -57.44 -7.77 -7.33
C GLN D 313 -57.62 -8.83 -6.24
N LEU D 314 -58.29 -8.44 -5.16
CA LEU D 314 -58.55 -9.32 -4.02
C LEU D 314 -59.92 -10.03 -4.15
N GLY D 315 -60.00 -11.11 -4.91
CA GLY D 315 -61.25 -11.83 -5.11
C GLY D 315 -61.79 -11.53 -6.50
N ASN D 316 -62.33 -12.56 -7.18
CA ASN D 316 -62.87 -12.33 -8.51
C ASN D 316 -64.13 -11.44 -8.46
N LYS D 317 -64.78 -11.27 -7.30
CA LYS D 317 -65.84 -10.27 -7.22
C LYS D 317 -65.28 -8.85 -6.97
N SER D 318 -64.00 -8.65 -6.64
CA SER D 318 -63.55 -7.33 -6.23
C SER D 318 -63.12 -6.50 -7.42
N PRO D 319 -62.99 -5.17 -7.24
CA PRO D 319 -62.46 -4.31 -8.29
C PRO D 319 -60.96 -4.56 -8.57
N PHE D 320 -60.60 -4.29 -9.83
CA PHE D 320 -59.23 -4.19 -10.29
C PHE D 320 -58.62 -2.86 -9.83
N ILE D 321 -57.52 -2.96 -9.11
CA ILE D 321 -56.85 -1.75 -8.60
C ILE D 321 -55.57 -1.56 -9.41
N TYR D 322 -55.28 -0.32 -9.82
CA TYR D 322 -54.22 0.01 -10.77
C TYR D 322 -53.00 0.62 -10.08
N ALA D 323 -51.86 0.61 -10.80
CA ALA D 323 -50.61 1.20 -10.35
C ALA D 323 -49.92 1.89 -11.53
N LEU D 324 -49.04 2.84 -11.22
CA LEU D 324 -47.98 3.26 -12.13
C LEU D 324 -46.65 2.60 -11.71
N GLU D 325 -45.74 2.35 -12.64
CA GLU D 325 -44.47 1.74 -12.32
C GLU D 325 -43.36 2.34 -13.18
N GLY D 326 -42.21 2.62 -12.54
CA GLY D 326 -40.94 2.83 -13.22
C GLY D 326 -39.77 2.02 -12.61
N SER D 327 -38.69 1.97 -13.37
CA SER D 327 -37.52 1.16 -13.16
C SER D 327 -36.26 2.01 -13.24
N ILE D 328 -35.19 1.57 -12.55
CA ILE D 328 -33.87 2.16 -12.68
C ILE D 328 -32.89 0.98 -12.70
N ALA D 329 -31.97 0.91 -13.66
CA ALA D 329 -31.01 -0.22 -13.76
C ALA D 329 -29.77 0.01 -12.87
N GLY D 330 -29.27 1.26 -12.76
CA GLY D 330 -27.99 1.54 -12.06
C GLY D 330 -28.10 1.94 -10.58
N ALA D 331 -28.46 0.96 -9.73
CA ALA D 331 -28.50 1.09 -8.29
C ALA D 331 -27.35 0.29 -7.67
N GLY D 332 -27.65 -0.83 -7.00
CA GLY D 332 -26.59 -1.70 -6.50
C GLY D 332 -25.61 -2.19 -7.60
N ALA D 333 -26.12 -2.32 -8.83
CA ALA D 333 -25.24 -2.66 -9.95
C ALA D 333 -24.03 -1.70 -10.09
N THR D 334 -24.30 -0.40 -9.86
CA THR D 334 -23.31 0.65 -9.99
C THR D 334 -22.17 0.34 -9.00
N ILE D 335 -22.57 -0.09 -7.77
CA ILE D 335 -21.62 -0.26 -6.66
C ILE D 335 -20.74 -1.49 -6.92
N GLU D 336 -21.37 -2.59 -7.37
CA GLU D 336 -20.67 -3.80 -7.78
C GLU D 336 -19.66 -3.53 -8.92
N TRP D 337 -20.08 -2.74 -9.90
CA TRP D 337 -19.26 -2.36 -11.03
C TRP D 337 -18.06 -1.56 -10.52
N LEU D 338 -18.29 -0.65 -9.56
CA LEU D 338 -17.23 0.17 -9.02
C LEU D 338 -16.14 -0.65 -8.31
N LYS D 339 -16.60 -1.75 -7.68
CA LYS D 339 -15.73 -2.68 -7.01
C LYS D 339 -15.02 -3.63 -7.99
N ASN D 340 -15.77 -4.37 -8.79
CA ASN D 340 -15.24 -5.49 -9.58
C ASN D 340 -14.54 -5.02 -10.86
N ASN D 341 -15.09 -4.01 -11.55
CA ASN D 341 -14.52 -3.50 -12.79
C ASN D 341 -13.58 -2.33 -12.56
N MET D 342 -13.95 -1.36 -11.72
CA MET D 342 -13.16 -0.16 -11.58
C MET D 342 -12.10 -0.32 -10.51
N LYS D 343 -12.30 -1.21 -9.55
CA LYS D 343 -11.43 -1.31 -8.37
C LYS D 343 -11.20 0.03 -7.63
N LEU D 344 -12.20 0.87 -7.58
CA LEU D 344 -12.17 2.04 -6.72
C LEU D 344 -12.31 1.67 -5.27
N ILE D 345 -13.03 0.55 -5.02
CA ILE D 345 -13.28 0.01 -3.71
C ILE D 345 -13.06 -1.49 -3.74
N ASP D 346 -12.59 -2.03 -2.59
CA ASP D 346 -12.31 -3.44 -2.43
C ASP D 346 -13.57 -4.16 -1.96
N ASP D 347 -14.48 -3.49 -1.21
CA ASP D 347 -15.77 -4.04 -0.83
C ASP D 347 -16.94 -3.08 -1.14
N VAL D 348 -18.10 -3.65 -1.51
CA VAL D 348 -19.37 -2.97 -1.65
C VAL D 348 -19.63 -1.98 -0.48
N SER D 349 -19.31 -2.41 0.77
CA SER D 349 -19.61 -1.63 1.97
C SER D 349 -18.75 -0.37 2.05
N ASP D 350 -17.63 -0.34 1.33
CA ASP D 350 -16.79 0.83 1.34
C ASP D 350 -17.39 2.02 0.58
N CYS D 351 -18.40 1.80 -0.28
CA CYS D 351 -19.02 2.90 -0.98
C CYS D 351 -19.54 3.89 0.04
N GLU D 352 -20.37 3.36 0.93
CA GLU D 352 -21.00 4.18 1.96
C GLU D 352 -19.98 4.76 2.93
N LYS D 353 -19.06 3.92 3.44
CA LYS D 353 -18.06 4.35 4.38
C LYS D 353 -17.22 5.52 3.83
N PHE D 354 -16.82 5.44 2.55
CA PHE D 354 -15.93 6.46 1.96
C PHE D 354 -16.75 7.68 1.55
N ALA D 355 -18.00 7.49 1.02
CA ALA D 355 -18.90 8.58 0.65
C ALA D 355 -19.22 9.47 1.86
N GLN D 356 -19.37 8.82 3.02
CA GLN D 356 -19.67 9.42 4.31
C GLN D 356 -18.58 10.47 4.66
N THR D 357 -17.32 10.20 4.33
CA THR D 357 -16.27 11.07 4.79
C THR D 357 -16.29 12.43 4.08
N VAL D 358 -17.12 12.70 3.03
CA VAL D 358 -17.28 14.08 2.55
C VAL D 358 -18.75 14.52 2.61
N SER D 359 -18.99 15.83 2.78
CA SER D 359 -20.32 16.41 2.91
C SER D 359 -20.96 16.82 1.57
N ASP D 360 -20.19 16.93 0.47
CA ASP D 360 -20.68 17.22 -0.87
C ASP D 360 -19.75 16.59 -1.88
N THR D 361 -20.03 16.76 -3.18
CA THR D 361 -19.22 16.17 -4.22
C THR D 361 -18.36 17.22 -4.93
N GLN D 362 -18.35 18.45 -4.40
CA GLN D 362 -17.74 19.58 -5.07
C GLN D 362 -18.19 19.72 -6.54
N GLY D 363 -19.44 19.40 -6.86
CA GLY D 363 -19.97 19.61 -8.19
C GLY D 363 -19.74 18.41 -9.10
N VAL D 364 -19.15 17.33 -8.59
CA VAL D 364 -19.09 16.11 -9.37
C VAL D 364 -20.47 15.44 -9.43
N VAL D 365 -20.90 15.07 -10.61
CA VAL D 365 -22.06 14.24 -10.84
C VAL D 365 -21.66 12.97 -11.62
N PHE D 366 -22.21 11.83 -11.20
CA PHE D 366 -22.05 10.51 -11.79
C PHE D 366 -23.36 10.10 -12.48
N VAL D 367 -23.27 9.71 -13.74
CA VAL D 367 -24.39 9.25 -14.51
C VAL D 367 -24.27 7.77 -14.74
N PRO D 368 -25.08 6.93 -14.06
CA PRO D 368 -24.98 5.47 -14.21
C PRO D 368 -25.88 4.89 -15.32
N ALA D 369 -25.91 5.58 -16.49
CA ALA D 369 -26.65 5.16 -17.67
C ALA D 369 -25.78 4.26 -18.51
N PHE D 370 -25.30 3.18 -17.88
CA PHE D 370 -24.46 2.21 -18.51
C PHE D 370 -25.06 1.65 -19.79
N SER D 371 -26.35 1.41 -19.84
CA SER D 371 -27.02 1.05 -21.08
C SER D 371 -28.15 2.05 -21.42
N GLY D 372 -27.89 3.34 -21.28
CA GLY D 372 -28.94 4.30 -21.58
C GLY D 372 -29.81 4.59 -20.34
N PHE D 373 -30.65 5.59 -20.54
CA PHE D 373 -31.65 6.00 -19.56
C PHE D 373 -33.01 5.37 -19.91
N LEU D 374 -33.67 4.88 -18.86
CA LEU D 374 -35.04 4.42 -18.87
C LEU D 374 -36.01 5.57 -18.63
N ALA D 375 -37.30 5.26 -18.79
CA ALA D 375 -38.31 6.28 -18.53
C ALA D 375 -38.29 6.69 -17.03
N PRO D 376 -38.24 8.00 -16.70
CA PRO D 376 -38.85 9.05 -17.52
C PRO D 376 -37.85 10.01 -18.25
N SER D 377 -36.59 9.57 -18.41
CA SER D 377 -35.48 10.31 -19.02
C SER D 377 -35.04 9.55 -20.26
N TRP D 378 -35.99 8.84 -20.89
CA TRP D 378 -35.70 7.80 -21.86
C TRP D 378 -34.68 8.34 -22.87
N ASP D 379 -33.60 7.60 -23.06
CA ASP D 379 -32.52 7.97 -23.95
C ASP D 379 -31.52 6.79 -24.00
N PRO D 380 -31.69 5.89 -25.00
CA PRO D 380 -30.75 4.76 -25.21
C PRO D 380 -29.28 5.12 -25.46
N SER D 381 -29.02 6.40 -25.85
CA SER D 381 -27.74 6.88 -26.34
C SER D 381 -26.85 7.34 -25.19
N ALA D 382 -27.44 7.61 -24.02
CA ALA D 382 -26.67 7.99 -22.84
C ALA D 382 -25.78 6.83 -22.34
N ARG D 383 -24.60 7.18 -21.80
CA ARG D 383 -23.65 6.19 -21.31
C ARG D 383 -23.19 6.62 -19.93
N GLY D 384 -22.48 5.69 -19.26
CA GLY D 384 -21.83 5.89 -17.99
C GLY D 384 -20.88 7.07 -18.05
N SER D 385 -21.08 8.08 -17.21
CA SER D 385 -20.36 9.35 -17.37
C SER D 385 -20.03 9.91 -15.98
N ILE D 386 -18.95 10.69 -15.91
CA ILE D 386 -18.61 11.47 -14.76
C ILE D 386 -18.36 12.89 -15.22
N PHE D 387 -18.88 13.85 -14.45
CA PHE D 387 -18.64 15.25 -14.75
C PHE D 387 -18.15 15.98 -13.51
N GLY D 388 -17.56 17.12 -13.79
CA GLY D 388 -17.22 18.16 -12.84
C GLY D 388 -15.94 17.93 -12.06
N MET D 389 -15.06 17.00 -12.48
CA MET D 389 -13.87 16.71 -11.64
C MET D 389 -12.81 17.78 -11.72
N THR D 390 -12.15 18.04 -10.58
CA THR D 390 -10.88 18.80 -10.56
C THR D 390 -9.80 17.93 -9.92
N LEU D 391 -8.57 18.43 -9.80
CA LEU D 391 -7.51 17.66 -9.15
C LEU D 391 -7.78 17.54 -7.63
N LYS D 392 -8.75 18.29 -7.08
CA LYS D 392 -9.13 18.10 -5.69
C LYS D 392 -10.12 16.94 -5.54
N THR D 393 -10.63 16.40 -6.62
CA THR D 393 -11.64 15.37 -6.52
C THR D 393 -11.00 14.08 -6.02
N THR D 394 -11.70 13.36 -5.10
CA THR D 394 -11.18 12.15 -4.49
C THR D 394 -12.15 11.03 -4.78
N ARG D 395 -11.74 9.82 -4.46
CA ARG D 395 -12.72 8.79 -4.71
C ARG D 395 -13.95 8.94 -3.81
N ALA D 396 -13.81 9.56 -2.64
CA ALA D 396 -14.92 9.76 -1.74
C ALA D 396 -15.99 10.58 -2.41
N HIS D 397 -15.59 11.67 -3.09
CA HIS D 397 -16.50 12.54 -3.83
C HIS D 397 -17.19 11.79 -4.96
N VAL D 398 -16.44 10.92 -5.67
CA VAL D 398 -17.05 10.14 -6.74
C VAL D 398 -18.04 9.09 -6.23
N LEU D 399 -17.71 8.41 -5.14
CA LEU D 399 -18.59 7.40 -4.55
C LEU D 399 -19.86 8.07 -4.01
N ARG D 400 -19.71 9.25 -3.39
CA ARG D 400 -20.87 10.00 -2.95
C ARG D 400 -21.77 10.33 -4.15
N ALA D 401 -21.12 10.73 -5.26
CA ALA D 401 -21.84 11.11 -6.47
C ALA D 401 -22.60 9.91 -7.06
N ALA D 402 -22.02 8.70 -6.97
CA ALA D 402 -22.68 7.49 -7.48
C ALA D 402 -23.98 7.17 -6.72
N LEU D 403 -23.94 7.33 -5.38
CA LEU D 403 -25.10 7.13 -4.50
C LEU D 403 -26.17 8.20 -4.74
N LEU D 404 -25.75 9.47 -4.79
CA LEU D 404 -26.65 10.56 -5.12
C LEU D 404 -27.44 10.27 -6.41
N ALA D 405 -26.77 9.72 -7.43
CA ALA D 405 -27.40 9.39 -8.72
C ALA D 405 -28.55 8.40 -8.56
N ILE D 406 -28.41 7.41 -7.66
CA ILE D 406 -29.50 6.51 -7.35
C ILE D 406 -30.73 7.29 -6.83
N ALA D 407 -30.49 8.18 -5.88
CA ALA D 407 -31.57 8.98 -5.34
C ALA D 407 -32.22 9.94 -6.37
N LEU D 408 -31.37 10.47 -7.27
CA LEU D 408 -31.84 11.46 -8.23
C LEU D 408 -32.72 10.74 -9.25
N GLN D 409 -32.35 9.54 -9.60
CA GLN D 409 -33.16 8.80 -10.58
C GLN D 409 -34.55 8.47 -9.98
N VAL D 410 -34.58 8.19 -8.65
CA VAL D 410 -35.81 7.97 -7.91
C VAL D 410 -36.63 9.26 -7.88
N VAL D 411 -36.01 10.41 -7.65
CA VAL D 411 -36.70 11.67 -7.75
C VAL D 411 -37.36 11.81 -9.14
N ASP D 412 -36.64 11.51 -10.24
CA ASP D 412 -37.23 11.72 -11.54
C ASP D 412 -38.44 10.83 -11.72
N VAL D 413 -38.36 9.54 -11.30
CA VAL D 413 -39.47 8.60 -11.49
C VAL D 413 -40.71 9.07 -10.70
N LEU D 414 -40.47 9.44 -9.46
CA LEU D 414 -41.54 9.83 -8.55
C LEU D 414 -42.23 11.13 -9.00
N GLU D 415 -41.46 12.14 -9.47
CA GLU D 415 -42.05 13.42 -9.90
C GLU D 415 -42.93 13.17 -11.13
N ALA D 416 -42.49 12.29 -12.02
CA ALA D 416 -43.27 11.92 -13.19
C ALA D 416 -44.57 11.23 -12.78
N MET D 417 -44.48 10.28 -11.83
CA MET D 417 -45.67 9.58 -11.35
C MET D 417 -46.72 10.51 -10.76
N GLU D 418 -46.29 11.44 -9.95
CA GLU D 418 -47.13 12.49 -9.39
C GLU D 418 -47.85 13.28 -10.47
N LYS D 419 -47.16 13.64 -11.55
CA LYS D 419 -47.87 14.36 -12.62
C LYS D 419 -48.87 13.44 -13.29
N ASP D 420 -48.46 12.21 -13.57
CA ASP D 420 -49.34 11.24 -14.23
C ASP D 420 -50.57 10.88 -13.38
N ALA D 421 -50.43 10.68 -12.07
CA ALA D 421 -51.54 10.26 -11.21
C ALA D 421 -52.30 11.49 -10.68
N GLU D 422 -51.69 12.68 -10.78
CA GLU D 422 -52.20 13.88 -10.15
C GLU D 422 -52.28 13.71 -8.64
N VAL D 423 -51.19 13.32 -7.95
CA VAL D 423 -51.19 13.14 -6.49
C VAL D 423 -49.85 13.65 -5.95
N LYS D 424 -49.81 14.27 -4.76
CA LYS D 424 -48.58 14.53 -4.04
C LYS D 424 -48.28 13.38 -3.07
N VAL D 425 -47.15 12.65 -3.25
CA VAL D 425 -46.71 11.63 -2.33
C VAL D 425 -46.19 12.30 -1.06
N GLN D 426 -46.75 11.85 0.09
CA GLN D 426 -46.49 12.48 1.39
C GLN D 426 -45.36 11.74 2.11
N PHE D 427 -45.05 10.51 1.70
CA PHE D 427 -44.01 9.66 2.30
C PHE D 427 -43.76 8.52 1.30
N LEU D 428 -42.63 7.79 1.42
CA LEU D 428 -42.33 6.70 0.51
C LEU D 428 -41.96 5.51 1.38
N ARG D 429 -42.53 4.35 1.12
CA ARG D 429 -42.06 3.13 1.71
C ARG D 429 -40.90 2.66 0.86
N VAL D 430 -39.90 2.08 1.52
CA VAL D 430 -38.66 1.72 0.86
C VAL D 430 -38.28 0.35 1.42
N ASP D 431 -37.89 -0.59 0.53
CA ASP D 431 -37.45 -1.91 0.97
C ASP D 431 -36.32 -2.35 0.05
N GLY D 432 -35.90 -3.62 0.18
CA GLY D 432 -34.74 -4.13 -0.53
C GLY D 432 -33.45 -3.95 0.29
N GLY D 433 -32.41 -4.72 -0.06
CA GLY D 433 -31.22 -4.82 0.76
C GLY D 433 -30.37 -3.56 0.75
N LEU D 434 -30.56 -2.70 -0.25
CA LEU D 434 -29.82 -1.46 -0.33
C LEU D 434 -30.45 -0.38 0.59
N THR D 435 -31.59 -0.68 1.23
CA THR D 435 -32.11 0.26 2.24
C THR D 435 -31.27 0.19 3.50
N LYS D 436 -30.36 -0.80 3.56
CA LYS D 436 -29.42 -0.84 4.68
C LYS D 436 -28.39 0.29 4.60
N ASN D 437 -28.18 0.90 3.42
CA ASN D 437 -27.35 2.03 3.22
C ASN D 437 -28.07 3.24 3.79
N HIS D 438 -27.64 3.62 4.99
CA HIS D 438 -28.29 4.65 5.76
C HIS D 438 -28.04 5.99 5.07
N LEU D 439 -26.83 6.20 4.54
CA LEU D 439 -26.50 7.44 3.82
C LEU D 439 -27.37 7.60 2.56
N LEU D 440 -27.54 6.55 1.80
CA LEU D 440 -28.42 6.63 0.64
C LEU D 440 -29.87 7.01 0.99
N MET D 441 -30.39 6.40 2.07
CA MET D 441 -31.76 6.66 2.50
C MET D 441 -31.87 8.11 2.93
N LYS D 442 -30.86 8.67 3.62
CA LYS D 442 -30.94 10.07 4.03
C LYS D 442 -30.87 11.00 2.82
N MET D 443 -29.99 10.67 1.88
CA MET D 443 -29.91 11.44 0.67
C MET D 443 -31.26 11.44 -0.01
N GLN D 444 -31.90 10.24 -0.08
CA GLN D 444 -33.15 10.07 -0.80
C GLN D 444 -34.23 10.96 -0.21
N SER D 445 -34.33 10.89 1.12
CA SER D 445 -35.24 11.74 1.90
C SER D 445 -34.94 13.25 1.73
N ASP D 446 -33.70 13.70 1.91
CA ASP D 446 -33.34 15.10 1.71
C ASP D 446 -33.79 15.58 0.32
N LEU D 447 -33.53 14.80 -0.74
CA LEU D 447 -33.89 15.20 -2.11
C LEU D 447 -35.41 15.23 -2.37
N LEU D 448 -36.11 14.25 -1.81
CA LEU D 448 -37.56 14.22 -1.97
C LEU D 448 -38.25 15.23 -1.05
N GLY D 449 -37.60 15.60 0.05
CA GLY D 449 -38.29 16.39 1.05
C GLY D 449 -39.45 15.70 1.80
N ILE D 450 -39.48 14.38 1.88
CA ILE D 450 -40.54 13.63 2.53
C ILE D 450 -39.85 12.51 3.32
N ASN D 451 -40.56 11.90 4.26
CA ASN D 451 -40.06 10.84 5.10
C ASN D 451 -40.08 9.57 4.30
N LEU D 452 -39.12 8.70 4.62
CA LEU D 452 -39.18 7.33 4.11
C LEU D 452 -39.54 6.43 5.28
N HIS D 453 -40.21 5.32 4.99
CA HIS D 453 -40.64 4.33 5.94
C HIS D 453 -39.97 3.01 5.57
N ARG D 454 -39.07 2.48 6.41
CA ARG D 454 -38.37 1.24 6.16
C ARG D 454 -38.89 0.15 7.10
N PRO D 455 -39.47 -0.94 6.58
CA PRO D 455 -40.02 -2.00 7.47
C PRO D 455 -38.92 -2.83 8.10
N THR D 456 -39.12 -3.19 9.37
CA THR D 456 -38.10 -3.96 10.09
C THR D 456 -38.17 -5.42 9.61
N MET D 457 -39.41 -5.94 9.41
CA MET D 457 -39.66 -7.23 8.74
C MET D 457 -39.60 -6.95 7.22
N ALA D 458 -38.46 -7.38 6.66
CA ALA D 458 -37.90 -7.00 5.37
C ALA D 458 -38.59 -7.69 4.20
N GLU D 459 -39.32 -8.79 4.48
CA GLU D 459 -39.81 -9.71 3.46
C GLU D 459 -41.20 -9.31 2.99
N THR D 460 -41.31 -8.14 2.40
CA THR D 460 -42.58 -7.53 2.09
C THR D 460 -43.24 -8.21 0.90
N THR D 461 -42.44 -8.70 -0.03
CA THR D 461 -42.98 -9.49 -1.14
C THR D 461 -43.71 -10.76 -0.64
N ALA D 462 -43.02 -11.56 0.23
CA ALA D 462 -43.58 -12.76 0.84
C ALA D 462 -44.87 -12.37 1.59
N LEU D 463 -44.79 -11.31 2.43
CA LEU D 463 -45.97 -10.88 3.17
C LEU D 463 -47.14 -10.55 2.23
N GLY D 464 -46.91 -9.87 1.14
CA GLY D 464 -47.90 -9.67 0.10
C GLY D 464 -48.65 -10.94 -0.34
N ALA D 465 -47.88 -11.95 -0.71
CA ALA D 465 -48.42 -13.25 -1.10
C ALA D 465 -49.24 -13.86 0.02
N ALA D 466 -48.75 -13.74 1.25
CA ALA D 466 -49.38 -14.31 2.42
C ALA D 466 -50.74 -13.62 2.68
N LEU D 467 -50.75 -12.26 2.59
CA LEU D 467 -52.01 -11.53 2.67
C LEU D 467 -53.06 -12.02 1.64
N CYS D 468 -52.65 -12.25 0.41
CA CYS D 468 -53.56 -12.63 -0.64
C CYS D 468 -54.22 -13.98 -0.27
N ALA D 469 -53.36 -14.96 0.08
CA ALA D 469 -53.81 -16.29 0.44
C ALA D 469 -54.68 -16.27 1.71
N GLY D 470 -54.22 -15.49 2.70
CA GLY D 470 -54.85 -15.48 4.01
C GLY D 470 -56.24 -14.81 3.95
N LEU D 471 -56.35 -13.74 3.17
CA LEU D 471 -57.63 -13.11 2.93
C LEU D 471 -58.59 -14.07 2.23
N ALA D 472 -58.14 -14.83 1.22
CA ALA D 472 -59.07 -15.69 0.52
C ALA D 472 -59.50 -16.86 1.39
N ALA D 473 -58.61 -17.37 2.25
CA ALA D 473 -58.86 -18.50 3.13
C ALA D 473 -59.62 -18.08 4.40
N GLY D 474 -59.80 -16.78 4.66
CA GLY D 474 -60.50 -16.33 5.83
C GLY D 474 -59.63 -16.36 7.09
N VAL D 475 -58.32 -16.55 6.98
CA VAL D 475 -57.42 -16.28 8.10
C VAL D 475 -57.53 -14.81 8.57
N TRP D 476 -57.62 -13.86 7.65
CA TRP D 476 -57.90 -12.47 7.99
C TRP D 476 -59.14 -12.08 7.23
N LYS D 477 -59.89 -11.17 7.85
CA LYS D 477 -61.28 -10.96 7.50
C LYS D 477 -61.42 -9.72 6.59
N SER D 478 -60.39 -8.89 6.37
CA SER D 478 -60.54 -7.67 5.59
C SER D 478 -59.19 -6.97 5.58
N LEU D 479 -59.03 -6.06 4.62
CA LEU D 479 -57.88 -5.18 4.56
C LEU D 479 -57.70 -4.44 5.89
N GLU D 480 -58.75 -3.97 6.49
CA GLU D 480 -58.65 -3.12 7.68
C GLU D 480 -58.08 -3.92 8.84
N GLU D 481 -58.52 -5.19 8.97
CA GLU D 481 -57.96 -6.12 9.93
C GLU D 481 -56.45 -6.37 9.68
N VAL D 482 -56.11 -6.67 8.43
CA VAL D 482 -54.76 -6.88 7.96
C VAL D 482 -53.90 -5.68 8.37
N LYS D 483 -54.45 -4.47 8.23
CA LYS D 483 -53.66 -3.28 8.52
C LYS D 483 -53.54 -3.01 10.04
N THR D 484 -54.54 -3.42 10.83
CA THR D 484 -54.38 -3.30 12.28
C THR D 484 -53.30 -4.26 12.79
N ILE D 485 -53.32 -5.49 12.29
CA ILE D 485 -52.36 -6.49 12.76
C ILE D 485 -50.94 -6.04 12.42
N SER D 486 -50.81 -5.44 11.22
CA SER D 486 -49.54 -4.95 10.70
C SER D 486 -49.00 -3.78 11.51
N GLN D 487 -49.88 -2.96 12.06
CA GLN D 487 -49.49 -1.89 12.95
C GLN D 487 -48.70 -2.44 14.14
N GLN D 488 -48.94 -3.67 14.61
CA GLN D 488 -48.07 -4.12 15.70
C GLN D 488 -46.95 -5.05 15.24
N ALA D 489 -47.18 -5.92 14.25
CA ALA D 489 -46.16 -6.88 13.80
C ALA D 489 -44.89 -6.21 13.19
N ASN D 490 -45.09 -5.17 12.37
CA ASN D 490 -44.05 -4.66 11.46
C ASN D 490 -43.84 -3.20 11.78
N VAL D 491 -42.96 -2.92 12.72
CA VAL D 491 -42.58 -1.55 12.97
C VAL D 491 -41.80 -0.98 11.77
N TRP D 492 -42.11 0.30 11.42
CA TRP D 492 -41.46 1.07 10.37
C TRP D 492 -40.39 1.94 11.05
N ARG D 493 -39.19 1.99 10.47
CA ARG D 493 -38.27 3.07 10.81
C ARG D 493 -38.52 4.25 9.85
N VAL D 494 -38.61 5.46 10.43
CA VAL D 494 -38.82 6.69 9.68
C VAL D 494 -37.51 7.43 9.43
N ILE D 495 -37.17 7.69 8.16
CA ILE D 495 -36.04 8.53 7.80
C ILE D 495 -36.57 9.91 7.41
N ARG D 496 -36.17 10.96 8.13
CA ARG D 496 -36.71 12.29 7.95
C ARG D 496 -35.74 13.17 7.20
N PRO D 497 -36.19 14.06 6.29
CA PRO D 497 -35.30 14.95 5.56
C PRO D 497 -34.52 15.89 6.50
N ALA D 498 -33.21 16.09 6.24
CA ALA D 498 -32.32 16.89 7.07
C ALA D 498 -32.32 18.36 6.66
N ALA D 499 -31.77 18.76 5.49
CA ALA D 499 -32.13 20.09 4.93
C ALA D 499 -33.43 19.85 4.12
N SER D 500 -34.44 20.75 4.24
CA SER D 500 -35.86 20.34 4.26
C SER D 500 -36.46 20.11 2.87
N LYS D 501 -36.59 21.21 2.09
CA LYS D 501 -36.63 21.19 0.63
C LYS D 501 -35.44 22.06 0.15
N ASP D 502 -35.58 22.94 -0.88
CA ASP D 502 -34.61 23.12 -1.98
C ASP D 502 -33.24 23.79 -1.75
N SER D 503 -32.42 23.41 -0.73
CA SER D 503 -31.02 23.82 -0.74
C SER D 503 -30.29 22.99 -1.80
N GLN D 504 -31.03 22.04 -2.42
CA GLN D 504 -30.52 21.16 -3.45
C GLN D 504 -31.03 21.51 -4.86
N GLN D 505 -31.48 22.76 -5.10
CA GLN D 505 -31.65 23.35 -6.43
C GLN D 505 -30.41 23.21 -7.37
N MET D 506 -29.20 23.52 -6.86
CA MET D 506 -27.94 23.43 -7.58
C MET D 506 -27.71 22.00 -8.11
N LEU D 507 -27.86 20.99 -7.24
CA LEU D 507 -27.65 19.64 -7.67
C LEU D 507 -28.67 19.18 -8.74
N ARG D 508 -29.93 19.61 -8.64
CA ARG D 508 -30.95 19.25 -9.62
C ARG D 508 -30.66 19.84 -11.01
N ALA D 509 -30.16 21.09 -11.07
CA ALA D 509 -29.75 21.72 -12.32
C ALA D 509 -28.56 20.96 -12.93
N GLN D 510 -27.60 20.58 -12.08
CA GLN D 510 -26.40 19.88 -12.52
C GLN D 510 -26.80 18.49 -13.02
N TRP D 511 -27.74 17.83 -12.33
CA TRP D 511 -28.18 16.51 -12.71
C TRP D 511 -28.85 16.56 -14.09
N LYS D 512 -29.66 17.60 -14.32
CA LYS D 512 -30.26 17.77 -15.63
C LYS D 512 -29.25 17.93 -16.78
N ARG D 513 -28.30 18.87 -16.59
CA ARG D 513 -27.20 19.12 -17.52
C ARG D 513 -26.41 17.83 -17.74
N ALA D 514 -26.12 17.06 -16.67
CA ALA D 514 -25.39 15.79 -16.77
C ALA D 514 -26.09 14.75 -17.67
N LYS D 515 -27.40 14.57 -17.50
CA LYS D 515 -28.13 13.61 -18.33
C LYS D 515 -28.03 13.98 -19.82
N GLN D 516 -28.13 15.25 -20.13
CA GLN D 516 -27.95 15.80 -21.46
C GLN D 516 -26.59 15.51 -22.05
N GLN D 517 -25.52 15.67 -21.27
CA GLN D 517 -24.16 15.59 -21.80
C GLN D 517 -23.58 14.18 -21.66
N ALA D 518 -24.36 13.24 -21.12
CA ALA D 518 -24.03 11.84 -21.13
C ALA D 518 -24.36 11.18 -22.49
N LYS D 519 -25.14 11.85 -23.38
CA LYS D 519 -25.40 11.33 -24.72
C LYS D 519 -24.06 11.04 -25.42
N TRP D 520 -24.00 9.82 -26.02
CA TRP D 520 -22.76 9.21 -26.50
C TRP D 520 -22.96 8.18 -27.62
N ALA D 521 -23.66 7.04 -27.41
CA ALA D 521 -23.87 5.95 -28.39
C ALA D 521 -24.52 6.32 -29.75
N LYS D 522 -25.21 7.47 -29.81
CA LYS D 522 -25.56 8.10 -31.10
C LYS D 522 -25.82 9.61 -30.85
#